data_6A3W
#
_entry.id   6A3W
#
_cell.length_a   50.727
_cell.length_b   184.604
_cell.length_c   90.205
_cell.angle_alpha   90.00
_cell.angle_beta   104.04
_cell.angle_gamma   90.00
#
_symmetry.space_group_name_H-M   'P 1 21 1'
#
loop_
_entity.id
_entity.type
_entity.pdbx_description
1 polymer 'utomilumab VH'
2 polymer 'utomilumab VL'
3 polymer 'Tumor necrosis factor receptor superfamily member 9'
4 non-polymer 2-acetamido-2-deoxy-beta-D-glucopyranose
5 water water
#
loop_
_entity_poly.entity_id
_entity_poly.type
_entity_poly.pdbx_seq_one_letter_code
_entity_poly.pdbx_strand_id
1 'polypeptide(L)'
;EVQLVQSGAEVKKPGESLRISCKGSGYSFSTYWISWVRQMPGKGLEWMGKIYPGDSYTNYSPSFQGQVTISADKSISTAY
LQWSSLKASDTAMYYCARGYGIFDYWGQGTLVTVSS
;
A,D,G,J
2 'polypeptide(L)'
;MSYELTQPPSVSVSPGQTASITCSGDNIGDQYAHWYQQKPGQSPVLVIYQDKNRPSGIPERFSGSNSGNTATLTISGTQA
MDEADYYCATYTGFGSLAVFGGGTKLTVL
;
B,E,H,K
3 'polypeptide(L)'
;LQDPCSNCPAGTFCDNNRNQICSPCPPNSFSSAGGQRTCDICRQCKGVFRTRKECSSTSNAECDCTPGFHCLGAGCSMCE
QDCKQGQELTKKGCKDCCFGTFNDQKRGICRPWTNCSLDGKSVLVNGTKERDVVCGPSPADLSPGASSVTPPAPAREHHH
HHH
;
C,F,I,L
#
# COMPACT_ATOMS: atom_id res chain seq x y z
N GLU A 1 -28.87 -26.86 -3.71
CA GLU A 1 -28.36 -27.05 -5.06
C GLU A 1 -28.45 -25.76 -5.85
N VAL A 2 -27.57 -25.61 -6.82
CA VAL A 2 -27.55 -24.46 -7.72
C VAL A 2 -28.50 -24.75 -8.89
N GLN A 3 -29.30 -23.75 -9.26
CA GLN A 3 -30.26 -23.91 -10.34
C GLN A 3 -30.27 -22.68 -11.23
N LEU A 4 -30.38 -22.91 -12.54
CA LEU A 4 -30.69 -21.88 -13.53
C LEU A 4 -32.04 -22.23 -14.14
N VAL A 5 -33.05 -21.41 -13.87
CA VAL A 5 -34.41 -21.65 -14.32
C VAL A 5 -34.78 -20.56 -15.33
N GLN A 6 -35.11 -20.98 -16.54
CA GLN A 6 -35.44 -20.05 -17.62
C GLN A 6 -36.95 -19.93 -17.77
N SER A 7 -37.36 -18.85 -18.43
CA SER A 7 -38.78 -18.60 -18.66
C SER A 7 -39.33 -19.54 -19.72
N GLY A 8 -40.66 -19.61 -19.78
CA GLY A 8 -41.34 -20.58 -20.61
C GLY A 8 -41.26 -20.25 -22.10
N ALA A 9 -41.80 -21.19 -22.89
CA ALA A 9 -41.75 -21.07 -24.35
C ALA A 9 -42.49 -19.84 -24.83
N GLU A 10 -41.99 -19.25 -25.91
CA GLU A 10 -42.57 -18.05 -26.49
C GLU A 10 -42.99 -18.30 -27.93
N VAL A 11 -44.12 -17.71 -28.31
CA VAL A 11 -44.64 -17.79 -29.68
C VAL A 11 -44.88 -16.35 -30.13
N LYS A 12 -44.11 -15.89 -31.11
CA LYS A 12 -44.16 -14.50 -31.54
C LYS A 12 -44.20 -14.42 -33.06
N LYS A 13 -44.56 -13.22 -33.56
CA LYS A 13 -44.59 -12.80 -34.95
C LYS A 13 -43.34 -11.99 -35.29
N PRO A 14 -42.90 -12.00 -36.55
CA PRO A 14 -41.78 -11.14 -36.93
C PRO A 14 -42.09 -9.68 -36.65
N GLY A 15 -41.07 -8.94 -36.24
CA GLY A 15 -41.25 -7.55 -35.88
C GLY A 15 -41.63 -7.30 -34.44
N GLU A 16 -41.97 -8.33 -33.69
CA GLU A 16 -42.24 -8.17 -32.27
C GLU A 16 -40.92 -8.18 -31.48
N SER A 17 -40.90 -7.43 -30.39
CA SER A 17 -39.79 -7.48 -29.45
C SER A 17 -40.05 -8.59 -28.43
N LEU A 18 -38.97 -9.02 -27.77
CA LEU A 18 -39.08 -10.11 -26.83
C LEU A 18 -37.91 -10.05 -25.85
N ARG A 19 -38.19 -10.35 -24.58
CA ARG A 19 -37.17 -10.53 -23.57
C ARG A 19 -37.45 -11.82 -22.81
N ILE A 20 -36.45 -12.69 -22.73
CA ILE A 20 -36.55 -13.93 -21.99
C ILE A 20 -35.56 -13.87 -20.84
N SER A 21 -35.77 -14.72 -19.83
CA SER A 21 -35.09 -14.54 -18.55
C SER A 21 -34.50 -15.87 -18.07
N CYS A 22 -33.58 -15.73 -17.12
CA CYS A 22 -32.88 -16.87 -16.54
C CYS A 22 -32.57 -16.51 -15.08
N LYS A 23 -33.22 -17.19 -14.14
CA LYS A 23 -33.08 -16.90 -12.72
C LYS A 23 -32.14 -17.92 -12.09
N GLY A 24 -31.06 -17.42 -11.48
CA GLY A 24 -30.14 -18.28 -10.76
C GLY A 24 -30.49 -18.32 -9.29
N SER A 25 -30.30 -19.48 -8.68
CA SER A 25 -30.56 -19.65 -7.25
C SER A 25 -29.53 -20.62 -6.68
N GLY A 26 -29.29 -20.48 -5.38
CA GLY A 26 -28.39 -21.37 -4.67
C GLY A 26 -26.94 -20.96 -4.67
N TYR A 27 -26.60 -19.79 -5.20
CA TYR A 27 -25.21 -19.34 -5.23
C TYR A 27 -25.18 -17.82 -5.33
N SER A 28 -23.98 -17.26 -5.28
CA SER A 28 -23.76 -15.82 -5.34
C SER A 28 -23.89 -15.38 -6.79
N PHE A 29 -25.09 -14.90 -7.16
CA PHE A 29 -25.39 -14.62 -8.57
C PHE A 29 -24.52 -13.51 -9.14
N SER A 30 -24.14 -12.54 -8.33
CA SER A 30 -23.40 -11.39 -8.82
C SER A 30 -21.96 -11.69 -9.18
N THR A 31 -21.43 -12.86 -8.81
CA THR A 31 -20.00 -13.13 -8.95
C THR A 31 -19.67 -14.22 -9.96
N TYR A 32 -20.66 -14.70 -10.72
CA TYR A 32 -20.43 -15.65 -11.80
C TYR A 32 -20.98 -15.09 -13.10
N TRP A 33 -20.25 -15.26 -14.19
CA TRP A 33 -20.73 -14.82 -15.49
C TRP A 33 -21.94 -15.67 -15.91
N ILE A 34 -22.81 -15.05 -16.70
CA ILE A 34 -23.94 -15.74 -17.32
C ILE A 34 -23.78 -15.62 -18.83
N SER A 35 -23.66 -16.76 -19.51
CA SER A 35 -23.57 -16.79 -20.96
C SER A 35 -24.92 -17.19 -21.56
N TRP A 36 -25.21 -16.64 -22.73
CA TRP A 36 -26.38 -17.02 -23.50
C TRP A 36 -25.94 -17.77 -24.75
N VAL A 37 -26.65 -18.86 -25.07
CA VAL A 37 -26.27 -19.77 -26.15
C VAL A 37 -27.50 -20.05 -27.00
N ARG A 38 -27.35 -19.90 -28.31
CA ARG A 38 -28.43 -20.20 -29.25
C ARG A 38 -28.22 -21.57 -29.88
N GLN A 39 -29.33 -22.29 -30.10
CA GLN A 39 -29.30 -23.55 -30.83
C GLN A 39 -30.51 -23.58 -31.76
N MET A 40 -30.28 -23.23 -33.03
CA MET A 40 -31.35 -23.34 -34.01
C MET A 40 -31.72 -24.81 -34.21
N PRO A 41 -32.96 -25.08 -34.63
CA PRO A 41 -33.44 -26.49 -34.65
C PRO A 41 -32.57 -27.38 -35.52
N GLY A 42 -32.05 -28.44 -34.91
CA GLY A 42 -31.18 -29.37 -35.60
C GLY A 42 -29.78 -28.89 -35.84
N LYS A 43 -29.40 -27.73 -35.30
CA LYS A 43 -28.09 -27.15 -35.52
C LYS A 43 -27.26 -27.21 -34.23
N GLY A 44 -26.07 -26.61 -34.27
CA GLY A 44 -25.17 -26.66 -33.13
C GLY A 44 -25.35 -25.50 -32.17
N LEU A 45 -24.62 -25.58 -31.07
CA LEU A 45 -24.63 -24.50 -30.09
C LEU A 45 -23.83 -23.31 -30.60
N GLU A 46 -24.31 -22.11 -30.28
CA GLU A 46 -23.65 -20.87 -30.68
C GLU A 46 -23.60 -19.93 -29.48
N TRP A 47 -22.39 -19.57 -29.07
CA TRP A 47 -22.23 -18.61 -27.98
C TRP A 47 -22.60 -17.21 -28.47
N MET A 48 -23.56 -16.59 -27.79
CA MET A 48 -24.02 -15.25 -28.17
C MET A 48 -23.28 -14.14 -27.43
N GLY A 49 -23.03 -14.34 -26.14
CA GLY A 49 -22.40 -13.33 -25.32
C GLY A 49 -22.55 -13.68 -23.87
N LYS A 50 -22.06 -12.79 -23.01
CA LYS A 50 -22.09 -13.06 -21.59
C LYS A 50 -22.19 -11.75 -20.82
N ILE A 51 -22.63 -11.85 -19.57
CA ILE A 51 -22.78 -10.69 -18.69
C ILE A 51 -22.21 -11.05 -17.32
N TYR A 52 -21.45 -10.12 -16.74
CA TYR A 52 -21.08 -10.22 -15.34
C TYR A 52 -22.12 -9.46 -14.53
N PRO A 53 -23.03 -10.13 -13.82
CA PRO A 53 -24.17 -9.41 -13.23
C PRO A 53 -23.80 -8.48 -12.08
N GLY A 54 -22.63 -8.65 -11.47
CA GLY A 54 -22.24 -7.77 -10.37
C GLY A 54 -22.24 -6.31 -10.78
N ASP A 55 -21.68 -6.01 -11.95
CA ASP A 55 -21.70 -4.65 -12.49
C ASP A 55 -22.32 -4.57 -13.88
N SER A 56 -22.96 -5.66 -14.34
CA SER A 56 -23.67 -5.70 -15.62
C SER A 56 -22.74 -5.43 -16.80
N TYR A 57 -21.45 -5.77 -16.69
CA TYR A 57 -20.58 -5.69 -17.85
C TYR A 57 -20.93 -6.82 -18.81
N THR A 58 -21.12 -6.48 -20.08
CA THR A 58 -21.55 -7.42 -21.10
C THR A 58 -20.61 -7.35 -22.31
N ASN A 59 -20.45 -8.47 -22.98
CA ASN A 59 -19.78 -8.50 -24.27
C ASN A 59 -20.41 -9.61 -25.11
N TYR A 60 -20.25 -9.49 -26.42
CA TYR A 60 -20.96 -10.32 -27.38
C TYR A 60 -19.98 -10.92 -28.38
N SER A 61 -20.36 -12.06 -28.95
CA SER A 61 -19.62 -12.57 -30.08
C SER A 61 -19.93 -11.71 -31.31
N PRO A 62 -18.98 -11.60 -32.25
CA PRO A 62 -19.17 -10.66 -33.37
C PRO A 62 -20.44 -10.88 -34.17
N SER A 63 -20.90 -12.12 -34.32
CA SER A 63 -22.09 -12.37 -35.14
C SER A 63 -23.39 -11.99 -34.43
N PHE A 64 -23.35 -11.79 -33.11
CA PHE A 64 -24.53 -11.37 -32.37
C PHE A 64 -24.43 -9.94 -31.86
N GLN A 65 -23.27 -9.30 -32.00
CA GLN A 65 -23.12 -7.90 -31.62
C GLN A 65 -24.13 -7.04 -32.38
N GLY A 66 -24.90 -6.26 -31.63
CA GLY A 66 -25.90 -5.39 -32.21
C GLY A 66 -27.20 -6.06 -32.59
N GLN A 67 -27.30 -7.38 -32.46
CA GLN A 67 -28.53 -8.10 -32.79
C GLN A 67 -29.38 -8.40 -31.58
N VAL A 68 -28.77 -8.54 -30.40
CA VAL A 68 -29.48 -8.82 -29.15
C VAL A 68 -28.86 -7.98 -28.05
N THR A 69 -29.57 -7.88 -26.94
CA THR A 69 -29.08 -7.20 -25.74
C THR A 69 -29.18 -8.14 -24.56
N ILE A 70 -28.07 -8.33 -23.86
CA ILE A 70 -28.03 -9.11 -22.63
C ILE A 70 -27.99 -8.13 -21.46
N SER A 71 -28.82 -8.39 -20.44
CA SER A 71 -28.90 -7.51 -19.29
C SER A 71 -29.11 -8.36 -18.04
N ALA A 72 -29.19 -7.71 -16.88
CA ALA A 72 -29.32 -8.43 -15.63
C ALA A 72 -29.95 -7.54 -14.57
N ASP A 73 -30.70 -8.16 -13.66
CA ASP A 73 -31.22 -7.54 -12.45
C ASP A 73 -30.70 -8.39 -11.29
N LYS A 74 -29.57 -7.96 -10.71
CA LYS A 74 -28.91 -8.79 -9.70
C LYS A 74 -29.69 -8.84 -8.39
N SER A 75 -30.57 -7.87 -8.13
CA SER A 75 -31.36 -7.89 -6.91
C SER A 75 -32.37 -9.03 -6.90
N ILE A 76 -32.73 -9.56 -8.08
CA ILE A 76 -33.58 -10.74 -8.18
C ILE A 76 -32.84 -11.90 -8.83
N SER A 77 -31.51 -11.79 -8.93
CA SER A 77 -30.66 -12.87 -9.45
C SER A 77 -31.13 -13.36 -10.82
N THR A 78 -31.42 -12.40 -11.70
CA THR A 78 -32.00 -12.73 -13.01
C THR A 78 -31.17 -12.08 -14.11
N ALA A 79 -30.92 -12.86 -15.17
CA ALA A 79 -30.31 -12.38 -16.39
C ALA A 79 -31.33 -12.41 -17.52
N TYR A 80 -31.15 -11.53 -18.50
CA TYR A 80 -32.11 -11.35 -19.57
C TYR A 80 -31.43 -11.36 -20.93
N LEU A 81 -32.18 -11.81 -21.94
CA LEU A 81 -31.78 -11.72 -23.33
C LEU A 81 -32.96 -11.15 -24.11
N GLN A 82 -32.71 -10.11 -24.92
CA GLN A 82 -33.82 -9.41 -25.54
C GLN A 82 -33.53 -9.08 -26.99
N TRP A 83 -34.60 -9.10 -27.80
CA TRP A 83 -34.56 -8.69 -29.19
C TRP A 83 -35.46 -7.48 -29.37
N SER A 84 -35.05 -6.55 -30.23
CA SER A 84 -35.91 -5.42 -30.55
C SER A 84 -36.93 -5.76 -31.65
N SER A 85 -36.58 -6.66 -32.57
CA SER A 85 -37.49 -7.04 -33.64
C SER A 85 -37.13 -8.44 -34.11
N LEU A 86 -37.95 -9.42 -33.74
CA LEU A 86 -37.66 -10.81 -34.07
C LEU A 86 -37.80 -11.08 -35.56
N LYS A 87 -36.98 -12.00 -36.05
CA LYS A 87 -37.14 -12.57 -37.39
C LYS A 87 -37.56 -14.03 -37.27
N ALA A 88 -38.14 -14.55 -38.35
CA ALA A 88 -38.48 -15.97 -38.39
C ALA A 88 -37.26 -16.84 -38.14
N SER A 89 -36.09 -16.41 -38.61
CA SER A 89 -34.86 -17.16 -38.41
C SER A 89 -34.37 -17.17 -36.96
N ASP A 90 -34.97 -16.36 -36.09
CA ASP A 90 -34.63 -16.41 -34.67
C ASP A 90 -35.26 -17.60 -33.96
N THR A 91 -36.12 -18.36 -34.64
CA THR A 91 -36.68 -19.58 -34.07
C THR A 91 -35.57 -20.52 -33.64
N ALA A 92 -35.52 -20.81 -32.34
CA ALA A 92 -34.41 -21.58 -31.79
C ALA A 92 -34.69 -21.87 -30.32
N MET A 93 -33.89 -22.79 -29.77
CA MET A 93 -33.76 -22.94 -28.34
C MET A 93 -32.65 -22.02 -27.85
N TYR A 94 -32.90 -21.34 -26.73
CA TYR A 94 -31.93 -20.45 -26.12
C TYR A 94 -31.64 -20.93 -24.70
N TYR A 95 -30.36 -21.17 -24.43
CA TYR A 95 -29.91 -21.63 -23.12
C TYR A 95 -29.14 -20.51 -22.43
N CYS A 96 -29.34 -20.40 -21.12
CA CYS A 96 -28.42 -19.66 -20.27
C CYS A 96 -27.51 -20.66 -19.56
N ALA A 97 -26.27 -20.25 -19.32
CA ALA A 97 -25.30 -21.11 -18.66
C ALA A 97 -24.39 -20.26 -17.77
N ARG A 98 -23.90 -20.88 -16.70
CA ARG A 98 -23.00 -20.21 -15.78
C ARG A 98 -21.56 -20.44 -16.24
N GLY A 99 -20.83 -19.35 -16.44
CA GLY A 99 -19.44 -19.42 -16.83
C GLY A 99 -19.18 -18.67 -18.12
N TYR A 100 -17.90 -18.71 -18.53
CA TYR A 100 -17.45 -17.98 -19.71
C TYR A 100 -16.74 -18.91 -20.69
N GLY A 101 -16.01 -19.91 -20.20
CA GLY A 101 -15.58 -20.99 -21.07
C GLY A 101 -15.99 -22.36 -20.59
N ILE A 102 -15.98 -22.55 -19.27
CA ILE A 102 -16.48 -23.75 -18.63
C ILE A 102 -17.89 -23.44 -18.18
N PHE A 103 -18.87 -24.13 -18.75
CA PHE A 103 -20.28 -23.91 -18.43
C PHE A 103 -20.72 -25.07 -17.54
N ASP A 104 -20.66 -24.85 -16.23
CA ASP A 104 -20.88 -25.92 -15.26
C ASP A 104 -22.34 -26.06 -14.84
N TYR A 105 -23.18 -25.09 -15.14
CA TYR A 105 -24.63 -25.23 -14.96
C TYR A 105 -25.31 -24.67 -16.21
N TRP A 106 -26.41 -25.30 -16.59
CA TRP A 106 -27.19 -24.87 -17.74
C TRP A 106 -28.66 -24.74 -17.35
N GLY A 107 -29.33 -23.74 -17.91
CA GLY A 107 -30.77 -23.69 -17.81
C GLY A 107 -31.41 -24.81 -18.62
N GLN A 108 -32.72 -24.96 -18.45
CA GLN A 108 -33.44 -25.99 -19.19
C GLN A 108 -33.78 -25.59 -20.62
N GLY A 109 -33.47 -24.36 -21.01
CA GLY A 109 -33.73 -23.91 -22.37
C GLY A 109 -35.08 -23.24 -22.50
N THR A 110 -35.15 -22.27 -23.40
CA THR A 110 -36.39 -21.58 -23.76
C THR A 110 -36.57 -21.66 -25.26
N LEU A 111 -37.67 -22.27 -25.69
CA LEU A 111 -37.99 -22.34 -27.11
C LEU A 111 -38.69 -21.06 -27.55
N VAL A 112 -38.16 -20.44 -28.60
CA VAL A 112 -38.77 -19.26 -29.21
C VAL A 112 -39.16 -19.64 -30.63
N THR A 113 -40.47 -19.59 -30.91
CA THR A 113 -41.00 -19.87 -32.24
C THR A 113 -41.49 -18.57 -32.85
N VAL A 114 -40.88 -18.17 -33.96
CA VAL A 114 -41.26 -16.96 -34.68
C VAL A 114 -41.82 -17.38 -36.03
N SER A 115 -43.11 -17.18 -36.22
CA SER A 115 -43.79 -17.57 -37.45
C SER A 115 -44.73 -16.45 -37.88
N SER A 116 -44.77 -16.19 -39.19
CA SER A 116 -45.69 -15.20 -39.74
C SER A 116 -47.12 -15.71 -39.70
N GLU B 4 -12.87 -20.10 -35.36
CA GLU B 4 -13.62 -21.24 -35.88
C GLU B 4 -13.05 -22.57 -35.39
N LEU B 5 -13.93 -23.43 -34.89
CA LEU B 5 -13.57 -24.77 -34.46
C LEU B 5 -14.36 -25.77 -35.30
N THR B 6 -13.64 -26.65 -36.00
CA THR B 6 -14.24 -27.56 -36.96
C THR B 6 -14.27 -28.98 -36.41
N GLN B 7 -15.44 -29.60 -36.45
CA GLN B 7 -15.65 -30.99 -36.06
C GLN B 7 -16.26 -31.76 -37.22
N PRO B 8 -16.00 -33.07 -37.30
CA PRO B 8 -16.73 -33.90 -38.26
C PRO B 8 -18.20 -33.94 -37.89
N PRO B 9 -19.09 -33.70 -38.86
CA PRO B 9 -20.52 -33.70 -38.52
C PRO B 9 -21.02 -35.04 -37.99
N SER B 10 -20.38 -36.15 -38.35
CA SER B 10 -20.86 -37.46 -37.94
C SER B 10 -19.71 -38.40 -37.63
N VAL B 11 -19.86 -39.15 -36.54
CA VAL B 11 -19.00 -40.28 -36.21
C VAL B 11 -19.92 -41.45 -35.83
N SER B 12 -19.69 -42.61 -36.43
CA SER B 12 -20.48 -43.79 -36.13
C SER B 12 -19.58 -44.95 -35.77
N VAL B 13 -20.00 -45.71 -34.76
CA VAL B 13 -19.24 -46.87 -34.27
C VAL B 13 -20.23 -47.97 -33.90
N SER B 14 -19.71 -49.18 -33.79
CA SER B 14 -20.44 -50.29 -33.21
C SER B 14 -20.19 -50.33 -31.71
N PRO B 15 -21.10 -50.90 -30.93
CA PRO B 15 -20.89 -50.99 -29.48
C PRO B 15 -19.56 -51.68 -29.15
N GLY B 16 -18.83 -51.10 -28.22
CA GLY B 16 -17.53 -51.61 -27.84
C GLY B 16 -16.37 -50.99 -28.60
N GLN B 17 -16.61 -50.44 -29.78
CA GLN B 17 -15.57 -49.78 -30.54
C GLN B 17 -15.23 -48.42 -29.94
N THR B 18 -14.01 -47.96 -30.20
CA THR B 18 -13.58 -46.66 -29.74
C THR B 18 -14.13 -45.57 -30.65
N ALA B 19 -14.71 -44.53 -30.05
CA ALA B 19 -15.17 -43.37 -30.78
C ALA B 19 -14.18 -42.23 -30.59
N SER B 20 -13.71 -41.66 -31.69
CA SER B 20 -12.76 -40.56 -31.68
CA SER B 20 -12.76 -40.56 -31.68
C SER B 20 -13.41 -39.36 -32.36
N ILE B 21 -13.58 -38.27 -31.62
CA ILE B 21 -14.20 -37.05 -32.12
C ILE B 21 -13.17 -35.94 -32.05
N THR B 22 -12.84 -35.37 -33.21
CA THR B 22 -11.83 -34.32 -33.28
C THR B 22 -12.47 -32.95 -33.35
N CYS B 23 -11.71 -31.95 -32.92
CA CYS B 23 -12.10 -30.55 -33.01
C CYS B 23 -10.84 -29.77 -33.36
N SER B 24 -10.77 -29.27 -34.59
CA SER B 24 -9.55 -28.67 -35.11
C SER B 24 -9.67 -27.16 -35.17
N GLY B 25 -8.61 -26.49 -34.76
CA GLY B 25 -8.52 -25.04 -34.86
C GLY B 25 -7.08 -24.63 -34.75
N ASP B 26 -6.73 -23.52 -35.39
CA ASP B 26 -5.34 -23.08 -35.43
C ASP B 26 -4.84 -22.78 -34.02
N ASN B 27 -3.82 -23.53 -33.60
CA ASN B 27 -3.19 -23.36 -32.29
C ASN B 27 -4.19 -23.58 -31.15
N ILE B 28 -5.17 -24.45 -31.35
CA ILE B 28 -6.10 -24.79 -30.28
C ILE B 28 -5.37 -25.48 -29.13
N GLY B 29 -4.21 -26.09 -29.40
CA GLY B 29 -3.40 -26.66 -28.34
C GLY B 29 -2.90 -25.65 -27.33
N ASP B 30 -2.90 -24.37 -27.69
CA ASP B 30 -2.54 -23.31 -26.75
C ASP B 30 -3.67 -22.95 -25.80
N GLN B 31 -4.89 -23.40 -26.07
CA GLN B 31 -6.06 -23.10 -25.25
C GLN B 31 -6.51 -24.34 -24.48
N TYR B 32 -7.41 -24.11 -23.53
CA TYR B 32 -8.14 -25.19 -22.89
C TYR B 32 -9.35 -25.55 -23.74
N ALA B 33 -9.50 -26.83 -24.05
CA ALA B 33 -10.67 -27.33 -24.76
C ALA B 33 -11.57 -28.07 -23.79
N HIS B 34 -12.87 -27.79 -23.86
CA HIS B 34 -13.87 -28.44 -23.04
C HIS B 34 -14.90 -29.12 -23.94
N TRP B 35 -15.42 -30.25 -23.49
CA TRP B 35 -16.31 -31.08 -24.30
C TRP B 35 -17.66 -31.22 -23.62
N TYR B 36 -18.73 -30.94 -24.36
CA TYR B 36 -20.09 -31.04 -23.86
C TYR B 36 -20.85 -32.11 -24.63
N GLN B 37 -21.67 -32.87 -23.90
CA GLN B 37 -22.53 -33.88 -24.47
C GLN B 37 -23.99 -33.42 -24.37
N GLN B 38 -24.75 -33.62 -25.43
CA GLN B 38 -26.15 -33.21 -25.45
C GLN B 38 -27.01 -34.31 -26.06
N LYS B 39 -27.91 -34.85 -25.25
CA LYS B 39 -28.87 -35.85 -25.68
C LYS B 39 -30.15 -35.17 -26.16
N PRO B 40 -30.94 -35.85 -26.99
CA PRO B 40 -32.19 -35.23 -27.49
C PRO B 40 -33.08 -34.76 -26.35
N GLY B 41 -33.51 -33.51 -26.44
CA GLY B 41 -34.42 -32.94 -25.46
C GLY B 41 -33.79 -32.49 -24.16
N GLN B 42 -32.47 -32.47 -24.07
CA GLN B 42 -31.79 -32.13 -22.82
C GLN B 42 -30.79 -31.00 -23.05
N SER B 43 -30.42 -30.35 -21.96
CA SER B 43 -29.38 -29.35 -21.98
C SER B 43 -28.01 -30.01 -22.08
N PRO B 44 -27.01 -29.30 -22.58
CA PRO B 44 -25.67 -29.90 -22.67
C PRO B 44 -25.09 -30.21 -21.30
N VAL B 45 -24.23 -31.23 -21.26
CA VAL B 45 -23.56 -31.68 -20.04
C VAL B 45 -22.06 -31.74 -20.33
N LEU B 46 -21.27 -31.12 -19.46
CA LEU B 46 -19.83 -31.11 -19.64
C LEU B 46 -19.25 -32.48 -19.30
N VAL B 47 -18.54 -33.08 -20.24
CA VAL B 47 -17.95 -34.39 -20.01
C VAL B 47 -16.43 -34.35 -19.90
N ILE B 48 -15.77 -33.32 -20.44
CA ILE B 48 -14.32 -33.13 -20.31
C ILE B 48 -14.06 -31.64 -20.17
N TYR B 49 -13.18 -31.28 -19.23
CA TYR B 49 -12.77 -29.89 -19.06
C TYR B 49 -11.24 -29.81 -18.99
N GLN B 50 -10.71 -28.67 -19.43
CA GLN B 50 -9.26 -28.39 -19.46
C GLN B 50 -8.50 -29.51 -20.18
N ASP B 51 -9.01 -29.84 -21.37
CA ASP B 51 -8.48 -30.75 -22.38
C ASP B 51 -8.51 -32.22 -22.00
N LYS B 52 -8.44 -32.52 -20.71
CA LYS B 52 -8.25 -33.93 -20.35
C LYS B 52 -8.89 -34.30 -19.02
N ASN B 53 -9.42 -33.33 -18.28
CA ASN B 53 -9.95 -33.60 -16.96
C ASN B 53 -11.40 -34.00 -17.07
N ARG B 54 -11.77 -35.05 -16.35
CA ARG B 54 -13.13 -35.54 -16.39
C ARG B 54 -13.84 -35.20 -15.10
N PRO B 55 -15.02 -34.57 -15.15
CA PRO B 55 -15.76 -34.31 -13.92
C PRO B 55 -16.17 -35.63 -13.27
N SER B 56 -16.11 -35.66 -11.94
CA SER B 56 -16.55 -36.85 -11.22
C SER B 56 -18.01 -37.14 -11.55
N GLY B 57 -18.32 -38.42 -11.75
CA GLY B 57 -19.62 -38.85 -12.20
C GLY B 57 -19.70 -39.17 -13.67
N ILE B 58 -18.76 -38.68 -14.47
CA ILE B 58 -18.70 -39.03 -15.89
C ILE B 58 -18.04 -40.39 -16.01
N PRO B 59 -18.57 -41.30 -16.83
CA PRO B 59 -17.95 -42.62 -16.98
C PRO B 59 -16.48 -42.50 -17.37
N GLU B 60 -15.66 -43.35 -16.75
CA GLU B 60 -14.21 -43.26 -16.95
C GLU B 60 -13.80 -43.61 -18.37
N ARG B 61 -14.71 -44.12 -19.19
CA ARG B 61 -14.37 -44.40 -20.59
C ARG B 61 -14.24 -43.13 -21.43
N PHE B 62 -14.63 -41.97 -20.89
CA PHE B 62 -14.44 -40.70 -21.56
C PHE B 62 -13.05 -40.15 -21.24
N SER B 63 -12.32 -39.75 -22.28
CA SER B 63 -11.02 -39.13 -22.10
C SER B 63 -10.85 -38.04 -23.15
N GLY B 64 -9.84 -37.20 -22.95
CA GLY B 64 -9.59 -36.10 -23.87
C GLY B 64 -8.12 -35.79 -23.97
N SER B 65 -7.73 -35.23 -25.12
CA SER B 65 -6.39 -34.74 -25.34
C SER B 65 -6.46 -33.49 -26.20
N ASN B 66 -5.38 -32.72 -26.21
CA ASN B 66 -5.34 -31.47 -26.96
C ASN B 66 -3.89 -31.13 -27.26
N SER B 67 -3.56 -30.97 -28.54
CA SER B 67 -2.21 -30.61 -28.95
C SER B 67 -2.22 -30.09 -30.37
N GLY B 68 -1.27 -29.22 -30.68
CA GLY B 68 -1.16 -28.69 -32.02
C GLY B 68 -2.43 -27.96 -32.43
N ASN B 69 -3.02 -28.40 -33.54
CA ASN B 69 -4.25 -27.83 -34.05
C ASN B 69 -5.45 -28.76 -33.88
N THR B 70 -5.38 -29.70 -32.93
CA THR B 70 -6.47 -30.67 -32.80
C THR B 70 -6.67 -31.05 -31.33
N ALA B 71 -7.93 -30.97 -30.90
CA ALA B 71 -8.37 -31.53 -29.64
C ALA B 71 -9.24 -32.75 -29.91
N THR B 72 -9.13 -33.77 -29.07
CA THR B 72 -9.78 -35.05 -29.35
C THR B 72 -10.50 -35.56 -28.12
N LEU B 73 -11.78 -35.88 -28.28
CA LEU B 73 -12.55 -36.60 -27.28
C LEU B 73 -12.59 -38.07 -27.66
N THR B 74 -12.22 -38.94 -26.73
CA THR B 74 -12.14 -40.37 -26.98
C THR B 74 -13.06 -41.10 -26.03
N ILE B 75 -13.91 -41.98 -26.57
CA ILE B 75 -14.77 -42.86 -25.79
C ILE B 75 -14.33 -44.28 -26.10
N SER B 76 -13.74 -44.96 -25.12
CA SER B 76 -13.42 -46.36 -25.27
C SER B 76 -14.63 -47.21 -24.89
N GLY B 77 -14.77 -48.35 -25.55
CA GLY B 77 -15.90 -49.23 -25.33
C GLY B 77 -17.24 -48.52 -25.41
N THR B 78 -17.47 -47.82 -26.52
CA THR B 78 -18.67 -46.98 -26.64
C THR B 78 -19.93 -47.81 -26.40
N GLN B 79 -20.86 -47.22 -25.66
CA GLN B 79 -22.16 -47.84 -25.38
C GLN B 79 -23.28 -47.05 -26.03
N ALA B 80 -24.43 -47.70 -26.16
CA ALA B 80 -25.58 -47.06 -26.80
C ALA B 80 -25.98 -45.78 -26.06
N MET B 81 -25.83 -45.76 -24.74
CA MET B 81 -26.13 -44.56 -23.96
C MET B 81 -25.22 -43.38 -24.30
N ASP B 82 -24.14 -43.60 -25.05
CA ASP B 82 -23.25 -42.53 -25.43
C ASP B 82 -23.66 -41.84 -26.73
N GLU B 83 -24.68 -42.36 -27.42
CA GLU B 83 -25.18 -41.72 -28.63
C GLU B 83 -25.74 -40.35 -28.27
N ALA B 84 -25.19 -39.31 -28.88
CA ALA B 84 -25.48 -37.93 -28.52
C ALA B 84 -24.77 -37.01 -29.51
N ASP B 85 -25.02 -35.72 -29.35
CA ASP B 85 -24.25 -34.67 -30.01
C ASP B 85 -23.15 -34.20 -29.06
N TYR B 86 -21.95 -34.02 -29.61
CA TYR B 86 -20.79 -33.62 -28.82
C TYR B 86 -20.21 -32.33 -29.37
N TYR B 87 -19.95 -31.37 -28.49
CA TYR B 87 -19.48 -30.05 -28.87
C TYR B 87 -18.20 -29.72 -28.12
N CYS B 88 -17.17 -29.32 -28.86
CA CYS B 88 -15.96 -28.75 -28.29
C CYS B 88 -16.16 -27.26 -28.08
N ALA B 89 -15.49 -26.71 -27.06
CA ALA B 89 -15.60 -25.29 -26.77
C ALA B 89 -14.28 -24.80 -26.20
N THR B 90 -13.88 -23.59 -26.62
CA THR B 90 -12.71 -22.92 -26.06
C THR B 90 -13.06 -21.49 -25.73
N TYR B 91 -12.27 -20.91 -24.82
CA TYR B 91 -12.36 -19.50 -24.47
C TYR B 91 -11.08 -18.80 -24.91
N THR B 92 -11.22 -17.67 -25.60
CA THR B 92 -10.10 -16.88 -26.05
C THR B 92 -10.08 -15.55 -25.31
N GLY B 93 -8.99 -15.28 -24.59
CA GLY B 93 -8.86 -14.02 -23.88
C GLY B 93 -8.70 -12.82 -24.79
N PHE B 94 -8.21 -13.04 -26.00
CA PHE B 94 -8.10 -11.97 -27.00
C PHE B 94 -9.49 -11.73 -27.56
N GLY B 95 -10.22 -10.80 -26.94
CA GLY B 95 -11.60 -10.55 -27.27
C GLY B 95 -12.59 -11.11 -26.27
N SER B 96 -12.14 -11.98 -25.36
CA SER B 96 -12.97 -12.58 -24.32
C SER B 96 -14.20 -13.24 -24.94
N LEU B 97 -13.94 -14.18 -25.84
CA LEU B 97 -14.98 -14.88 -26.58
C LEU B 97 -14.94 -16.37 -26.27
N ALA B 98 -16.12 -16.98 -26.20
CA ALA B 98 -16.26 -18.43 -26.17
C ALA B 98 -16.72 -18.90 -27.55
N VAL B 99 -16.18 -20.03 -27.99
CA VAL B 99 -16.44 -20.56 -29.33
C VAL B 99 -16.77 -22.03 -29.21
N PHE B 100 -17.92 -22.43 -29.75
CA PHE B 100 -18.29 -23.83 -29.86
C PHE B 100 -17.89 -24.36 -31.23
N GLY B 101 -17.42 -25.60 -31.26
CA GLY B 101 -17.31 -26.32 -32.52
C GLY B 101 -18.69 -26.57 -33.10
N GLY B 102 -18.69 -26.96 -34.38
CA GLY B 102 -19.94 -27.20 -35.10
C GLY B 102 -20.74 -28.38 -34.59
N GLY B 103 -20.14 -29.26 -33.80
CA GLY B 103 -20.87 -30.38 -33.26
C GLY B 103 -20.62 -31.66 -34.05
N THR B 104 -20.65 -32.78 -33.33
CA THR B 104 -20.51 -34.09 -33.93
C THR B 104 -21.64 -34.98 -33.39
N LYS B 105 -22.45 -35.53 -34.29
CA LYS B 105 -23.46 -36.50 -33.91
C LYS B 105 -22.83 -37.89 -33.86
N LEU B 106 -22.74 -38.46 -32.67
CA LEU B 106 -22.24 -39.81 -32.49
C LEU B 106 -23.41 -40.79 -32.57
N THR B 107 -23.39 -41.66 -33.56
CA THR B 107 -24.36 -42.73 -33.64
C THR B 107 -23.70 -44.07 -33.31
N VAL B 108 -24.41 -44.90 -32.57
CA VAL B 108 -23.96 -46.24 -32.23
C VAL B 108 -24.92 -47.23 -32.87
N LEU B 109 -24.39 -48.18 -33.65
CA LEU B 109 -25.20 -49.16 -34.37
C LEU B 109 -26.27 -49.77 -33.47
N ASP C 3 -41.42 -56.62 -7.74
CA ASP C 3 -40.12 -57.12 -8.16
C ASP C 3 -39.23 -57.34 -6.93
N PRO C 4 -38.68 -58.55 -6.81
CA PRO C 4 -37.92 -58.92 -5.61
C PRO C 4 -36.81 -57.95 -5.23
N CYS C 5 -36.16 -57.30 -6.20
CA CYS C 5 -35.03 -56.44 -5.88
C CYS C 5 -35.42 -55.26 -5.01
N SER C 6 -36.72 -54.92 -4.95
CA SER C 6 -37.16 -53.83 -4.08
C SER C 6 -36.99 -54.15 -2.61
N ASN C 7 -36.79 -55.42 -2.26
CA ASN C 7 -36.59 -55.80 -0.86
C ASN C 7 -35.22 -55.41 -0.32
N CYS C 8 -34.29 -55.03 -1.19
CA CYS C 8 -32.94 -54.68 -0.76
C CYS C 8 -32.87 -53.19 -0.48
N PRO C 9 -32.68 -52.76 0.75
CA PRO C 9 -32.66 -51.33 1.08
C PRO C 9 -31.32 -50.71 0.69
N ALA C 10 -31.23 -49.39 0.87
CA ALA C 10 -29.97 -48.70 0.67
C ALA C 10 -28.91 -49.28 1.60
N GLY C 11 -27.68 -49.35 1.10
CA GLY C 11 -26.63 -50.07 1.79
C GLY C 11 -26.48 -51.51 1.37
N THR C 12 -27.42 -52.04 0.59
CA THR C 12 -27.35 -53.38 0.02
C THR C 12 -27.58 -53.30 -1.49
N PHE C 13 -27.43 -54.44 -2.16
CA PHE C 13 -27.64 -54.51 -3.59
C PHE C 13 -28.28 -55.84 -3.95
N CYS C 14 -29.03 -55.82 -5.06
CA CYS C 14 -29.75 -57.00 -5.57
C CYS C 14 -29.10 -57.40 -6.89
N ASP C 15 -28.14 -58.33 -6.81
CA ASP C 15 -27.45 -58.77 -8.02
C ASP C 15 -28.39 -59.62 -8.86
N ASN C 16 -28.62 -59.23 -10.12
CA ASN C 16 -29.45 -60.03 -11.01
C ASN C 16 -28.78 -61.35 -11.36
N ASN C 17 -27.47 -61.46 -11.17
CA ASN C 17 -26.80 -62.74 -11.10
C ASN C 17 -26.86 -63.24 -9.66
N ARG C 18 -26.62 -64.54 -9.48
CA ARG C 18 -26.70 -65.19 -8.17
C ARG C 18 -28.13 -65.16 -7.61
N ASN C 19 -29.12 -65.09 -8.50
CA ASN C 19 -30.54 -65.32 -8.16
C ASN C 19 -31.14 -64.21 -7.31
N GLN C 20 -30.70 -62.96 -7.51
CA GLN C 20 -31.32 -61.77 -6.92
C GLN C 20 -31.51 -61.90 -5.41
N ILE C 21 -30.38 -62.01 -4.71
CA ILE C 21 -30.37 -61.97 -3.25
C ILE C 21 -29.80 -60.62 -2.82
N CYS C 22 -30.35 -60.10 -1.72
CA CYS C 22 -29.80 -58.87 -1.14
C CYS C 22 -28.46 -59.17 -0.50
N SER C 23 -27.44 -58.41 -0.90
CA SER C 23 -26.11 -58.54 -0.31
C SER C 23 -25.63 -57.16 0.13
N PRO C 24 -24.95 -57.07 1.27
CA PRO C 24 -24.50 -55.76 1.74
C PRO C 24 -23.40 -55.18 0.87
N CYS C 25 -23.33 -53.85 0.83
CA CYS C 25 -22.32 -53.19 0.03
C CYS C 25 -20.94 -53.43 0.63
N PRO C 26 -19.97 -53.87 -0.16
CA PRO C 26 -18.60 -54.03 0.36
C PRO C 26 -18.03 -52.69 0.78
N PRO C 27 -17.03 -52.68 1.67
CA PRO C 27 -16.39 -51.43 2.06
C PRO C 27 -15.89 -50.66 0.84
N ASN C 28 -15.94 -49.33 0.94
CA ASN C 28 -15.59 -48.39 -0.13
C ASN C 28 -16.54 -48.45 -1.31
N SER C 29 -17.75 -48.97 -1.10
CA SER C 29 -18.83 -48.87 -2.06
C SER C 29 -20.11 -48.52 -1.30
N PHE C 30 -21.15 -48.14 -2.05
CA PHE C 30 -22.36 -47.63 -1.43
C PHE C 30 -23.55 -47.84 -2.36
N SER C 31 -24.75 -47.71 -1.79
CA SER C 31 -25.99 -47.65 -2.55
C SER C 31 -26.92 -46.68 -1.83
N SER C 32 -27.21 -45.54 -2.45
CA SER C 32 -28.00 -44.50 -1.80
C SER C 32 -29.50 -44.75 -1.87
N ALA C 33 -29.94 -45.75 -2.63
CA ALA C 33 -31.36 -46.04 -2.76
C ALA C 33 -31.55 -47.55 -2.74
N GLY C 34 -32.75 -47.97 -2.35
CA GLY C 34 -33.08 -49.38 -2.37
C GLY C 34 -33.38 -49.89 -3.76
N GLY C 35 -33.20 -51.19 -3.94
CA GLY C 35 -33.49 -51.83 -5.20
C GLY C 35 -32.37 -51.78 -6.23
N GLN C 36 -31.22 -51.24 -5.88
CA GLN C 36 -30.11 -51.15 -6.83
C GLN C 36 -29.53 -52.54 -7.11
N ARG C 37 -29.05 -52.71 -8.34
CA ARG C 37 -28.47 -53.96 -8.78
C ARG C 37 -26.96 -54.02 -8.57
N THR C 38 -26.36 -52.96 -8.04
CA THR C 38 -24.93 -52.92 -7.81
C THR C 38 -24.61 -51.77 -6.85
N CYS C 39 -23.56 -51.96 -6.06
CA CYS C 39 -23.06 -50.91 -5.18
C CYS C 39 -22.05 -50.07 -5.96
N ASP C 40 -22.29 -48.76 -6.03
CA ASP C 40 -21.40 -47.89 -6.77
C ASP C 40 -20.11 -47.66 -5.98
N ILE C 41 -19.02 -47.48 -6.72
CA ILE C 41 -17.72 -47.24 -6.11
C ILE C 41 -17.73 -45.88 -5.42
N CYS C 42 -17.28 -45.85 -4.17
CA CYS C 42 -17.20 -44.59 -3.43
C CYS C 42 -16.23 -43.65 -4.13
N ARG C 43 -16.65 -42.39 -4.26
CA ARG C 43 -15.76 -41.38 -4.84
C ARG C 43 -14.54 -41.19 -3.96
N GLN C 44 -13.40 -40.96 -4.60
CA GLN C 44 -12.14 -40.71 -3.90
C GLN C 44 -11.69 -39.28 -4.21
N CYS C 45 -11.33 -38.55 -3.16
CA CYS C 45 -10.88 -37.16 -3.30
C CYS C 45 -9.36 -37.15 -3.21
N LYS C 46 -8.70 -37.04 -4.36
CA LYS C 46 -7.25 -37.03 -4.45
C LYS C 46 -6.80 -35.80 -5.23
N GLY C 47 -5.53 -35.46 -5.07
CA GLY C 47 -4.92 -34.38 -5.83
C GLY C 47 -5.51 -33.02 -5.50
N VAL C 48 -6.18 -32.40 -6.46
CA VAL C 48 -6.83 -31.13 -6.22
C VAL C 48 -8.07 -31.27 -5.34
N PHE C 49 -8.60 -32.47 -5.21
CA PHE C 49 -9.80 -32.69 -4.43
C PHE C 49 -9.46 -33.08 -2.99
N ARG C 50 -10.33 -32.70 -2.07
CA ARG C 50 -10.16 -32.93 -0.64
C ARG C 50 -11.45 -33.48 -0.06
N THR C 51 -11.32 -34.44 0.84
CA THR C 51 -12.49 -35.09 1.41
C THR C 51 -13.22 -34.15 2.36
N ARG C 52 -14.51 -33.92 2.11
CA ARG C 52 -15.39 -33.19 3.01
C ARG C 52 -16.24 -34.11 3.87
N LYS C 53 -16.73 -35.21 3.28
CA LYS C 53 -17.44 -36.25 4.01
C LYS C 53 -16.97 -37.59 3.49
N GLU C 54 -16.65 -38.51 4.40
CA GLU C 54 -16.36 -39.86 3.98
C GLU C 54 -17.63 -40.55 3.54
N CYS C 55 -17.47 -41.59 2.71
CA CYS C 55 -18.61 -42.35 2.24
C CYS C 55 -19.03 -43.39 3.27
N SER C 56 -20.32 -43.63 3.34
CA SER C 56 -20.89 -44.71 4.15
C SER C 56 -21.53 -45.72 3.23
N SER C 57 -22.12 -46.76 3.82
CA SER C 57 -22.78 -47.78 3.02
C SER C 57 -23.97 -47.23 2.25
N THR C 58 -24.51 -46.08 2.67
CA THR C 58 -25.71 -45.52 2.06
C THR C 58 -25.49 -44.15 1.42
N SER C 59 -24.27 -43.64 1.39
CA SER C 59 -24.05 -42.31 0.82
C SER C 59 -22.64 -42.20 0.26
N ASN C 60 -22.53 -41.57 -0.90
CA ASN C 60 -21.24 -41.35 -1.53
C ASN C 60 -20.39 -40.38 -0.71
N ALA C 61 -19.07 -40.54 -0.83
CA ALA C 61 -18.17 -39.57 -0.25
C ALA C 61 -18.34 -38.24 -0.99
N GLU C 62 -18.01 -37.15 -0.31
CA GLU C 62 -18.11 -35.84 -0.93
C GLU C 62 -16.78 -35.12 -0.87
N CYS C 63 -16.44 -34.42 -1.93
CA CYS C 63 -15.22 -33.64 -1.98
C CYS C 63 -15.49 -32.15 -2.14
N ASP C 64 -14.54 -31.34 -1.66
CA ASP C 64 -14.33 -29.97 -2.10
C ASP C 64 -12.91 -29.90 -2.69
N CYS C 65 -12.45 -28.68 -2.97
CA CYS C 65 -11.15 -28.50 -3.59
C CYS C 65 -10.10 -28.15 -2.52
N THR C 66 -8.90 -28.67 -2.72
CA THR C 66 -7.78 -28.31 -1.85
C THR C 66 -7.55 -26.80 -1.89
N PRO C 67 -7.05 -26.21 -0.81
CA PRO C 67 -6.78 -24.77 -0.82
C PRO C 67 -5.89 -24.39 -1.99
N GLY C 68 -6.23 -23.26 -2.63
CA GLY C 68 -5.63 -22.87 -3.89
C GLY C 68 -6.47 -23.23 -5.10
N PHE C 69 -7.55 -23.98 -4.91
CA PHE C 69 -8.47 -24.35 -5.97
C PHE C 69 -9.90 -24.08 -5.51
N HIS C 70 -10.82 -23.98 -6.48
CA HIS C 70 -12.21 -23.70 -6.18
C HIS C 70 -13.11 -24.64 -6.97
N CYS C 71 -14.29 -24.91 -6.41
CA CYS C 71 -15.20 -25.91 -6.96
C CYS C 71 -15.98 -25.36 -8.16
N LEU C 72 -16.29 -26.26 -9.08
CA LEU C 72 -17.24 -26.02 -10.15
C LEU C 72 -18.08 -27.27 -10.35
N GLY C 73 -19.31 -27.08 -10.81
CA GLY C 73 -20.19 -28.19 -11.10
C GLY C 73 -20.90 -28.70 -9.85
N ALA C 74 -21.97 -29.46 -10.09
CA ALA C 74 -22.77 -30.01 -9.00
C ALA C 74 -21.94 -31.00 -8.18
N GLY C 75 -22.03 -30.87 -6.86
CA GLY C 75 -21.27 -31.73 -5.97
C GLY C 75 -19.78 -31.54 -6.05
N CYS C 76 -19.32 -30.37 -6.49
CA CYS C 76 -17.90 -30.07 -6.69
C CYS C 76 -17.25 -31.15 -7.57
N SER C 77 -17.80 -31.32 -8.77
CA SER C 77 -17.31 -32.32 -9.70
C SER C 77 -16.03 -31.88 -10.39
N MET C 78 -15.70 -30.60 -10.35
CA MET C 78 -14.51 -30.07 -11.00
C MET C 78 -13.81 -29.08 -10.06
N CYS C 79 -12.50 -29.00 -10.18
CA CYS C 79 -11.68 -28.04 -9.45
C CYS C 79 -10.91 -27.19 -10.45
N GLU C 80 -10.86 -25.89 -10.20
CA GLU C 80 -10.12 -24.95 -11.03
C GLU C 80 -9.20 -24.13 -10.14
N GLN C 81 -7.98 -23.89 -10.62
CA GLN C 81 -6.97 -23.25 -9.80
C GLN C 81 -7.34 -21.79 -9.49
N ASP C 82 -7.16 -21.40 -8.24
CA ASP C 82 -7.28 -20.01 -7.86
C ASP C 82 -6.18 -19.18 -8.50
N CYS C 83 -6.41 -17.88 -8.55
CA CYS C 83 -5.37 -16.89 -8.78
C CYS C 83 -5.55 -15.79 -7.75
N LYS C 84 -4.71 -14.79 -7.80
CA LYS C 84 -4.88 -13.64 -6.92
C LYS C 84 -5.74 -12.58 -7.60
N GLN C 85 -6.28 -11.68 -6.80
CA GLN C 85 -6.94 -10.50 -7.36
C GLN C 85 -5.97 -9.76 -8.26
N GLY C 86 -6.48 -9.23 -9.37
CA GLY C 86 -5.61 -8.67 -10.38
C GLY C 86 -5.01 -9.67 -11.33
N GLN C 87 -5.50 -10.91 -11.33
CA GLN C 87 -5.00 -11.96 -12.20
C GLN C 87 -6.15 -12.75 -12.78
N GLU C 88 -5.84 -13.57 -13.77
CA GLU C 88 -6.79 -14.54 -14.31
C GLU C 88 -6.05 -15.81 -14.65
N LEU C 89 -6.79 -16.92 -14.69
CA LEU C 89 -6.21 -18.23 -14.98
C LEU C 89 -6.12 -18.44 -16.49
N THR C 90 -4.95 -18.88 -16.95
CA THR C 90 -4.74 -19.32 -18.32
C THR C 90 -4.17 -20.73 -18.30
N LYS C 91 -4.11 -21.34 -19.49
CA LYS C 91 -3.52 -22.67 -19.60
C LYS C 91 -2.06 -22.69 -19.14
N LYS C 92 -1.37 -21.56 -19.21
CA LYS C 92 0.01 -21.47 -18.76
C LYS C 92 0.14 -21.04 -17.31
N GLY C 93 -0.96 -20.79 -16.62
CA GLY C 93 -0.95 -20.42 -15.21
C GLY C 93 -1.61 -19.08 -14.99
N CYS C 94 -1.45 -18.58 -13.76
CA CYS C 94 -2.02 -17.30 -13.38
C CYS C 94 -1.24 -16.16 -14.03
N LYS C 95 -1.96 -15.25 -14.68
CA LYS C 95 -1.36 -14.14 -15.40
C LYS C 95 -2.02 -12.83 -14.97
N ASP C 96 -1.21 -11.79 -14.82
CA ASP C 96 -1.73 -10.50 -14.36
C ASP C 96 -2.73 -9.94 -15.37
N CYS C 97 -3.71 -9.20 -14.85
CA CYS C 97 -4.71 -8.57 -15.71
C CYS C 97 -4.05 -7.57 -16.65
N CYS C 98 -4.61 -7.45 -17.84
CA CYS C 98 -4.16 -6.46 -18.79
C CYS C 98 -4.49 -5.05 -18.29
N PHE C 99 -3.67 -4.09 -18.67
CA PHE C 99 -3.93 -2.70 -18.33
C PHE C 99 -5.31 -2.29 -18.85
N GLY C 100 -6.04 -1.53 -18.04
CA GLY C 100 -7.40 -1.19 -18.37
C GLY C 100 -8.43 -2.22 -17.98
N THR C 101 -8.01 -3.35 -17.41
CA THR C 101 -8.90 -4.40 -16.93
C THR C 101 -8.54 -4.73 -15.48
N PHE C 102 -9.44 -5.46 -14.82
CA PHE C 102 -9.26 -5.77 -13.41
C PHE C 102 -9.98 -7.07 -13.07
N ASN C 103 -9.61 -7.64 -11.93
CA ASN C 103 -10.34 -8.78 -11.37
C ASN C 103 -10.28 -8.65 -9.85
N ASP C 104 -11.45 -8.58 -9.22
CA ASP C 104 -11.55 -8.42 -7.78
C ASP C 104 -11.83 -9.73 -7.06
N GLN C 105 -11.60 -10.86 -7.72
CA GLN C 105 -11.84 -12.17 -7.13
C GLN C 105 -10.62 -13.06 -7.34
N LYS C 106 -10.57 -14.13 -6.55
CA LYS C 106 -9.53 -15.15 -6.68
C LYS C 106 -9.82 -16.17 -7.77
N ARG C 107 -10.84 -15.92 -8.58
CA ARG C 107 -11.19 -16.79 -9.69
C ARG C 107 -11.75 -15.93 -10.81
N GLY C 108 -12.05 -16.57 -11.94
CA GLY C 108 -12.65 -15.87 -13.05
C GLY C 108 -11.64 -15.13 -13.92
N ILE C 109 -12.18 -14.24 -14.76
CA ILE C 109 -11.39 -13.54 -15.76
C ILE C 109 -11.37 -12.06 -15.42
N CYS C 110 -10.40 -11.35 -16.01
CA CYS C 110 -10.39 -9.90 -15.92
C CYS C 110 -11.47 -9.31 -16.82
N ARG C 111 -11.92 -8.11 -16.47
CA ARG C 111 -12.91 -7.41 -17.27
C ARG C 111 -12.56 -5.93 -17.32
N PRO C 112 -12.94 -5.23 -18.38
CA PRO C 112 -12.45 -3.86 -18.57
C PRO C 112 -12.98 -2.89 -17.53
N TRP C 113 -12.22 -1.83 -17.31
CA TRP C 113 -12.67 -0.74 -16.45
C TRP C 113 -13.93 -0.08 -17.03
N THR C 114 -14.78 0.40 -16.14
CA THR C 114 -15.95 1.17 -16.58
C THR C 114 -15.49 2.47 -17.21
N ASN C 115 -16.01 2.78 -18.39
CA ASN C 115 -15.76 4.06 -19.04
C ASN C 115 -16.85 5.03 -18.59
N CYS C 116 -16.48 5.95 -17.70
CA CYS C 116 -17.47 6.86 -17.12
C CYS C 116 -18.03 7.82 -18.17
N SER C 117 -17.18 8.27 -19.10
CA SER C 117 -17.60 9.28 -20.06
C SER C 117 -18.84 8.87 -20.86
N LEU C 118 -18.99 7.58 -21.12
CA LEU C 118 -20.09 7.11 -21.97
C LEU C 118 -21.47 7.39 -21.37
N ASP C 119 -21.55 7.68 -20.07
CA ASP C 119 -22.81 8.03 -19.44
C ASP C 119 -22.75 9.44 -18.83
N GLY C 120 -21.94 10.32 -19.40
CA GLY C 120 -21.85 11.68 -18.90
C GLY C 120 -21.29 11.78 -17.50
N LYS C 121 -20.43 10.84 -17.11
CA LYS C 121 -19.86 10.79 -15.77
C LYS C 121 -18.37 11.08 -15.83
N SER C 122 -17.81 11.39 -14.66
CA SER C 122 -16.38 11.64 -14.51
C SER C 122 -15.76 10.55 -13.65
N VAL C 123 -14.43 10.50 -13.68
CA VAL C 123 -13.67 9.52 -12.91
C VAL C 123 -13.34 10.12 -11.55
N LEU C 124 -13.84 9.49 -10.49
CA LEU C 124 -13.50 9.91 -9.13
C LEU C 124 -12.25 9.21 -8.62
N VAL C 125 -12.12 7.91 -8.89
CA VAL C 125 -10.96 7.12 -8.49
C VAL C 125 -10.49 6.32 -9.70
N ASN C 126 -9.21 6.44 -10.03
CA ASN C 126 -8.64 5.65 -11.12
C ASN C 126 -8.70 4.17 -10.79
N GLY C 127 -8.79 3.34 -11.83
CA GLY C 127 -8.84 1.92 -11.63
C GLY C 127 -7.46 1.32 -11.41
N THR C 128 -7.46 0.11 -10.85
CA THR C 128 -6.26 -0.69 -10.68
C THR C 128 -6.51 -2.06 -11.30
N LYS C 129 -5.53 -2.96 -11.17
CA LYS C 129 -5.74 -4.33 -11.63
C LYS C 129 -6.67 -5.10 -10.71
N GLU C 130 -6.93 -4.60 -9.51
CA GLU C 130 -7.84 -5.25 -8.57
C GLU C 130 -9.19 -4.56 -8.45
N ARG C 131 -9.31 -3.31 -8.90
CA ARG C 131 -10.51 -2.52 -8.64
C ARG C 131 -10.92 -1.75 -9.89
N ASP C 132 -12.24 -1.67 -10.10
CA ASP C 132 -12.79 -0.91 -11.20
C ASP C 132 -12.58 0.59 -10.97
N VAL C 133 -12.67 1.35 -12.06
CA VAL C 133 -12.75 2.79 -11.98
C VAL C 133 -14.03 3.18 -11.23
N VAL C 134 -13.92 4.20 -10.37
CA VAL C 134 -15.07 4.73 -9.65
C VAL C 134 -15.54 5.98 -10.38
N CYS C 135 -16.82 5.99 -10.77
CA CYS C 135 -17.41 7.12 -11.49
C CYS C 135 -18.21 7.99 -10.54
N GLY C 136 -18.20 9.29 -10.84
CA GLY C 136 -19.03 10.25 -10.13
C GLY C 136 -19.83 11.09 -11.11
N PRO C 137 -20.68 11.99 -10.59
CA PRO C 137 -21.52 12.81 -11.46
C PRO C 137 -20.72 13.78 -12.32
N GLU D 1 29.66 -2.62 -34.24
CA GLU D 1 29.57 -2.11 -32.88
C GLU D 1 28.38 -1.17 -32.73
N VAL D 2 27.57 -1.41 -31.70
CA VAL D 2 26.39 -0.61 -31.42
C VAL D 2 26.79 0.56 -30.54
N GLN D 3 26.25 1.73 -30.84
CA GLN D 3 26.58 2.95 -30.09
C GLN D 3 25.36 3.83 -29.94
N LEU D 4 25.23 4.43 -28.76
CA LEU D 4 24.29 5.51 -28.50
C LEU D 4 25.11 6.75 -28.17
N VAL D 5 25.05 7.75 -29.04
CA VAL D 5 25.85 8.97 -28.89
C VAL D 5 24.89 10.13 -28.67
N GLN D 6 25.01 10.77 -27.51
CA GLN D 6 24.13 11.85 -27.12
C GLN D 6 24.75 13.20 -27.48
N SER D 7 23.90 14.23 -27.50
CA SER D 7 24.36 15.57 -27.84
C SER D 7 25.19 16.16 -26.70
N GLY D 8 25.75 17.34 -26.95
CA GLY D 8 26.67 17.95 -26.02
C GLY D 8 25.98 18.61 -24.83
N ALA D 9 26.81 18.96 -23.85
CA ALA D 9 26.30 19.59 -22.62
C ALA D 9 25.63 20.93 -22.93
N GLU D 10 24.64 21.27 -22.13
CA GLU D 10 23.85 22.47 -22.32
C GLU D 10 23.90 23.35 -21.08
N VAL D 11 24.09 24.65 -21.29
CA VAL D 11 24.03 25.65 -20.24
C VAL D 11 22.92 26.63 -20.61
N LYS D 12 21.87 26.69 -19.79
CA LYS D 12 20.67 27.44 -20.13
C LYS D 12 20.18 28.21 -18.92
N LYS D 13 19.28 29.16 -19.17
CA LYS D 13 18.59 29.92 -18.16
C LYS D 13 17.15 29.44 -18.01
N PRO D 14 16.53 29.66 -16.86
CA PRO D 14 15.12 29.29 -16.71
C PRO D 14 14.24 30.00 -17.73
N GLY D 15 13.23 29.29 -18.23
CA GLY D 15 12.32 29.82 -19.21
C GLY D 15 12.66 29.48 -20.65
N GLU D 16 13.87 28.97 -20.90
CA GLU D 16 14.27 28.61 -22.24
C GLU D 16 13.82 27.18 -22.57
N SER D 17 13.52 26.95 -23.85
CA SER D 17 13.24 25.61 -24.33
C SER D 17 14.54 24.91 -24.70
N LEU D 18 14.48 23.60 -24.82
CA LEU D 18 15.66 22.81 -25.09
C LEU D 18 15.26 21.45 -25.64
N ARG D 19 15.98 20.99 -26.66
CA ARG D 19 15.85 19.62 -27.16
C ARG D 19 17.24 19.02 -27.23
N ILE D 20 17.42 17.88 -26.57
CA ILE D 20 18.66 17.12 -26.66
C ILE D 20 18.37 15.83 -27.43
N SER D 21 19.43 15.26 -28.00
CA SER D 21 19.27 14.16 -28.94
C SER D 21 20.14 12.98 -28.55
N CYS D 22 19.79 11.82 -29.10
CA CYS D 22 20.51 10.57 -28.90
C CYS D 22 20.48 9.80 -30.20
N LYS D 23 21.65 9.61 -30.82
CA LYS D 23 21.76 8.97 -32.12
C LYS D 23 22.27 7.54 -31.96
N GLY D 24 21.49 6.59 -32.45
CA GLY D 24 21.86 5.18 -32.40
C GLY D 24 22.50 4.74 -33.72
N SER D 25 23.46 3.84 -33.61
CA SER D 25 24.15 3.31 -34.78
C SER D 25 24.55 1.86 -34.53
N GLY D 26 24.59 1.08 -35.61
CA GLY D 26 25.00 -0.31 -35.52
C GLY D 26 23.88 -1.31 -35.36
N TYR D 27 22.63 -0.88 -35.39
CA TYR D 27 21.50 -1.79 -35.24
C TYR D 27 20.27 -1.15 -35.87
N SER D 28 19.22 -1.95 -36.02
CA SER D 28 17.96 -1.48 -36.58
C SER D 28 17.28 -0.58 -35.55
N PHE D 29 17.41 0.73 -35.74
CA PHE D 29 16.96 1.70 -34.74
C PHE D 29 15.45 1.64 -34.52
N SER D 30 14.69 1.26 -35.53
CA SER D 30 13.23 1.30 -35.44
C SER D 30 12.63 0.14 -34.66
N THR D 31 13.42 -0.87 -34.29
CA THR D 31 12.90 -2.08 -33.69
C THR D 31 13.30 -2.27 -32.23
N TYR D 32 13.94 -1.27 -31.62
CA TYR D 32 14.27 -1.30 -30.21
C TYR D 32 13.75 -0.04 -29.54
N TRP D 33 13.20 -0.18 -28.34
CA TRP D 33 12.74 0.97 -27.59
C TRP D 33 13.92 1.83 -27.15
N ILE D 34 13.67 3.13 -27.04
CA ILE D 34 14.64 4.08 -26.49
C ILE D 34 14.03 4.69 -25.24
N SER D 35 14.69 4.52 -24.10
CA SER D 35 14.27 5.11 -22.84
C SER D 35 15.13 6.31 -22.51
N TRP D 36 14.55 7.28 -21.80
CA TRP D 36 15.28 8.43 -21.28
C TRP D 36 15.27 8.37 -19.76
N VAL D 37 16.42 8.69 -19.15
CA VAL D 37 16.62 8.57 -17.72
C VAL D 37 17.25 9.85 -17.19
N ARG D 38 16.68 10.39 -16.11
CA ARG D 38 17.21 11.57 -15.46
C ARG D 38 18.01 11.17 -14.22
N GLN D 39 19.11 11.87 -13.99
CA GLN D 39 19.91 11.70 -12.76
C GLN D 39 20.33 13.09 -12.29
N MET D 40 19.62 13.62 -11.30
CA MET D 40 20.00 14.89 -10.73
C MET D 40 21.31 14.74 -9.95
N PRO D 41 22.11 15.82 -9.87
CA PRO D 41 23.47 15.68 -9.32
C PRO D 41 23.45 15.12 -7.91
N GLY D 42 24.23 14.05 -7.70
CA GLY D 42 24.27 13.38 -6.42
C GLY D 42 23.05 12.57 -6.07
N LYS D 43 22.14 12.36 -7.02
CA LYS D 43 20.89 11.63 -6.78
C LYS D 43 20.86 10.39 -7.65
N GLY D 44 19.74 9.66 -7.57
CA GLY D 44 19.61 8.39 -8.25
C GLY D 44 19.01 8.50 -9.65
N LEU D 45 19.01 7.37 -10.35
CA LEU D 45 18.44 7.30 -11.68
C LEU D 45 16.91 7.33 -11.61
N GLU D 46 16.30 8.05 -12.55
CA GLU D 46 14.85 8.15 -12.65
C GLU D 46 14.44 7.88 -14.09
N TRP D 47 13.61 6.86 -14.29
CA TRP D 47 13.10 6.55 -15.62
C TRP D 47 12.01 7.55 -16.00
N MET D 48 12.21 8.26 -17.10
CA MET D 48 11.27 9.29 -17.53
C MET D 48 10.22 8.78 -18.49
N GLY D 49 10.62 7.97 -19.46
CA GLY D 49 9.70 7.47 -20.46
C GLY D 49 10.47 6.76 -21.55
N LYS D 50 9.73 6.31 -22.56
CA LYS D 50 10.34 5.58 -23.66
C LYS D 50 9.53 5.78 -24.92
N ILE D 51 10.16 5.50 -26.05
CA ILE D 51 9.53 5.61 -27.37
C ILE D 51 9.98 4.44 -28.23
N TYR D 52 9.05 3.90 -29.02
CA TYR D 52 9.38 2.91 -30.02
C TYR D 52 9.57 3.64 -31.35
N PRO D 53 10.80 3.80 -31.84
CA PRO D 53 11.03 4.70 -32.99
C PRO D 53 10.33 4.27 -34.26
N GLY D 54 9.91 3.01 -34.37
CA GLY D 54 9.26 2.56 -35.60
C GLY D 54 8.02 3.36 -35.93
N ASP D 55 7.11 3.47 -34.96
CA ASP D 55 5.89 4.25 -35.14
C ASP D 55 5.80 5.43 -34.18
N SER D 56 6.86 5.70 -33.42
CA SER D 56 6.93 6.82 -32.50
C SER D 56 5.87 6.72 -31.39
N TYR D 57 5.45 5.50 -31.04
CA TYR D 57 4.60 5.34 -29.88
C TYR D 57 5.42 5.60 -28.62
N THR D 58 4.86 6.42 -27.73
CA THR D 58 5.58 6.93 -26.58
C THR D 58 4.73 6.78 -25.33
N ASN D 59 5.39 6.53 -24.20
CA ASN D 59 4.71 6.57 -22.91
C ASN D 59 5.70 7.06 -21.85
N TYR D 60 5.15 7.64 -20.79
CA TYR D 60 5.93 8.31 -19.77
C TYR D 60 5.58 7.76 -18.40
N SER D 61 6.52 7.88 -17.46
CA SER D 61 6.20 7.60 -16.08
C SER D 61 5.33 8.72 -15.53
N PRO D 62 4.45 8.42 -14.56
CA PRO D 62 3.55 9.46 -14.03
C PRO D 62 4.26 10.71 -13.52
N SER D 63 5.51 10.59 -13.08
CA SER D 63 6.22 11.75 -12.57
C SER D 63 6.58 12.75 -13.67
N PHE D 64 6.77 12.27 -14.90
CA PHE D 64 7.23 13.12 -15.99
C PHE D 64 6.17 13.35 -17.05
N GLN D 65 4.99 12.75 -16.91
CA GLN D 65 3.91 12.96 -17.88
C GLN D 65 3.52 14.43 -17.93
N GLY D 66 3.52 14.99 -19.14
CA GLY D 66 3.17 16.38 -19.34
C GLY D 66 4.25 17.37 -18.99
N GLN D 67 5.37 16.93 -18.42
CA GLN D 67 6.48 17.81 -18.10
C GLN D 67 7.53 17.88 -19.20
N VAL D 68 7.58 16.86 -20.08
CA VAL D 68 8.63 16.73 -21.07
C VAL D 68 8.07 15.96 -22.25
N THR D 69 8.72 16.10 -23.41
CA THR D 69 8.28 15.45 -24.63
C THR D 69 9.41 14.60 -25.20
N ILE D 70 9.13 13.32 -25.42
CA ILE D 70 10.04 12.40 -26.09
C ILE D 70 9.54 12.20 -27.52
N SER D 71 10.47 12.21 -28.47
CA SER D 71 10.15 12.05 -29.89
C SER D 71 11.30 11.32 -30.56
N ALA D 72 11.14 11.06 -31.86
CA ALA D 72 12.15 10.33 -32.60
C ALA D 72 12.03 10.61 -34.10
N ASP D 73 13.18 10.75 -34.76
CA ASP D 73 13.28 10.76 -36.21
C ASP D 73 14.01 9.48 -36.61
N LYS D 74 13.26 8.48 -37.05
CA LYS D 74 13.83 7.17 -37.32
C LYS D 74 14.62 7.14 -38.63
N SER D 75 14.38 8.08 -39.54
CA SER D 75 15.16 8.11 -40.78
C SER D 75 16.62 8.41 -40.50
N ILE D 76 16.91 9.19 -39.45
CA ILE D 76 18.27 9.49 -39.05
C ILE D 76 18.65 8.76 -37.75
N SER D 77 17.83 7.80 -37.32
CA SER D 77 18.14 6.95 -36.16
C SER D 77 18.42 7.78 -34.92
N THR D 78 17.54 8.73 -34.64
CA THR D 78 17.75 9.69 -33.56
C THR D 78 16.49 9.83 -32.71
N ALA D 79 16.68 9.83 -31.39
CA ALA D 79 15.63 10.10 -30.43
C ALA D 79 15.86 11.46 -29.79
N TYR D 80 14.78 12.05 -29.28
CA TYR D 80 14.84 13.41 -28.75
C TYR D 80 14.12 13.49 -27.41
N LEU D 81 14.61 14.39 -26.57
CA LEU D 81 13.97 14.76 -25.30
C LEU D 81 13.96 16.28 -25.22
N GLN D 82 12.79 16.86 -24.93
CA GLN D 82 12.68 18.31 -25.03
C GLN D 82 11.74 18.89 -23.97
N TRP D 83 12.12 20.06 -23.46
CA TRP D 83 11.33 20.84 -22.53
C TRP D 83 10.87 22.13 -23.19
N SER D 84 9.68 22.60 -22.79
CA SER D 84 9.20 23.89 -23.30
C SER D 84 9.78 25.05 -22.50
N SER D 85 9.92 24.89 -21.19
CA SER D 85 10.43 25.95 -20.32
C SER D 85 11.25 25.30 -19.21
N LEU D 86 12.56 25.47 -19.27
CA LEU D 86 13.44 24.82 -18.30
C LEU D 86 13.29 25.46 -16.93
N LYS D 87 13.37 24.63 -15.89
CA LYS D 87 13.46 25.08 -14.51
C LYS D 87 14.86 24.83 -13.98
N ALA D 88 15.21 25.54 -12.92
CA ALA D 88 16.49 25.30 -12.25
C ALA D 88 16.58 23.87 -11.73
N SER D 89 15.44 23.29 -11.33
CA SER D 89 15.42 21.92 -10.82
C SER D 89 15.56 20.88 -11.93
N ASP D 90 15.57 21.29 -13.20
CA ASP D 90 15.85 20.38 -14.31
C ASP D 90 17.33 20.10 -14.49
N THR D 91 18.19 20.75 -13.70
CA THR D 91 19.62 20.50 -13.79
C THR D 91 19.94 19.06 -13.45
N ALA D 92 20.45 18.32 -14.43
CA ALA D 92 20.70 16.90 -14.25
C ALA D 92 21.50 16.36 -15.42
N MET D 93 22.04 15.16 -15.24
CA MET D 93 22.54 14.35 -16.33
C MET D 93 21.38 13.56 -16.93
N TYR D 94 21.29 13.53 -18.24
CA TYR D 94 20.22 12.82 -18.94
C TYR D 94 20.83 11.76 -19.83
N TYR D 95 20.44 10.50 -19.58
CA TYR D 95 20.92 9.36 -20.35
C TYR D 95 19.80 8.88 -21.28
N CYS D 96 20.19 8.47 -22.48
CA CYS D 96 19.34 7.62 -23.30
C CYS D 96 19.86 6.19 -23.18
N ALA D 97 18.94 5.24 -23.25
CA ALA D 97 19.29 3.83 -23.12
C ALA D 97 18.38 3.00 -24.00
N ARG D 98 18.94 1.94 -24.58
CA ARG D 98 18.17 1.03 -25.39
C ARG D 98 17.44 0.03 -24.51
N GLY D 99 16.14 -0.11 -24.74
CA GLY D 99 15.32 -1.07 -24.03
C GLY D 99 14.25 -0.41 -23.18
N TYR D 100 13.48 -1.26 -22.52
CA TYR D 100 12.34 -0.84 -21.71
C TYR D 100 12.44 -1.30 -20.26
N GLY D 101 12.95 -2.50 -20.00
CA GLY D 101 13.33 -2.86 -18.65
C GLY D 101 14.79 -3.23 -18.50
N ILE D 102 15.33 -3.92 -19.51
CA ILE D 102 16.76 -4.23 -19.57
C ILE D 102 17.39 -3.20 -20.48
N PHE D 103 18.26 -2.38 -19.92
CA PHE D 103 18.93 -1.32 -20.67
C PHE D 103 20.35 -1.81 -20.97
N ASP D 104 20.51 -2.42 -22.15
CA ASP D 104 21.75 -3.08 -22.51
C ASP D 104 22.75 -2.15 -23.19
N TYR D 105 22.33 -0.97 -23.62
CA TYR D 105 23.24 0.05 -24.13
C TYR D 105 22.84 1.40 -23.54
N TRP D 106 23.84 2.17 -23.15
CA TRP D 106 23.62 3.50 -22.58
C TRP D 106 24.40 4.53 -23.38
N GLY D 107 23.80 5.71 -23.55
CA GLY D 107 24.55 6.85 -24.04
C GLY D 107 25.51 7.36 -22.99
N GLN D 108 26.42 8.24 -23.42
CA GLN D 108 27.40 8.80 -22.50
C GLN D 108 26.81 9.87 -21.58
N GLY D 109 25.58 10.29 -21.81
CA GLY D 109 24.94 11.27 -20.96
C GLY D 109 25.10 12.69 -21.46
N THR D 110 24.06 13.50 -21.27
CA THR D 110 24.08 14.93 -21.58
C THR D 110 23.83 15.70 -20.30
N LEU D 111 24.79 16.52 -19.90
CA LEU D 111 24.62 17.35 -18.71
C LEU D 111 23.87 18.62 -19.08
N VAL D 112 22.76 18.88 -18.39
CA VAL D 112 21.94 20.06 -18.62
C VAL D 112 21.97 20.88 -17.34
N THR D 113 22.53 22.09 -17.43
CA THR D 113 22.66 22.98 -16.28
C THR D 113 21.79 24.21 -16.52
N VAL D 114 20.79 24.39 -15.66
CA VAL D 114 19.85 25.50 -15.76
C VAL D 114 20.05 26.40 -14.54
N SER D 115 20.35 27.67 -14.78
CA SER D 115 20.56 28.62 -13.70
C SER D 115 20.35 30.03 -14.22
N SER D 116 19.92 30.92 -13.34
CA SER D 116 19.70 32.31 -13.69
C SER D 116 21.03 33.06 -13.80
N TYR E 3 4.39 3.16 -8.08
CA TYR E 3 5.20 2.01 -7.72
C TYR E 3 6.65 2.42 -7.43
N GLU E 4 7.12 2.12 -6.23
CA GLU E 4 8.41 2.57 -5.75
C GLU E 4 9.27 1.39 -5.32
N LEU E 5 10.59 1.55 -5.46
CA LEU E 5 11.57 0.57 -5.01
C LEU E 5 12.50 1.24 -4.01
N THR E 6 12.67 0.61 -2.85
CA THR E 6 13.44 1.17 -1.76
C THR E 6 14.74 0.40 -1.58
N GLN E 7 15.85 1.13 -1.51
CA GLN E 7 17.16 0.58 -1.21
C GLN E 7 17.77 1.30 -0.02
N PRO E 8 18.57 0.61 0.79
CA PRO E 8 19.37 1.30 1.80
C PRO E 8 20.35 2.26 1.13
N PRO E 9 20.47 3.48 1.66
CA PRO E 9 21.31 4.47 0.97
C PRO E 9 22.79 4.12 0.95
N SER E 10 23.29 3.40 1.97
CA SER E 10 24.73 3.17 2.09
C SER E 10 25.00 1.77 2.62
N VAL E 11 26.01 1.13 2.04
CA VAL E 11 26.51 -0.15 2.52
C VAL E 11 28.03 -0.06 2.55
N SER E 12 28.62 -0.32 3.72
CA SER E 12 30.06 -0.25 3.90
C SER E 12 30.61 -1.65 4.17
N VAL E 13 31.73 -1.98 3.54
CA VAL E 13 32.29 -3.31 3.61
C VAL E 13 33.80 -3.23 3.51
N SER E 14 34.48 -4.21 4.15
CA SER E 14 35.92 -4.40 4.07
C SER E 14 36.27 -5.34 2.92
N PRO E 15 37.45 -5.20 2.32
CA PRO E 15 37.82 -6.07 1.20
C PRO E 15 37.76 -7.54 1.61
N GLY E 16 37.09 -8.35 0.79
CA GLY E 16 36.91 -9.75 1.04
C GLY E 16 35.59 -10.11 1.70
N GLN E 17 34.94 -9.16 2.37
CA GLN E 17 33.66 -9.43 2.99
C GLN E 17 32.54 -9.39 1.96
N THR E 18 31.44 -10.07 2.29
CA THR E 18 30.30 -10.14 1.39
C THR E 18 29.47 -8.86 1.50
N ALA E 19 29.17 -8.27 0.35
CA ALA E 19 28.28 -7.11 0.28
C ALA E 19 26.89 -7.58 -0.14
N SER E 20 25.88 -7.16 0.60
CA SER E 20 24.49 -7.49 0.31
C SER E 20 23.70 -6.20 0.17
N ILE E 21 23.19 -5.93 -1.04
CA ILE E 21 22.44 -4.73 -1.34
C ILE E 21 21.01 -5.16 -1.66
N THR E 22 20.05 -4.65 -0.90
CA THR E 22 18.66 -5.07 -1.02
C THR E 22 17.83 -4.00 -1.72
N CYS E 23 16.73 -4.46 -2.32
CA CYS E 23 15.80 -3.61 -3.05
C CYS E 23 14.40 -4.07 -2.68
N SER E 24 13.65 -3.24 -1.96
CA SER E 24 12.35 -3.61 -1.42
C SER E 24 11.23 -3.02 -2.27
N GLY E 25 10.30 -3.86 -2.66
CA GLY E 25 9.13 -3.43 -3.40
C GLY E 25 8.01 -4.41 -3.24
N ASP E 26 6.78 -3.91 -3.21
CA ASP E 26 5.62 -4.78 -3.03
C ASP E 26 5.51 -5.77 -4.18
N ASN E 27 5.66 -7.06 -3.85
CA ASN E 27 5.59 -8.15 -4.83
C ASN E 27 6.61 -7.98 -5.95
N ILE E 28 7.81 -7.50 -5.60
CA ILE E 28 8.88 -7.43 -6.59
C ILE E 28 9.34 -8.83 -7.00
N GLY E 29 9.07 -9.84 -6.18
CA GLY E 29 9.39 -11.21 -6.53
C GLY E 29 8.59 -11.77 -7.68
N ASP E 30 7.47 -11.14 -8.05
CA ASP E 30 6.69 -11.53 -9.21
C ASP E 30 7.21 -10.89 -10.49
N GLN E 31 8.27 -10.11 -10.41
CA GLN E 31 8.83 -9.41 -11.56
C GLN E 31 10.32 -9.75 -11.68
N TYR E 32 10.87 -9.47 -12.85
CA TYR E 32 12.31 -9.56 -13.04
C TYR E 32 12.97 -8.30 -12.50
N ALA E 33 14.01 -8.47 -11.69
CA ALA E 33 14.81 -7.38 -11.19
C ALA E 33 16.17 -7.38 -11.88
N HIS E 34 16.64 -6.20 -12.27
CA HIS E 34 17.94 -6.04 -12.91
C HIS E 34 18.77 -5.04 -12.10
N TRP E 35 20.07 -5.28 -12.04
CA TRP E 35 20.97 -4.49 -11.20
C TRP E 35 22.00 -3.79 -12.08
N TYR E 36 22.12 -2.48 -11.92
CA TYR E 36 23.08 -1.68 -12.66
C TYR E 36 24.12 -1.11 -11.72
N GLN E 37 25.34 -0.97 -12.23
CA GLN E 37 26.47 -0.43 -11.47
C GLN E 37 26.96 0.84 -12.14
N GLN E 38 27.17 1.89 -11.34
CA GLN E 38 27.62 3.18 -11.85
C GLN E 38 28.82 3.65 -11.04
N LYS E 39 29.93 3.82 -11.71
CA LYS E 39 31.15 4.41 -11.16
C LYS E 39 31.22 5.88 -11.54
N PRO E 40 31.92 6.70 -10.74
CA PRO E 40 31.92 8.15 -10.98
C PRO E 40 32.29 8.52 -12.40
N GLY E 41 31.51 9.44 -12.98
CA GLY E 41 31.75 9.93 -14.31
C GLY E 41 31.41 8.98 -15.44
N GLN E 42 30.73 7.87 -15.15
CA GLN E 42 30.43 6.86 -16.14
C GLN E 42 28.94 6.58 -16.20
N SER E 43 28.52 6.02 -17.34
CA SER E 43 27.15 5.58 -17.51
C SER E 43 26.91 4.29 -16.71
N PRO E 44 25.66 4.00 -16.35
CA PRO E 44 25.38 2.74 -15.66
C PRO E 44 25.68 1.54 -16.53
N VAL E 45 26.03 0.43 -15.88
CA VAL E 45 26.35 -0.83 -16.55
C VAL E 45 25.57 -1.94 -15.86
N LEU E 46 24.89 -2.76 -16.64
CA LEU E 46 24.14 -3.89 -16.10
C LEU E 46 25.10 -4.94 -15.55
N VAL E 47 24.88 -5.34 -14.29
CA VAL E 47 25.68 -6.39 -13.68
C VAL E 47 24.88 -7.67 -13.44
N ILE E 48 23.56 -7.57 -13.29
CA ILE E 48 22.68 -8.73 -13.12
C ILE E 48 21.38 -8.44 -13.87
N TYR E 49 20.91 -9.42 -14.64
CA TYR E 49 19.61 -9.32 -15.29
C TYR E 49 18.77 -10.55 -14.96
N GLN E 50 17.45 -10.36 -14.97
CA GLN E 50 16.47 -11.42 -14.69
C GLN E 50 16.75 -12.08 -13.34
N ASP E 51 17.01 -11.23 -12.34
CA ASP E 51 17.19 -11.52 -10.92
C ASP E 51 18.48 -12.25 -10.59
N LYS E 52 19.03 -13.02 -11.53
CA LYS E 52 20.16 -13.86 -11.17
C LYS E 52 21.15 -14.05 -12.30
N ASN E 53 20.76 -13.72 -13.53
CA ASN E 53 21.61 -13.98 -14.68
C ASN E 53 22.70 -12.92 -14.79
N ARG E 54 23.90 -13.37 -15.15
CA ARG E 54 25.09 -12.54 -15.12
C ARG E 54 25.61 -12.34 -16.53
N PRO E 55 25.71 -11.11 -17.03
CA PRO E 55 26.29 -10.89 -18.35
C PRO E 55 27.74 -11.33 -18.37
N SER E 56 28.16 -11.89 -19.51
CA SER E 56 29.57 -12.23 -19.69
C SER E 56 30.40 -10.96 -19.61
N GLY E 57 31.54 -11.05 -18.94
CA GLY E 57 32.38 -9.91 -18.65
C GLY E 57 32.24 -9.40 -17.23
N ILE E 58 31.07 -9.56 -16.63
CA ILE E 58 30.88 -9.20 -15.23
C ILE E 58 31.51 -10.28 -14.36
N PRO E 59 32.34 -9.91 -13.37
CA PRO E 59 32.99 -10.94 -12.54
C PRO E 59 31.98 -11.86 -11.88
N GLU E 60 32.36 -13.13 -11.75
CA GLU E 60 31.45 -14.14 -11.24
C GLU E 60 31.14 -13.99 -9.76
N ARG E 61 31.85 -13.12 -9.05
CA ARG E 61 31.50 -12.86 -7.65
C ARG E 61 30.20 -12.08 -7.51
N PHE E 62 29.65 -11.55 -8.60
CA PHE E 62 28.34 -10.92 -8.57
C PHE E 62 27.26 -11.99 -8.72
N SER E 63 26.26 -11.95 -7.85
CA SER E 63 25.11 -12.83 -7.93
C SER E 63 23.87 -12.07 -7.47
N GLY E 64 22.70 -12.64 -7.77
CA GLY E 64 21.45 -11.99 -7.42
C GLY E 64 20.36 -12.99 -7.13
N SER E 65 19.40 -12.53 -6.32
CA SER E 65 18.22 -13.32 -5.99
C SER E 65 17.03 -12.37 -5.86
N ASN E 66 15.83 -12.95 -5.95
CA ASN E 66 14.60 -12.16 -5.90
C ASN E 66 13.48 -13.03 -5.35
N SER E 67 12.88 -12.60 -4.24
CA SER E 67 11.83 -13.37 -3.59
C SER E 67 10.95 -12.45 -2.76
N GLY E 68 9.65 -12.69 -2.82
CA GLY E 68 8.72 -11.95 -1.99
C GLY E 68 8.74 -10.47 -2.30
N ASN E 69 9.16 -9.68 -1.32
CA ASN E 69 9.23 -8.22 -1.44
C ASN E 69 10.67 -7.72 -1.51
N THR E 70 11.63 -8.61 -1.77
CA THR E 70 13.05 -8.24 -1.69
C THR E 70 13.83 -8.86 -2.84
N ALA E 71 14.55 -8.01 -3.57
CA ALA E 71 15.60 -8.44 -4.48
C ALA E 71 16.95 -8.11 -3.86
N THR E 72 17.91 -9.02 -4.01
CA THR E 72 19.21 -8.86 -3.36
C THR E 72 20.32 -9.03 -4.38
N LEU E 73 21.24 -8.06 -4.40
CA LEU E 73 22.49 -8.18 -5.14
C LEU E 73 23.60 -8.51 -4.16
N THR E 74 24.30 -9.61 -4.41
CA THR E 74 25.35 -10.09 -3.52
C THR E 74 26.69 -10.07 -4.24
N ILE E 75 27.69 -9.49 -3.57
CA ILE E 75 29.07 -9.48 -4.06
C ILE E 75 29.91 -10.26 -3.05
N SER E 76 30.39 -11.42 -3.45
CA SER E 76 31.26 -12.22 -2.61
C SER E 76 32.71 -11.79 -2.79
N GLY E 77 33.46 -11.76 -1.69
CA GLY E 77 34.84 -11.32 -1.74
C GLY E 77 34.99 -9.96 -2.38
N THR E 78 34.24 -8.98 -1.88
CA THR E 78 34.18 -7.66 -2.49
C THR E 78 35.56 -7.05 -2.62
N GLN E 79 35.84 -6.48 -3.78
CA GLN E 79 37.11 -5.84 -4.07
C GLN E 79 36.91 -4.32 -4.17
N ALA E 80 38.04 -3.60 -4.10
CA ALA E 80 37.99 -2.14 -4.12
C ALA E 80 37.43 -1.62 -5.43
N MET E 81 37.62 -2.36 -6.52
CA MET E 81 37.07 -1.96 -7.81
C MET E 81 35.54 -2.03 -7.86
N ASP E 82 34.91 -2.68 -6.88
CA ASP E 82 33.45 -2.77 -6.82
C ASP E 82 32.83 -1.56 -6.14
N GLU E 83 33.63 -0.64 -5.62
CA GLU E 83 33.12 0.59 -5.02
C GLU E 83 32.36 1.40 -6.07
N ALA E 84 31.06 1.56 -5.86
CA ALA E 84 30.20 2.21 -6.85
C ALA E 84 28.81 2.39 -6.27
N ASP E 85 27.97 3.06 -7.04
CA ASP E 85 26.54 3.13 -6.78
C ASP E 85 25.83 2.00 -7.51
N TYR E 86 24.84 1.40 -6.86
CA TYR E 86 24.13 0.25 -7.41
C TYR E 86 22.64 0.53 -7.41
N TYR E 87 21.99 0.23 -8.53
CA TYR E 87 20.58 0.55 -8.75
C TYR E 87 19.83 -0.70 -9.17
N CYS E 88 18.76 -1.03 -8.44
CA CYS E 88 17.83 -2.05 -8.88
C CYS E 88 16.80 -1.42 -9.81
N ALA E 89 16.29 -2.23 -10.74
CA ALA E 89 15.29 -1.74 -11.68
C ALA E 89 14.33 -2.87 -12.00
N THR E 90 13.08 -2.50 -12.27
CA THR E 90 12.05 -3.47 -12.63
C THR E 90 11.15 -2.89 -13.70
N TYR E 91 10.43 -3.77 -14.39
CA TYR E 91 9.48 -3.38 -15.42
C TYR E 91 8.12 -3.96 -15.07
N THR E 92 7.08 -3.13 -15.16
CA THR E 92 5.70 -3.55 -14.90
C THR E 92 4.91 -3.43 -16.19
N GLY E 93 4.36 -4.55 -16.65
CA GLY E 93 3.56 -4.54 -17.86
C GLY E 93 2.22 -3.86 -17.71
N PHE E 94 1.71 -3.75 -16.48
CA PHE E 94 0.48 -3.02 -16.21
C PHE E 94 0.82 -1.54 -16.17
N GLY E 95 0.71 -0.88 -17.33
CA GLY E 95 1.14 0.49 -17.48
C GLY E 95 2.44 0.66 -18.24
N SER E 96 3.19 -0.43 -18.44
CA SER E 96 4.43 -0.42 -19.22
C SER E 96 5.40 0.62 -18.67
N LEU E 97 5.76 0.45 -17.40
CA LEU E 97 6.60 1.40 -16.69
C LEU E 97 7.86 0.71 -16.17
N ALA E 98 9.01 1.34 -16.38
CA ALA E 98 10.25 0.96 -15.73
C ALA E 98 10.46 1.83 -14.49
N VAL E 99 11.05 1.23 -13.46
CA VAL E 99 11.23 1.91 -12.17
C VAL E 99 12.62 1.56 -11.64
N PHE E 100 13.36 2.57 -11.21
CA PHE E 100 14.64 2.39 -10.54
C PHE E 100 14.48 2.51 -9.04
N GLY E 101 15.26 1.73 -8.30
CA GLY E 101 15.39 1.96 -6.88
C GLY E 101 16.18 3.22 -6.61
N GLY E 102 16.16 3.63 -5.33
CA GLY E 102 16.82 4.87 -4.94
C GLY E 102 18.32 4.86 -5.03
N GLY E 103 18.94 3.68 -5.15
CA GLY E 103 20.38 3.59 -5.26
C GLY E 103 21.07 3.33 -3.94
N THR E 104 22.13 2.54 -3.96
CA THR E 104 22.94 2.24 -2.80
C THR E 104 24.40 2.55 -3.11
N LYS E 105 25.03 3.36 -2.27
CA LYS E 105 26.46 3.62 -2.39
C LYS E 105 27.23 2.53 -1.67
N LEU E 106 28.01 1.76 -2.41
CA LEU E 106 28.86 0.73 -1.83
C LEU E 106 30.27 1.28 -1.69
N THR E 107 30.75 1.37 -0.45
CA THR E 107 32.10 1.83 -0.16
C THR E 107 32.93 0.67 0.38
N VAL E 108 34.15 0.54 -0.12
CA VAL E 108 35.08 -0.50 0.30
C VAL E 108 36.21 0.17 1.08
N LEU E 109 36.35 -0.22 2.35
CA LEU E 109 37.35 0.37 3.23
C LEU E 109 38.77 0.13 2.75
N ILE F 41 41.70 -13.55 -23.50
CA ILE F 41 41.83 -14.76 -22.69
C ILE F 41 40.70 -15.71 -23.11
N CYS F 42 40.21 -15.51 -24.33
CA CYS F 42 39.38 -16.46 -25.07
C CYS F 42 38.14 -16.88 -24.29
N ARG F 43 37.20 -15.94 -24.18
CA ARG F 43 35.85 -16.22 -23.72
C ARG F 43 35.33 -17.54 -24.28
N GLN F 44 34.63 -18.29 -23.43
CA GLN F 44 33.99 -19.54 -23.85
C GLN F 44 32.48 -19.34 -23.95
N CYS F 45 31.87 -19.96 -24.96
CA CYS F 45 30.44 -19.86 -25.19
C CYS F 45 29.81 -21.23 -24.92
N LYS F 46 29.06 -21.34 -23.83
CA LYS F 46 28.21 -22.50 -23.59
C LYS F 46 27.11 -22.09 -22.63
N GLY F 47 26.24 -23.05 -22.32
CA GLY F 47 25.01 -22.74 -21.60
C GLY F 47 23.98 -22.19 -22.57
N VAL F 48 23.50 -20.98 -22.31
CA VAL F 48 22.60 -20.34 -23.26
C VAL F 48 23.35 -19.77 -24.47
N PHE F 49 24.67 -19.63 -24.37
CA PHE F 49 25.46 -19.10 -25.47
C PHE F 49 25.98 -20.23 -26.35
N ARG F 50 26.17 -19.91 -27.63
CA ARG F 50 26.79 -20.80 -28.60
C ARG F 50 27.96 -20.07 -29.26
N THR F 51 28.90 -20.83 -29.80
CA THR F 51 30.05 -20.24 -30.46
C THR F 51 29.68 -19.78 -31.87
N ARG F 52 29.88 -18.49 -32.13
CA ARG F 52 29.75 -17.92 -33.46
C ARG F 52 31.06 -17.95 -34.24
N LYS F 53 32.17 -17.79 -33.53
CA LYS F 53 33.51 -17.84 -34.11
C LYS F 53 34.50 -18.05 -32.97
N GLU F 54 35.29 -19.12 -33.04
CA GLU F 54 36.13 -19.50 -31.91
C GLU F 54 37.41 -18.65 -31.85
N CYS F 55 37.93 -18.50 -30.63
CA CYS F 55 39.12 -17.68 -30.38
C CYS F 55 40.28 -18.15 -31.25
N SER F 56 40.98 -17.20 -31.87
CA SER F 56 42.13 -17.53 -32.70
C SER F 56 43.29 -16.54 -32.52
N SER F 59 42.13 -12.85 -32.36
CA SER F 59 40.67 -12.81 -32.32
C SER F 59 40.13 -13.61 -31.13
N ASN F 60 39.38 -12.94 -30.26
CA ASN F 60 38.72 -13.61 -29.15
C ASN F 60 37.43 -14.26 -29.64
N ALA F 61 37.08 -15.38 -29.00
CA ALA F 61 35.87 -16.10 -29.39
C ALA F 61 34.64 -15.22 -29.22
N GLU F 62 33.75 -15.30 -30.20
CA GLU F 62 32.50 -14.54 -30.20
C GLU F 62 31.34 -15.50 -30.05
N CYS F 63 30.31 -15.06 -29.32
CA CYS F 63 29.20 -15.92 -28.97
C CYS F 63 27.90 -15.44 -29.59
N ASP F 64 27.03 -16.40 -29.90
CA ASP F 64 25.64 -16.19 -30.25
C ASP F 64 24.78 -16.77 -29.13
N CYS F 65 23.46 -16.65 -29.29
CA CYS F 65 22.54 -17.29 -28.36
C CYS F 65 22.02 -18.59 -28.97
N THR F 66 21.78 -19.57 -28.10
CA THR F 66 21.21 -20.84 -28.54
C THR F 66 19.85 -20.59 -29.20
N PRO F 67 19.44 -21.45 -30.13
CA PRO F 67 18.12 -21.29 -30.76
C PRO F 67 17.01 -21.19 -29.71
N GLY F 68 16.09 -20.26 -29.95
CA GLY F 68 15.07 -19.92 -28.99
C GLY F 68 15.41 -18.73 -28.11
N PHE F 69 16.59 -18.13 -28.30
CA PHE F 69 17.04 -16.99 -27.50
C PHE F 69 17.62 -15.94 -28.44
N HIS F 70 17.61 -14.69 -27.99
CA HIS F 70 18.12 -13.58 -28.79
C HIS F 70 19.15 -12.79 -27.97
N CYS F 71 20.07 -12.15 -28.68
CA CYS F 71 21.21 -11.49 -28.06
C CYS F 71 20.82 -10.13 -27.50
N LEU F 72 21.52 -9.74 -26.43
CA LEU F 72 21.44 -8.40 -25.88
C LEU F 72 22.83 -8.01 -25.38
N GLY F 73 23.12 -6.71 -25.38
CA GLY F 73 24.38 -6.21 -24.90
C GLY F 73 25.50 -6.35 -25.91
N ALA F 74 26.61 -5.65 -25.62
CA ALA F 74 27.76 -5.65 -26.52
C ALA F 74 28.40 -7.03 -26.57
N GLY F 75 28.73 -7.47 -27.79
CA GLY F 75 29.32 -8.78 -27.98
C GLY F 75 28.41 -9.93 -27.58
N CYS F 76 27.10 -9.70 -27.60
CA CYS F 76 26.10 -10.67 -27.15
C CYS F 76 26.46 -11.19 -25.75
N SER F 77 26.52 -10.25 -24.81
CA SER F 77 26.84 -10.59 -23.43
C SER F 77 25.64 -11.14 -22.66
N MET F 78 24.44 -11.05 -23.24
CA MET F 78 23.23 -11.54 -22.58
C MET F 78 22.35 -12.25 -23.59
N CYS F 79 21.56 -13.21 -23.09
CA CYS F 79 20.61 -13.94 -23.91
C CYS F 79 19.23 -13.89 -23.24
N GLU F 80 18.22 -13.53 -24.01
CA GLU F 80 16.85 -13.42 -23.53
C GLU F 80 15.97 -14.37 -24.33
N GLN F 81 15.04 -15.03 -23.66
CA GLN F 81 14.23 -16.06 -24.31
C GLN F 81 13.30 -15.45 -25.36
N ASP F 82 13.25 -16.10 -26.52
CA ASP F 82 12.30 -15.71 -27.56
C ASP F 82 10.87 -16.05 -27.12
N CYS F 83 9.92 -15.37 -27.75
CA CYS F 83 8.52 -15.72 -27.69
C CYS F 83 7.99 -15.77 -29.12
N LYS F 84 6.75 -16.24 -29.27
CA LYS F 84 6.14 -16.21 -30.58
C LYS F 84 5.62 -14.81 -30.89
N GLN F 85 5.38 -14.54 -32.17
CA GLN F 85 4.69 -13.32 -32.55
C GLN F 85 3.32 -13.29 -31.87
N GLY F 86 2.91 -12.10 -31.46
CA GLY F 86 1.71 -11.98 -30.66
C GLY F 86 1.90 -12.29 -29.19
N GLN F 87 3.14 -12.40 -28.73
CA GLN F 87 3.43 -12.73 -27.35
C GLN F 87 4.46 -11.73 -26.79
N GLU F 88 4.64 -11.80 -25.49
CA GLU F 88 5.58 -10.95 -24.77
C GLU F 88 6.13 -11.74 -23.61
N LEU F 89 7.43 -11.62 -23.37
CA LEU F 89 8.08 -12.42 -22.32
C LEU F 89 7.83 -11.80 -20.96
N THR F 90 7.47 -12.63 -20.00
CA THR F 90 7.34 -12.25 -18.60
C THR F 90 8.14 -13.24 -17.75
N LYS F 91 8.19 -12.96 -16.45
CA LYS F 91 8.88 -13.86 -15.54
C LYS F 91 8.23 -15.24 -15.50
N LYS F 92 6.93 -15.31 -15.79
CA LYS F 92 6.22 -16.58 -15.82
C LYS F 92 6.22 -17.22 -17.20
N GLY F 93 6.95 -16.66 -18.15
CA GLY F 93 7.04 -17.19 -19.49
C GLY F 93 6.38 -16.27 -20.50
N CYS F 94 6.17 -16.81 -21.69
CA CYS F 94 5.55 -16.06 -22.78
C CYS F 94 4.06 -15.90 -22.53
N LYS F 95 3.56 -14.69 -22.75
CA LYS F 95 2.16 -14.36 -22.51
C LYS F 95 1.61 -13.62 -23.72
N ASP F 96 0.41 -14.00 -24.14
CA ASP F 96 -0.20 -13.41 -25.32
C ASP F 96 -0.44 -11.92 -25.12
N CYS F 97 -0.34 -11.16 -26.21
CA CYS F 97 -0.65 -9.75 -26.16
C CYS F 97 -2.11 -9.53 -25.77
N CYS F 98 -2.36 -8.43 -25.07
CA CYS F 98 -3.71 -8.06 -24.72
C CYS F 98 -4.45 -7.56 -25.96
N PHE F 99 -5.79 -7.59 -25.89
CA PHE F 99 -6.59 -7.10 -27.00
C PHE F 99 -6.27 -5.64 -27.27
N GLY F 100 -6.23 -5.29 -28.55
CA GLY F 100 -5.85 -3.95 -28.96
C GLY F 100 -4.36 -3.71 -29.05
N THR F 101 -3.54 -4.69 -28.68
CA THR F 101 -2.09 -4.59 -28.80
C THR F 101 -1.57 -5.75 -29.64
N PHE F 102 -0.32 -5.62 -30.07
CA PHE F 102 0.28 -6.61 -30.97
C PHE F 102 1.79 -6.62 -30.79
N ASN F 103 2.41 -7.71 -31.23
CA ASN F 103 3.86 -7.81 -31.29
C ASN F 103 4.22 -8.64 -32.50
N ASP F 104 4.88 -8.02 -33.49
CA ASP F 104 5.26 -8.69 -34.71
C ASP F 104 6.67 -9.27 -34.67
N GLN F 105 7.31 -9.26 -33.51
CA GLN F 105 8.66 -9.80 -33.35
C GLN F 105 8.64 -10.96 -32.35
N LYS F 106 9.76 -11.67 -32.31
CA LYS F 106 9.97 -12.72 -31.32
C LYS F 106 10.63 -12.21 -30.06
N ARG F 107 10.80 -10.90 -29.93
CA ARG F 107 11.35 -10.26 -28.75
C ARG F 107 10.52 -9.01 -28.47
N GLY F 108 10.82 -8.35 -27.34
CA GLY F 108 10.17 -7.11 -27.02
C GLY F 108 8.80 -7.28 -26.40
N ILE F 109 8.08 -6.17 -26.34
CA ILE F 109 6.78 -6.10 -25.69
C ILE F 109 5.72 -5.75 -26.74
N CYS F 110 4.46 -5.92 -26.36
CA CYS F 110 3.35 -5.54 -27.21
C CYS F 110 3.14 -4.03 -27.18
N ARG F 111 2.47 -3.53 -28.21
CA ARG F 111 2.17 -2.11 -28.31
C ARG F 111 0.82 -1.94 -29.00
N PRO F 112 0.14 -0.82 -28.75
CA PRO F 112 -1.23 -0.67 -29.27
C PRO F 112 -1.28 -0.64 -30.79
N TRP F 113 -2.39 -1.11 -31.34
CA TRP F 113 -2.67 -0.96 -32.76
C TRP F 113 -2.64 0.52 -33.14
N THR F 114 -2.27 0.79 -34.39
CA THR F 114 -2.43 2.13 -34.91
C THR F 114 -3.90 2.45 -35.10
N ASN F 115 -4.29 3.68 -34.76
CA ASN F 115 -5.66 4.14 -34.96
C ASN F 115 -5.71 4.88 -36.29
N CYS F 116 -6.40 4.28 -37.27
CA CYS F 116 -6.46 4.89 -38.59
C CYS F 116 -7.30 6.16 -38.59
N SER F 117 -8.28 6.26 -37.69
CA SER F 117 -9.15 7.43 -37.65
C SER F 117 -8.42 8.67 -37.14
N LEU F 118 -7.43 8.49 -36.26
CA LEU F 118 -6.65 9.62 -35.77
C LEU F 118 -5.94 10.34 -36.92
N ASP F 119 -5.33 9.57 -37.82
CA ASP F 119 -4.80 10.13 -39.06
C ASP F 119 -5.91 10.58 -40.00
N GLY F 120 -7.13 10.06 -39.82
CA GLY F 120 -8.19 10.31 -40.76
C GLY F 120 -8.09 9.38 -41.94
N LYS F 121 -8.01 8.08 -41.64
CA LYS F 121 -7.90 7.04 -42.66
C LYS F 121 -8.88 5.92 -42.31
N SER F 122 -9.01 4.98 -43.24
CA SER F 122 -9.88 3.83 -43.07
C SER F 122 -9.07 2.63 -42.60
N VAL F 123 -9.80 1.58 -42.21
CA VAL F 123 -9.19 0.34 -41.75
C VAL F 123 -9.27 -0.67 -42.89
N LEU F 124 -8.12 -1.04 -43.45
CA LEU F 124 -8.08 -2.01 -44.53
C LEU F 124 -8.14 -3.43 -44.00
N VAL F 125 -7.29 -3.76 -43.03
CA VAL F 125 -7.26 -5.07 -42.39
C VAL F 125 -7.34 -4.87 -40.88
N ASN F 126 -8.21 -5.62 -40.23
CA ASN F 126 -8.30 -5.57 -38.77
C ASN F 126 -7.01 -6.08 -38.15
N GLY F 127 -6.67 -5.53 -36.99
CA GLY F 127 -5.49 -5.98 -36.29
C GLY F 127 -5.69 -7.31 -35.61
N THR F 128 -4.57 -7.97 -35.32
CA THR F 128 -4.52 -9.19 -34.53
C THR F 128 -3.42 -9.03 -33.48
N LYS F 129 -3.26 -10.05 -32.65
CA LYS F 129 -2.17 -10.01 -31.67
C LYS F 129 -0.80 -10.10 -32.34
N GLU F 130 -0.73 -10.65 -33.55
CA GLU F 130 0.54 -10.78 -34.26
C GLU F 130 0.82 -9.65 -35.23
N ARG F 131 -0.20 -8.86 -35.59
CA ARG F 131 -0.06 -7.91 -36.68
C ARG F 131 -0.85 -6.64 -36.40
N ASP F 132 -0.25 -5.50 -36.73
CA ASP F 132 -0.91 -4.22 -36.57
C ASP F 132 -2.08 -4.08 -37.56
N VAL F 133 -2.97 -3.13 -37.24
CA VAL F 133 -4.00 -2.74 -38.20
C VAL F 133 -3.35 -2.15 -39.44
N VAL F 134 -3.90 -2.47 -40.60
CA VAL F 134 -3.43 -1.91 -41.87
C VAL F 134 -4.40 -0.79 -42.27
N CYS F 135 -3.89 0.42 -42.34
CA CYS F 135 -4.69 1.57 -42.79
C CYS F 135 -4.49 1.78 -44.29
N GLU G 1 -22.56 -5.87 0.77
CA GLU G 1 -22.19 -5.01 1.88
C GLU G 1 -21.18 -5.71 2.78
N VAL G 2 -20.70 -4.99 3.79
CA VAL G 2 -19.74 -5.52 4.75
C VAL G 2 -20.51 -6.18 5.89
N GLN G 3 -20.08 -7.38 6.29
CA GLN G 3 -20.70 -8.11 7.37
C GLN G 3 -19.64 -8.78 8.23
N LEU G 4 -19.84 -8.74 9.54
CA LEU G 4 -19.10 -9.55 10.49
C LEU G 4 -20.08 -10.55 11.09
N VAL G 5 -19.84 -11.84 10.84
CA VAL G 5 -20.74 -12.91 11.26
C VAL G 5 -19.99 -13.79 12.24
N GLN G 6 -20.55 -13.94 13.44
CA GLN G 6 -19.91 -14.71 14.50
C GLN G 6 -20.54 -16.09 14.63
N SER G 7 -19.80 -16.98 15.28
CA SER G 7 -20.28 -18.34 15.49
C SER G 7 -21.41 -18.36 16.53
N GLY G 8 -22.08 -19.51 16.62
CA GLY G 8 -23.28 -19.62 17.44
C GLY G 8 -23.01 -19.70 18.93
N ALA G 9 -24.10 -19.68 19.69
CA ALA G 9 -24.02 -19.67 21.15
C ALA G 9 -23.33 -20.93 21.68
N GLU G 10 -22.66 -20.79 22.82
CA GLU G 10 -21.87 -21.87 23.39
C GLU G 10 -22.26 -22.09 24.83
N VAL G 11 -22.42 -23.37 25.20
CA VAL G 11 -22.73 -23.79 26.56
C VAL G 11 -21.62 -24.73 27.01
N LYS G 12 -20.82 -24.28 27.97
CA LYS G 12 -19.64 -25.02 28.39
C LYS G 12 -19.57 -25.11 29.92
N LYS G 13 -18.68 -25.98 30.40
CA LYS G 13 -18.34 -26.25 31.79
C LYS G 13 -16.97 -25.64 32.11
N PRO G 14 -16.74 -25.22 33.37
CA PRO G 14 -15.40 -24.72 33.73
C PRO G 14 -14.34 -25.78 33.48
N GLY G 15 -13.15 -25.32 33.08
CA GLY G 15 -12.05 -26.19 32.76
C GLY G 15 -11.97 -26.57 31.29
N GLU G 16 -13.01 -26.33 30.51
CA GLU G 16 -12.98 -26.61 29.09
C GLU G 16 -12.31 -25.46 28.34
N SER G 17 -11.65 -25.80 27.24
CA SER G 17 -11.18 -24.80 26.30
C SER G 17 -12.29 -24.46 25.31
N LEU G 18 -12.14 -23.34 24.62
CA LEU G 18 -13.17 -22.89 23.71
C LEU G 18 -12.55 -21.90 22.72
N ARG G 19 -12.97 -22.00 21.46
CA ARG G 19 -12.63 -21.02 20.44
C ARG G 19 -13.90 -20.60 19.72
N ILE G 20 -14.14 -19.29 19.66
CA ILE G 20 -15.25 -18.75 18.89
C ILE G 20 -14.66 -17.93 17.75
N SER G 21 -15.47 -17.68 16.72
CA SER G 21 -14.96 -17.14 15.47
C SER G 21 -15.78 -15.95 15.01
N CYS G 22 -15.19 -15.21 14.07
CA CYS G 22 -15.81 -14.01 13.51
C CYS G 22 -15.33 -13.90 12.07
N LYS G 23 -16.23 -14.09 11.12
CA LYS G 23 -15.89 -14.06 9.70
C LYS G 23 -16.33 -12.72 9.09
N GLY G 24 -15.39 -12.05 8.45
CA GLY G 24 -15.67 -10.81 7.74
C GLY G 24 -15.90 -11.06 6.26
N SER G 25 -16.78 -10.26 5.67
CA SER G 25 -17.10 -10.38 4.26
C SER G 25 -17.43 -9.01 3.70
N GLY G 26 -17.14 -8.82 2.42
CA GLY G 26 -17.44 -7.57 1.75
C GLY G 26 -16.32 -6.55 1.72
N TYR G 27 -15.15 -6.89 2.26
CA TYR G 27 -14.03 -5.96 2.30
C TYR G 27 -12.74 -6.75 2.41
N SER G 28 -11.61 -6.03 2.36
CA SER G 28 -10.29 -6.65 2.42
C SER G 28 -9.97 -6.95 3.89
N PHE G 29 -10.16 -8.22 4.28
CA PHE G 29 -10.06 -8.60 5.69
C PHE G 29 -8.67 -8.32 6.27
N SER G 30 -7.63 -8.40 5.43
CA SER G 30 -6.26 -8.31 5.93
C SER G 30 -5.83 -6.90 6.30
N THR G 31 -6.60 -5.87 5.93
CA THR G 31 -6.16 -4.49 6.07
C THR G 31 -6.95 -3.70 7.10
N TYR G 32 -7.82 -4.35 7.87
CA TYR G 32 -8.55 -3.71 8.96
C TYR G 32 -8.35 -4.52 10.23
N TRP G 33 -8.17 -3.81 11.34
CA TRP G 33 -8.05 -4.50 12.63
C TRP G 33 -9.38 -5.12 13.03
N ILE G 34 -9.30 -6.20 13.80
CA ILE G 34 -10.47 -6.82 14.41
C ILE G 34 -10.27 -6.79 15.92
N SER G 35 -11.19 -6.14 16.62
CA SER G 35 -11.17 -6.11 18.08
C SER G 35 -12.20 -7.08 18.64
N TRP G 36 -11.94 -7.57 19.84
CA TRP G 36 -12.88 -8.39 20.59
C TRP G 36 -13.30 -7.65 21.84
N VAL G 37 -14.59 -7.73 22.18
CA VAL G 37 -15.18 -6.97 23.27
C VAL G 37 -16.05 -7.90 24.10
N ARG G 38 -15.86 -7.89 25.42
CA ARG G 38 -16.64 -8.70 26.34
C ARG G 38 -17.73 -7.86 26.98
N GLN G 39 -18.93 -8.45 27.12
CA GLN G 39 -20.03 -7.81 27.84
C GLN G 39 -20.66 -8.86 28.75
N MET G 40 -20.31 -8.83 30.04
CA MET G 40 -20.90 -9.73 31.01
C MET G 40 -22.36 -9.36 31.22
N PRO G 41 -23.18 -10.31 31.69
CA PRO G 41 -24.63 -10.06 31.78
C PRO G 41 -24.95 -8.82 32.60
N GLY G 42 -25.65 -7.89 31.98
CA GLY G 42 -26.05 -6.65 32.64
C GLY G 42 -24.94 -5.67 32.89
N LYS G 43 -23.73 -5.91 32.38
CA LYS G 43 -22.59 -5.03 32.59
C LYS G 43 -22.23 -4.33 31.28
N GLY G 44 -21.13 -3.57 31.33
CA GLY G 44 -20.73 -2.74 30.21
C GLY G 44 -19.80 -3.44 29.25
N LEU G 45 -19.43 -2.71 28.19
CA LEU G 45 -18.50 -3.20 27.20
C LEU G 45 -17.06 -3.10 27.71
N GLU G 46 -16.27 -4.13 27.42
CA GLU G 46 -14.86 -4.18 27.82
C GLU G 46 -14.03 -4.57 26.60
N TRP G 47 -13.07 -3.71 26.24
CA TRP G 47 -12.17 -4.02 25.13
C TRP G 47 -11.15 -5.06 25.59
N MET G 48 -11.09 -6.19 24.88
CA MET G 48 -10.18 -7.27 25.24
C MET G 48 -8.86 -7.19 24.51
N GLY G 49 -8.88 -6.85 23.24
CA GLY G 49 -7.68 -6.86 22.42
C GLY G 49 -8.05 -6.80 20.95
N LYS G 50 -7.01 -6.77 20.11
CA LYS G 50 -7.24 -6.65 18.68
C LYS G 50 -6.13 -7.36 17.92
N ILE G 51 -6.43 -7.68 16.67
CA ILE G 51 -5.49 -8.36 15.78
C ILE G 51 -5.52 -7.68 14.42
N TYR G 52 -4.34 -7.54 13.80
CA TYR G 52 -4.26 -7.13 12.41
C TYR G 52 -4.13 -8.39 11.56
N PRO G 53 -5.18 -8.82 10.87
CA PRO G 53 -5.12 -10.13 10.20
C PRO G 53 -4.08 -10.23 9.11
N GLY G 54 -3.56 -9.11 8.61
CA GLY G 54 -2.56 -9.16 7.56
C GLY G 54 -1.32 -9.93 7.98
N ASP G 55 -0.76 -9.59 9.14
CA ASP G 55 0.40 -10.30 9.67
C ASP G 55 0.13 -10.93 11.04
N SER G 56 -1.13 -10.92 11.48
CA SER G 56 -1.55 -11.54 12.74
C SER G 56 -0.94 -10.89 13.97
N TYR G 57 -0.49 -9.64 13.86
CA TYR G 57 -0.03 -8.94 15.06
C TYR G 57 -1.21 -8.71 16.01
N THR G 58 -1.01 -9.04 17.28
CA THR G 58 -2.06 -9.01 18.28
C THR G 58 -1.56 -8.24 19.50
N ASN G 59 -2.45 -7.46 20.12
CA ASN G 59 -2.17 -6.85 21.41
C ASN G 59 -3.43 -6.89 22.26
N TYR G 60 -3.24 -6.81 23.57
CA TYR G 60 -4.31 -7.06 24.53
C TYR G 60 -4.37 -5.94 25.55
N SER G 61 -5.55 -5.72 26.11
CA SER G 61 -5.65 -4.85 27.27
C SER G 61 -5.00 -5.55 28.46
N PRO G 62 -4.43 -4.80 29.40
CA PRO G 62 -3.66 -5.43 30.49
C PRO G 62 -4.43 -6.48 31.27
N SER G 63 -5.72 -6.28 31.50
CA SER G 63 -6.51 -7.23 32.28
C SER G 63 -6.84 -8.50 31.52
N PHE G 64 -6.67 -8.53 30.21
CA PHE G 64 -6.93 -9.73 29.42
C PHE G 64 -5.66 -10.40 28.90
N GLN G 65 -4.51 -9.74 29.02
CA GLN G 65 -3.25 -10.34 28.63
C GLN G 65 -3.03 -11.65 29.38
N GLY G 66 -2.71 -12.71 28.63
CA GLY G 66 -2.49 -14.02 29.21
C GLY G 66 -3.74 -14.78 29.58
N GLN G 67 -4.91 -14.16 29.56
CA GLN G 67 -6.15 -14.84 29.85
C GLN G 67 -6.81 -15.40 28.60
N VAL G 68 -6.57 -14.79 27.45
CA VAL G 68 -7.24 -15.14 26.20
C VAL G 68 -6.22 -15.05 25.07
N THR G 69 -6.54 -15.70 23.96
CA THR G 69 -5.71 -15.63 22.76
C THR G 69 -6.58 -15.25 21.56
N ILE G 70 -6.14 -14.21 20.85
CA ILE G 70 -6.77 -13.78 19.61
C ILE G 70 -5.89 -14.23 18.46
N SER G 71 -6.51 -14.79 17.42
CA SER G 71 -5.80 -15.28 16.25
C SER G 71 -6.63 -15.01 15.01
N ALA G 72 -6.09 -15.35 13.84
CA ALA G 72 -6.76 -15.06 12.59
C ALA G 72 -6.29 -16.05 11.51
N ASP G 73 -7.22 -16.43 10.65
CA ASP G 73 -6.93 -17.14 9.40
C ASP G 73 -7.38 -16.24 8.26
N LYS G 74 -6.45 -15.44 7.73
CA LYS G 74 -6.83 -14.44 6.74
C LYS G 74 -7.23 -15.05 5.41
N SER G 75 -6.82 -16.29 5.14
CA SER G 75 -7.20 -16.94 3.88
C SER G 75 -8.70 -17.19 3.81
N ILE G 76 -9.35 -17.34 4.95
CA ILE G 76 -10.80 -17.49 5.02
C ILE G 76 -11.45 -16.30 5.72
N SER G 77 -10.72 -15.19 5.86
CA SER G 77 -11.25 -13.93 6.38
C SER G 77 -11.91 -14.11 7.75
N THR G 78 -11.24 -14.85 8.64
CA THR G 78 -11.82 -15.20 9.93
C THR G 78 -10.86 -14.86 11.06
N ALA G 79 -11.41 -14.28 12.13
CA ALA G 79 -10.70 -14.03 13.37
C ALA G 79 -11.24 -14.95 14.46
N TYR G 80 -10.41 -15.22 15.46
CA TYR G 80 -10.76 -16.17 16.50
C TYR G 80 -10.46 -15.58 17.88
N LEU G 81 -11.22 -16.04 18.87
CA LEU G 81 -10.97 -15.75 20.28
C LEU G 81 -11.06 -17.07 21.04
N GLN G 82 -10.05 -17.37 21.86
CA GLN G 82 -10.01 -18.68 22.48
C GLN G 82 -9.53 -18.62 23.92
N TRP G 83 -10.10 -19.51 24.74
CA TRP G 83 -9.72 -19.69 26.13
C TRP G 83 -9.08 -21.06 26.33
N SER G 84 -8.07 -21.14 27.19
CA SER G 84 -7.50 -22.44 27.53
C SER G 84 -8.35 -23.17 28.57
N SER G 85 -8.89 -22.42 29.54
CA SER G 85 -9.69 -23.04 30.61
C SER G 85 -10.74 -22.02 31.03
N LEU G 86 -11.98 -22.26 30.63
CA LEU G 86 -13.07 -21.34 30.94
C LEU G 86 -13.39 -21.34 32.42
N LYS G 87 -13.77 -20.17 32.94
CA LYS G 87 -14.34 -20.04 34.27
C LYS G 87 -15.80 -19.65 34.13
N ALA G 88 -16.55 -19.84 35.24
CA ALA G 88 -17.93 -19.40 35.28
C ALA G 88 -18.04 -17.90 35.04
N SER G 89 -17.04 -17.13 35.46
CA SER G 89 -17.05 -15.68 35.27
C SER G 89 -16.81 -15.28 33.82
N ASP G 90 -16.48 -16.21 32.93
CA ASP G 90 -16.35 -15.91 31.52
C ASP G 90 -17.70 -15.83 30.82
N THR G 91 -18.79 -16.18 31.51
CA THR G 91 -20.12 -16.09 30.93
C THR G 91 -20.40 -14.66 30.51
N ALA G 92 -20.63 -14.46 29.21
CA ALA G 92 -20.79 -13.12 28.66
C ALA G 92 -21.19 -13.22 27.19
N MET G 93 -21.60 -12.08 26.65
CA MET G 93 -21.71 -11.90 25.21
C MET G 93 -20.38 -11.36 24.70
N TYR G 94 -19.87 -11.97 23.63
CA TYR G 94 -18.61 -11.56 23.04
C TYR G 94 -18.87 -11.03 21.64
N TYR G 95 -18.41 -9.80 21.39
CA TYR G 95 -18.54 -9.14 20.11
C TYR G 95 -17.18 -9.04 19.44
N CYS G 96 -17.16 -9.23 18.12
CA CYS G 96 -16.04 -8.79 17.31
C CYS G 96 -16.46 -7.51 16.59
N ALA G 97 -15.50 -6.61 16.43
CA ALA G 97 -15.76 -5.33 15.78
C ALA G 97 -14.59 -4.96 14.89
N ARG G 98 -14.88 -4.26 13.81
CA ARG G 98 -13.85 -3.79 12.90
C ARG G 98 -13.32 -2.46 13.38
N GLY G 99 -12.00 -2.37 13.53
CA GLY G 99 -11.35 -1.15 13.95
C GLY G 99 -10.63 -1.31 15.27
N TYR G 100 -9.98 -0.23 15.68
CA TYR G 100 -9.19 -0.17 16.90
C TYR G 100 -9.65 0.90 17.88
N GLY G 101 -10.11 2.06 17.41
CA GLY G 101 -10.86 2.96 18.28
C GLY G 101 -12.25 3.28 17.77
N ILE G 102 -12.38 3.44 16.47
CA ILE G 102 -13.66 3.63 15.82
C ILE G 102 -14.11 2.25 15.33
N PHE G 103 -15.16 1.72 15.95
CA PHE G 103 -15.68 0.40 15.59
C PHE G 103 -16.90 0.62 14.71
N ASP G 104 -16.70 0.57 13.39
CA ASP G 104 -17.75 0.94 12.45
C ASP G 104 -18.60 -0.24 12.01
N TYR G 105 -18.17 -1.47 12.27
CA TYR G 105 -19.00 -2.65 12.05
C TYR G 105 -18.88 -3.56 13.26
N TRP G 106 -19.99 -4.21 13.61
CA TRP G 106 -20.03 -5.13 14.75
C TRP G 106 -20.63 -6.45 14.32
N GLY G 107 -20.13 -7.53 14.89
CA GLY G 107 -20.79 -8.81 14.76
C GLY G 107 -22.07 -8.85 15.57
N GLN G 108 -22.87 -9.89 15.34
CA GLN G 108 -24.10 -10.06 16.08
C GLN G 108 -23.87 -10.53 17.51
N GLY G 109 -22.64 -10.89 17.86
CA GLY G 109 -22.35 -11.36 19.21
C GLY G 109 -22.47 -12.86 19.34
N THR G 110 -21.65 -13.41 20.22
CA THR G 110 -21.69 -14.83 20.57
C THR G 110 -21.86 -14.95 22.07
N LEU G 111 -22.97 -15.52 22.50
CA LEU G 111 -23.22 -15.74 23.92
C LEU G 111 -22.51 -17.01 24.37
N VAL G 112 -21.67 -16.87 25.39
CA VAL G 112 -20.94 -17.99 25.98
C VAL G 112 -21.40 -18.12 27.43
N THR G 113 -22.03 -19.24 27.75
CA THR G 113 -22.49 -19.51 29.11
C THR G 113 -21.64 -20.63 29.69
N VAL G 114 -20.94 -20.34 30.78
CA VAL G 114 -20.10 -21.31 31.48
C VAL G 114 -20.73 -21.57 32.84
N SER G 115 -21.26 -22.78 33.02
CA SER G 115 -21.97 -23.14 34.25
C SER G 115 -21.47 -24.48 34.75
N SER G 116 -21.39 -24.60 36.07
CA SER G 116 -21.01 -25.85 36.71
C SER G 116 -22.17 -26.84 36.71
N TYR H 3 -5.54 3.26 32.03
CA TYR H 3 -6.46 4.35 31.68
C TYR H 3 -7.91 3.91 31.87
N GLU H 4 -8.67 4.70 32.61
CA GLU H 4 -10.07 4.40 32.93
C GLU H 4 -10.95 5.59 32.59
N LEU H 5 -12.16 5.30 32.12
CA LEU H 5 -13.15 6.32 31.77
C LEU H 5 -14.39 6.12 32.64
N THR H 6 -14.83 7.19 33.30
CA THR H 6 -15.91 7.13 34.27
C THR H 6 -17.16 7.81 33.73
N GLN H 7 -18.28 7.09 33.72
CA GLN H 7 -19.58 7.62 33.33
C GLN H 7 -20.57 7.47 34.48
N PRO H 8 -21.49 8.41 34.63
CA PRO H 8 -22.62 8.21 35.54
C PRO H 8 -23.41 6.98 35.12
N PRO H 9 -23.79 6.11 36.06
CA PRO H 9 -24.46 4.87 35.67
C PRO H 9 -25.82 5.09 35.02
N SER H 10 -26.51 6.20 35.31
CA SER H 10 -27.86 6.35 34.78
C SER H 10 -28.22 7.82 34.68
N VAL H 11 -28.97 8.16 33.63
CA VAL H 11 -29.53 9.48 33.41
C VAL H 11 -31.00 9.31 33.06
N SER H 12 -31.85 10.19 33.58
CA SER H 12 -33.29 10.10 33.37
C SER H 12 -33.80 11.46 32.89
N VAL H 13 -34.60 11.43 31.80
CA VAL H 13 -35.17 12.65 31.23
C VAL H 13 -36.62 12.38 30.83
N SER H 14 -37.39 13.48 30.74
CA SER H 14 -38.70 13.43 30.13
C SER H 14 -38.58 13.66 28.62
N PRO H 15 -39.52 13.15 27.82
CA PRO H 15 -39.46 13.38 26.38
C PRO H 15 -39.41 14.86 26.05
N GLY H 16 -38.53 15.22 25.12
CA GLY H 16 -38.32 16.60 24.75
C GLY H 16 -37.21 17.29 25.50
N GLN H 17 -36.83 16.79 26.67
CA GLN H 17 -35.75 17.39 27.45
C GLN H 17 -34.40 16.93 26.94
N THR H 18 -33.38 17.76 27.18
CA THR H 18 -32.03 17.46 26.74
C THR H 18 -31.40 16.43 27.68
N ALA H 19 -30.88 15.35 27.09
CA ALA H 19 -30.11 14.36 27.82
C ALA H 19 -28.63 14.68 27.67
N SER H 20 -27.93 14.74 28.80
CA SER H 20 -26.49 14.98 28.82
C SER H 20 -25.82 13.79 29.48
N ILE H 21 -24.93 13.14 28.76
CA ILE H 21 -24.20 11.96 29.24
C ILE H 21 -22.73 12.29 29.21
N THR H 22 -22.09 12.27 30.37
CA THR H 22 -20.69 12.66 30.49
C THR H 22 -19.80 11.43 30.63
N CYS H 23 -18.55 11.61 30.24
CA CYS H 23 -17.52 10.58 30.35
C CYS H 23 -16.24 11.29 30.75
N SER H 24 -15.73 11.01 31.95
CA SER H 24 -14.60 11.74 32.49
C SER H 24 -13.36 10.86 32.54
N GLY H 25 -12.22 11.48 32.25
CA GLY H 25 -10.93 10.81 32.28
C GLY H 25 -9.83 11.83 32.21
N ASP H 26 -8.70 11.55 32.83
CA ASP H 26 -7.59 12.51 32.87
C ASP H 26 -7.08 12.78 31.46
N ASN H 27 -7.19 14.05 31.04
CA ASN H 27 -6.74 14.50 29.73
C ASN H 27 -7.47 13.80 28.59
N ILE H 28 -8.74 13.43 28.81
CA ILE H 28 -9.52 12.83 27.73
C ILE H 28 -9.74 13.85 26.62
N GLY H 29 -9.70 15.14 26.93
CA GLY H 29 -9.82 16.17 25.91
C GLY H 29 -8.68 16.16 24.92
N ASP H 30 -7.54 15.56 25.26
CA ASP H 30 -6.42 15.44 24.35
C ASP H 30 -6.57 14.27 23.37
N GLN H 31 -7.60 13.44 23.54
CA GLN H 31 -7.85 12.29 22.69
C GLN H 31 -9.18 12.45 21.97
N TYR H 32 -9.42 11.58 21.00
CA TYR H 32 -10.72 11.52 20.33
C TYR H 32 -11.65 10.63 21.15
N ALA H 33 -12.86 11.13 21.40
CA ALA H 33 -13.89 10.37 22.09
C ALA H 33 -14.95 9.93 21.10
N HIS H 34 -15.38 8.68 21.20
CA HIS H 34 -16.44 8.13 20.37
C HIS H 34 -17.54 7.60 21.27
N TRP H 35 -18.77 7.66 20.77
CA TRP H 35 -19.95 7.31 21.55
C TRP H 35 -20.72 6.22 20.84
N TYR H 36 -21.08 5.16 21.57
CA TYR H 36 -21.81 4.04 21.04
C TYR H 36 -23.14 3.89 21.78
N GLN H 37 -24.19 3.58 21.02
CA GLN H 37 -25.51 3.33 21.57
C GLN H 37 -25.82 1.85 21.46
N GLN H 38 -26.35 1.28 22.54
CA GLN H 38 -26.73 -0.13 22.56
C GLN H 38 -28.12 -0.27 23.13
N LYS H 39 -29.02 -0.86 22.35
CA LYS H 39 -30.37 -1.17 22.76
C LYS H 39 -30.49 -2.64 23.15
N PRO H 40 -31.49 -2.99 23.96
CA PRO H 40 -31.61 -4.39 24.41
C PRO H 40 -31.62 -5.38 23.26
N GLY H 41 -30.77 -6.39 23.37
CA GLY H 41 -30.70 -7.44 22.37
C GLY H 41 -30.03 -7.06 21.07
N GLN H 42 -29.32 -5.94 21.02
CA GLN H 42 -28.70 -5.47 19.80
C GLN H 42 -27.22 -5.20 20.02
N SER H 43 -26.46 -5.24 18.93
CA SER H 43 -25.06 -4.87 18.96
C SER H 43 -24.92 -3.35 19.08
N PRO H 44 -23.79 -2.87 19.61
CA PRO H 44 -23.59 -1.42 19.71
C PRO H 44 -23.56 -0.76 18.35
N VAL H 45 -23.98 0.50 18.32
CA VAL H 45 -24.01 1.32 17.11
C VAL H 45 -23.33 2.65 17.44
N LEU H 46 -22.42 3.07 16.57
CA LEU H 46 -21.72 4.34 16.78
C LEU H 46 -22.65 5.50 16.48
N VAL H 47 -22.75 6.44 17.41
CA VAL H 47 -23.59 7.62 17.22
C VAL H 47 -22.79 8.92 17.11
N ILE H 48 -21.58 8.97 17.66
CA ILE H 48 -20.69 10.13 17.55
C ILE H 48 -19.26 9.63 17.43
N TYR H 49 -18.49 10.20 16.51
CA TYR H 49 -17.07 9.88 16.37
C TYR H 49 -16.24 11.16 16.35
N GLN H 50 -14.99 11.03 16.80
CA GLN H 50 -14.03 12.14 16.86
C GLN H 50 -14.61 13.35 17.59
N ASP H 51 -15.22 13.07 18.75
CA ASP H 51 -15.74 13.99 19.75
C ASP H 51 -16.99 14.75 19.33
N LYS H 52 -17.19 14.96 18.03
CA LYS H 52 -18.26 15.85 17.63
C LYS H 52 -18.90 15.48 16.29
N ASN H 53 -18.34 14.50 15.60
CA ASN H 53 -18.81 14.18 14.26
C ASN H 53 -19.92 13.14 14.35
N ARG H 54 -20.95 13.33 13.55
CA ARG H 54 -22.10 12.46 13.55
C ARG H 54 -22.16 11.67 12.26
N PRO H 55 -22.23 10.34 12.33
CA PRO H 55 -22.39 9.55 11.11
C PRO H 55 -23.71 9.89 10.42
N SER H 56 -23.67 9.91 9.10
CA SER H 56 -24.90 10.11 8.35
C SER H 56 -25.88 8.98 8.68
N GLY H 57 -27.15 9.34 8.80
CA GLY H 57 -28.17 8.41 9.24
C GLY H 57 -28.48 8.48 10.72
N ILE H 58 -27.56 8.99 11.53
CA ILE H 58 -27.84 9.22 12.95
C ILE H 58 -28.66 10.50 13.09
N PRO H 59 -29.75 10.50 13.85
CA PRO H 59 -30.58 11.72 13.96
C PRO H 59 -29.76 12.93 14.36
N GLU H 60 -30.10 14.08 13.76
CA GLU H 60 -29.35 15.31 13.99
C GLU H 60 -29.47 15.82 15.42
N ARG H 61 -30.36 15.26 16.24
CA ARG H 61 -30.45 15.68 17.63
C ARG H 61 -29.29 15.16 18.48
N PHE H 62 -28.45 14.27 17.93
CA PHE H 62 -27.27 13.80 18.64
C PHE H 62 -26.10 14.74 18.36
N SER H 63 -25.39 15.13 19.42
CA SER H 63 -24.19 15.93 19.27
C SER H 63 -23.20 15.54 20.37
N GLY H 64 -21.97 16.01 20.22
CA GLY H 64 -20.93 15.68 21.18
C GLY H 64 -19.91 16.78 21.31
N SER H 65 -19.23 16.78 22.45
CA SER H 65 -18.13 17.69 22.72
C SER H 65 -17.10 16.97 23.58
N ASN H 66 -15.90 17.52 23.64
CA ASN H 66 -14.82 16.93 24.43
C ASN H 66 -13.82 18.03 24.77
N SER H 67 -13.62 18.28 26.06
CA SER H 67 -12.70 19.31 26.51
C SER H 67 -12.18 18.94 27.89
N GLY H 68 -10.90 19.26 28.14
CA GLY H 68 -10.29 19.04 29.43
C GLY H 68 -10.36 17.60 29.90
N ASN H 69 -11.16 17.35 30.95
CA ASN H 69 -11.29 16.02 31.51
C ASN H 69 -12.67 15.41 31.27
N THR H 70 -13.45 15.94 30.32
CA THR H 70 -14.82 15.48 30.14
C THR H 70 -15.21 15.49 28.67
N ALA H 71 -15.73 14.36 28.20
CA ALA H 71 -16.45 14.28 26.94
C ALA H 71 -17.94 14.17 27.24
N THR H 72 -18.76 14.78 26.40
CA THR H 72 -20.19 14.87 26.65
C THR H 72 -20.97 14.52 25.40
N LEU H 73 -21.92 13.61 25.54
CA LEU H 73 -22.89 13.31 24.49
C LEU H 73 -24.19 14.01 24.84
N THR H 74 -24.73 14.77 23.89
CA THR H 74 -25.92 15.58 24.10
C THR H 74 -27.01 15.13 23.14
N ILE H 75 -28.21 14.88 23.67
CA ILE H 75 -29.38 14.55 22.86
C ILE H 75 -30.42 15.64 23.12
N SER H 76 -30.65 16.49 22.12
CA SER H 76 -31.70 17.49 22.21
C SER H 76 -33.04 16.86 21.87
N GLY H 77 -34.10 17.33 22.56
CA GLY H 77 -35.43 16.82 22.33
C GLY H 77 -35.52 15.30 22.39
N THR H 78 -34.97 14.72 23.46
CA THR H 78 -34.87 13.27 23.58
C THR H 78 -36.21 12.60 23.35
N GLN H 79 -36.20 11.52 22.59
CA GLN H 79 -37.38 10.73 22.31
C GLN H 79 -37.26 9.36 22.97
N ALA H 80 -38.41 8.70 23.15
CA ALA H 80 -38.43 7.39 23.78
C ALA H 80 -37.55 6.40 23.02
N MET H 81 -37.40 6.60 21.71
CA MET H 81 -36.53 5.74 20.91
C MET H 81 -35.07 5.84 21.32
N ASP H 82 -34.69 6.91 22.02
CA ASP H 82 -33.30 7.09 22.44
C ASP H 82 -32.96 6.37 23.74
N GLU H 83 -33.94 5.78 24.40
CA GLU H 83 -33.69 5.01 25.62
C GLU H 83 -32.77 3.84 25.31
N ALA H 84 -31.59 3.82 25.91
CA ALA H 84 -30.57 2.83 25.60
C ALA H 84 -29.41 3.02 26.57
N ASP H 85 -28.44 2.12 26.47
CA ASP H 85 -27.15 2.28 27.13
C ASP H 85 -26.19 2.99 26.19
N TYR H 86 -25.39 3.89 26.75
CA TYR H 86 -24.45 4.70 25.96
C TYR H 86 -23.05 4.55 26.53
N TYR H 87 -22.08 4.31 25.66
CA TYR H 87 -20.71 4.03 26.05
C TYR H 87 -19.77 5.01 25.35
N CYS H 88 -18.98 5.72 26.13
CA CYS H 88 -17.85 6.45 25.57
C CYS H 88 -16.68 5.50 25.35
N ALA H 89 -15.87 5.81 24.34
CA ALA H 89 -14.71 4.99 24.05
C ALA H 89 -13.60 5.87 23.50
N THR H 90 -12.36 5.48 23.76
CA THR H 90 -11.21 6.22 23.25
C THR H 90 -10.09 5.25 22.93
N TYR H 91 -9.23 5.65 21.99
CA TYR H 91 -8.04 4.90 21.62
C TYR H 91 -6.81 5.68 22.11
N THR H 92 -5.93 4.98 22.82
CA THR H 92 -4.70 5.57 23.35
C THR H 92 -3.51 5.00 22.57
N GLY H 93 -2.82 5.87 21.83
CA GLY H 93 -1.67 5.42 21.06
C GLY H 93 -0.53 4.93 21.94
N PHE H 94 -0.40 5.48 23.14
CA PHE H 94 0.64 5.06 24.08
C PHE H 94 0.21 3.73 24.67
N GLY H 95 0.65 2.64 24.04
CA GLY H 95 0.23 1.30 24.38
C GLY H 95 -0.78 0.69 23.43
N SER H 96 -1.34 1.48 22.52
CA SER H 96 -2.31 1.02 21.52
C SER H 96 -3.45 0.24 22.16
N LEU H 97 -4.17 0.93 23.05
CA LEU H 97 -5.27 0.35 23.79
C LEU H 97 -6.56 1.11 23.50
N ALA H 98 -7.66 0.38 23.40
CA ALA H 98 -8.99 0.96 23.38
C ALA H 98 -9.62 0.79 24.76
N VAL H 99 -10.38 1.79 25.19
CA VAL H 99 -10.98 1.79 26.52
C VAL H 99 -12.43 2.26 26.39
N PHE H 100 -13.36 1.51 26.99
CA PHE H 100 -14.75 1.90 27.08
C PHE H 100 -15.03 2.50 28.45
N GLY H 101 -15.88 3.52 28.49
CA GLY H 101 -16.44 3.95 29.75
C GLY H 101 -17.36 2.90 30.33
N GLY H 102 -17.76 3.11 31.58
CA GLY H 102 -18.62 2.15 32.25
C GLY H 102 -20.01 2.05 31.67
N GLY H 103 -20.44 3.04 30.91
CA GLY H 103 -21.76 3.02 30.32
C GLY H 103 -22.78 3.78 31.16
N THR H 104 -23.75 4.38 30.47
CA THR H 104 -24.84 5.11 31.11
C THR H 104 -26.15 4.62 30.54
N LYS H 105 -27.06 4.18 31.42
CA LYS H 105 -28.41 3.84 30.99
C LYS H 105 -29.25 5.10 30.91
N LEU H 106 -29.74 5.42 29.71
CA LEU H 106 -30.60 6.56 29.52
C LEU H 106 -32.05 6.09 29.56
N THR H 107 -32.80 6.59 30.54
CA THR H 107 -34.22 6.26 30.67
C THR H 107 -35.04 7.48 30.27
N VAL H 108 -36.06 7.26 29.44
CA VAL H 108 -37.00 8.31 29.06
C VAL H 108 -38.31 8.04 29.79
N LEU H 109 -38.66 8.94 30.70
CA LEU H 109 -39.83 8.78 31.55
C LEU H 109 -41.12 8.66 30.74
N CYS I 5 -52.70 2.11 0.80
CA CYS I 5 -51.55 2.92 0.46
C CYS I 5 -50.44 2.07 -0.17
N SER I 6 -50.75 0.79 -0.41
CA SER I 6 -49.72 -0.14 -0.84
C SER I 6 -49.33 0.03 -2.31
N ASN I 7 -50.27 0.47 -3.16
CA ASN I 7 -49.99 0.65 -4.58
C ASN I 7 -49.35 2.00 -4.89
N CYS I 8 -48.84 2.70 -3.87
CA CYS I 8 -47.98 3.84 -4.10
C CYS I 8 -46.54 3.31 -4.16
N PRO I 9 -45.90 3.27 -5.33
CA PRO I 9 -44.58 2.62 -5.42
C PRO I 9 -43.44 3.53 -5.02
N ALA I 10 -42.19 3.07 -5.21
CA ALA I 10 -41.04 3.91 -4.92
C ALA I 10 -41.05 5.15 -5.82
N GLY I 11 -40.78 6.30 -5.22
CA GLY I 11 -40.85 7.57 -5.91
C GLY I 11 -42.02 8.44 -5.52
N THR I 12 -42.98 7.90 -4.76
CA THR I 12 -44.16 8.64 -4.33
C THR I 12 -44.37 8.44 -2.84
N PHE I 13 -45.40 9.09 -2.32
CA PHE I 13 -45.83 8.91 -0.94
C PHE I 13 -47.36 8.96 -0.90
N CYS I 14 -47.93 8.39 0.16
CA CYS I 14 -49.37 8.32 0.32
C CYS I 14 -49.86 9.57 1.05
N ASP I 15 -50.65 10.38 0.35
CA ASP I 15 -51.19 11.60 0.93
C ASP I 15 -52.65 11.43 1.34
N ILE I 21 -53.94 9.18 -1.87
CA ILE I 21 -53.42 9.30 -3.22
C ILE I 21 -51.89 9.13 -3.22
N CYS I 22 -51.34 8.79 -4.38
CA CYS I 22 -49.89 8.64 -4.56
C CYS I 22 -49.37 9.89 -5.23
N SER I 23 -48.79 10.82 -4.43
CA SER I 23 -48.21 12.07 -4.89
C SER I 23 -46.71 11.92 -5.07
N PRO I 24 -46.11 12.59 -6.06
CA PRO I 24 -44.68 12.45 -6.29
C PRO I 24 -43.86 13.08 -5.16
N CYS I 25 -42.70 12.50 -4.92
CA CYS I 25 -41.79 13.06 -3.93
C CYS I 25 -41.29 14.43 -4.41
N PRO I 26 -41.30 15.44 -3.55
CA PRO I 26 -40.79 16.75 -3.95
C PRO I 26 -39.31 16.69 -4.27
N PRO I 27 -38.80 17.68 -5.02
CA PRO I 27 -37.35 17.70 -5.30
C PRO I 27 -36.53 17.65 -4.03
N ASN I 28 -35.38 16.99 -4.12
CA ASN I 28 -34.44 16.82 -3.00
C ASN I 28 -35.04 16.00 -1.87
N SER I 29 -36.09 15.23 -2.16
CA SER I 29 -36.59 14.18 -1.28
C SER I 29 -36.77 12.92 -2.12
N PHE I 30 -36.86 11.78 -1.46
CA PHE I 30 -36.86 10.51 -2.16
C PHE I 30 -37.71 9.49 -1.42
N SER I 31 -38.01 8.40 -2.11
CA SER I 31 -38.64 7.26 -1.48
C SER I 31 -38.24 6.01 -2.26
N SER I 32 -37.46 5.15 -1.63
CA SER I 32 -37.36 3.76 -2.06
C SER I 32 -38.66 3.08 -1.63
N ALA I 33 -38.70 1.74 -1.69
CA ALA I 33 -39.90 0.99 -2.04
C ALA I 33 -41.20 1.47 -1.41
N GLY I 34 -42.31 1.24 -2.12
CA GLY I 34 -43.57 1.89 -1.82
C GLY I 34 -44.20 1.64 -0.47
N GLY I 35 -45.39 2.25 -0.25
CA GLY I 35 -46.12 2.15 0.99
C GLY I 35 -45.94 3.31 1.93
N GLN I 36 -44.90 4.12 1.75
CA GLN I 36 -44.53 5.12 2.74
C GLN I 36 -45.36 6.38 2.59
N ARG I 37 -45.65 7.03 3.73
CA ARG I 37 -46.56 8.15 3.78
C ARG I 37 -45.88 9.52 3.75
N THR I 38 -44.56 9.58 3.57
CA THR I 38 -43.81 10.83 3.54
C THR I 38 -42.59 10.60 2.68
N CYS I 39 -41.95 11.66 2.21
CA CYS I 39 -40.70 11.50 1.50
C CYS I 39 -39.54 11.86 2.42
N ASP I 40 -38.46 11.09 2.33
CA ASP I 40 -37.28 11.33 3.14
C ASP I 40 -36.39 12.35 2.46
N ILE I 41 -35.79 13.22 3.26
CA ILE I 41 -34.90 14.24 2.72
C ILE I 41 -33.65 13.56 2.17
N CYS I 42 -33.23 13.98 0.98
CA CYS I 42 -32.06 13.39 0.36
C CYS I 42 -30.81 13.70 1.17
N ARG I 43 -29.93 12.71 1.31
CA ARG I 43 -28.64 12.96 1.92
C ARG I 43 -27.84 13.92 1.05
N GLN I 44 -27.17 14.87 1.69
CA GLN I 44 -26.30 15.81 1.01
C GLN I 44 -24.85 15.47 1.32
N CYS I 45 -23.99 15.57 0.30
CA CYS I 45 -22.57 15.24 0.43
C CYS I 45 -21.79 16.56 0.45
N LYS I 46 -21.48 17.03 1.65
CA LYS I 46 -20.82 18.32 1.84
C LYS I 46 -19.58 18.13 2.70
N GLY I 47 -18.71 19.12 2.67
CA GLY I 47 -17.52 19.10 3.50
C GLY I 47 -16.60 17.96 3.13
N VAL I 48 -16.35 17.08 4.10
CA VAL I 48 -15.47 15.94 3.85
C VAL I 48 -16.10 14.93 2.91
N PHE I 49 -17.42 14.98 2.74
CA PHE I 49 -18.11 14.07 1.82
C PHE I 49 -18.24 14.71 0.45
N ARG I 50 -18.23 13.87 -0.59
CA ARG I 50 -18.50 14.33 -1.94
C ARG I 50 -19.46 13.36 -2.62
N THR I 51 -20.19 13.87 -3.60
CA THR I 51 -21.26 13.11 -4.23
C THR I 51 -20.68 12.08 -5.18
N ARG I 52 -21.13 10.83 -5.04
CA ARG I 52 -20.85 9.79 -6.02
C ARG I 52 -22.05 9.44 -6.87
N LYS I 53 -23.26 9.60 -6.35
CA LYS I 53 -24.49 9.43 -7.12
C LYS I 53 -25.53 10.40 -6.60
N GLU I 54 -26.08 11.22 -7.50
CA GLU I 54 -27.06 12.22 -7.11
C GLU I 54 -28.36 11.55 -6.65
N CYS I 55 -29.12 12.29 -5.86
CA CYS I 55 -30.41 11.78 -5.39
C CYS I 55 -31.44 11.80 -6.52
N SER I 56 -32.38 10.86 -6.43
CA SER I 56 -33.51 10.80 -7.35
C SER I 56 -34.75 10.43 -6.56
N SER I 57 -35.90 10.44 -7.23
CA SER I 57 -37.17 10.24 -6.53
C SER I 57 -37.24 8.87 -5.87
N THR I 58 -36.52 7.87 -6.40
CA THR I 58 -36.60 6.51 -5.90
C THR I 58 -35.32 6.05 -5.21
N SER I 59 -34.26 6.86 -5.21
CA SER I 59 -32.98 6.45 -4.67
C SER I 59 -32.31 7.61 -3.95
N ASN I 60 -31.88 7.38 -2.71
CA ASN I 60 -31.14 8.38 -1.98
C ASN I 60 -29.82 8.69 -2.68
N ALA I 61 -29.30 9.88 -2.43
CA ALA I 61 -27.96 10.20 -2.90
C ALA I 61 -26.93 9.34 -2.18
N GLU I 62 -25.79 9.13 -2.83
CA GLU I 62 -24.70 8.37 -2.26
C GLU I 62 -23.44 9.23 -2.24
N CYS I 63 -22.70 9.13 -1.13
CA CYS I 63 -21.48 9.89 -0.96
C CYS I 63 -20.29 8.96 -0.75
N ASP I 64 -19.11 9.48 -1.05
CA ASP I 64 -17.85 8.95 -0.54
C ASP I 64 -17.07 10.14 0.02
N CYS I 65 -15.81 9.96 0.35
CA CYS I 65 -15.03 11.03 0.95
C CYS I 65 -14.20 11.77 -0.08
N THR I 66 -13.98 13.06 0.18
CA THR I 66 -13.10 13.86 -0.66
C THR I 66 -11.68 13.31 -0.60
N PRO I 67 -10.86 13.58 -1.62
CA PRO I 67 -9.47 13.11 -1.59
C PRO I 67 -8.75 13.60 -0.35
N GLY I 68 -7.92 12.73 0.21
CA GLY I 68 -7.32 12.97 1.50
C GLY I 68 -8.09 12.38 2.66
N PHE I 69 -9.28 11.82 2.41
CA PHE I 69 -10.10 11.20 3.43
C PHE I 69 -10.57 9.84 2.93
N HIS I 70 -10.93 8.96 3.86
CA HIS I 70 -11.36 7.61 3.51
C HIS I 70 -12.65 7.26 4.26
N CYS I 71 -13.42 6.36 3.67
CA CYS I 71 -14.75 6.03 4.16
C CYS I 71 -14.69 5.05 5.33
N LEU I 72 -15.64 5.23 6.26
CA LEU I 72 -15.90 4.25 7.31
C LEU I 72 -17.41 4.13 7.48
N GLY I 73 -17.85 2.94 7.88
CA GLY I 73 -19.25 2.69 8.15
C GLY I 73 -20.04 2.35 6.89
N ALA I 74 -21.23 1.80 7.12
CA ALA I 74 -22.11 1.40 6.02
C ALA I 74 -22.52 2.62 5.19
N GLY I 75 -22.43 2.49 3.88
CA GLY I 75 -22.77 3.59 2.98
C GLY I 75 -21.86 4.79 3.07
N CYS I 76 -20.64 4.60 3.60
CA CYS I 76 -19.70 5.71 3.84
C CYS I 76 -20.34 6.78 4.71
N SER I 77 -20.79 6.37 5.89
CA SER I 77 -21.42 7.30 6.83
C SER I 77 -20.42 8.14 7.60
N MET I 78 -19.13 7.81 7.53
CA MET I 78 -18.09 8.53 8.24
C MET I 78 -16.89 8.72 7.33
N CYS I 79 -16.15 9.80 7.57
CA CYS I 79 -14.90 10.09 6.86
C CYS I 79 -13.80 10.31 7.88
N GLU I 80 -12.64 9.69 7.64
CA GLU I 80 -11.46 9.87 8.46
C GLU I 80 -10.31 10.31 7.57
N GLN I 81 -9.50 11.23 8.07
CA GLN I 81 -8.41 11.81 7.28
C GLN I 81 -7.33 10.78 6.98
N ASP I 82 -6.83 10.79 5.75
CA ASP I 82 -5.69 9.96 5.38
C ASP I 82 -4.41 10.49 6.00
N CYS I 83 -3.39 9.65 6.00
CA CYS I 83 -2.02 10.07 6.26
C CYS I 83 -1.13 9.38 5.23
N LYS I 84 0.15 9.71 5.26
CA LYS I 84 1.10 9.01 4.41
C LYS I 84 1.44 7.65 5.02
N GLN I 85 1.94 6.75 4.17
CA GLN I 85 2.58 5.55 4.69
C GLN I 85 3.72 5.96 5.62
N GLY I 86 3.91 5.19 6.67
CA GLY I 86 4.85 5.59 7.70
C GLY I 86 4.32 6.61 8.68
N GLN I 87 3.00 6.83 8.70
CA GLN I 87 2.37 7.78 9.61
C GLN I 87 1.09 7.17 10.16
N GLU I 88 0.52 7.86 11.15
CA GLU I 88 -0.80 7.52 11.66
C GLU I 88 -1.49 8.80 12.11
N LEU I 89 -2.82 8.78 12.05
CA LEU I 89 -3.62 9.95 12.39
C LEU I 89 -3.78 10.05 13.91
N THR I 90 -3.51 11.24 14.44
CA THR I 90 -3.79 11.58 15.82
C THR I 90 -4.73 12.78 15.86
N LYS I 91 -5.23 13.10 17.05
CA LYS I 91 -6.05 14.30 17.20
C LYS I 91 -5.27 15.56 16.85
N LYS I 92 -3.93 15.50 16.90
CA LYS I 92 -3.08 16.61 16.53
C LYS I 92 -2.60 16.56 15.09
N GLY I 93 -3.12 15.63 14.29
CA GLY I 93 -2.76 15.51 12.90
C GLY I 93 -1.98 14.24 12.61
N CYS I 94 -1.47 14.16 11.38
CA CYS I 94 -0.68 13.01 10.97
C CYS I 94 0.70 13.07 11.61
N LYS I 95 1.12 11.95 12.21
CA LYS I 95 2.37 11.85 12.93
C LYS I 95 3.17 10.67 12.42
N ASP I 96 4.48 10.85 12.28
CA ASP I 96 5.35 9.77 11.84
C ASP I 96 5.33 8.62 12.83
N CYS I 97 5.45 7.40 12.30
CA CYS I 97 5.50 6.22 13.15
C CYS I 97 6.71 6.26 14.07
N CYS I 98 6.56 5.70 15.26
CA CYS I 98 7.66 5.60 16.19
C CYS I 98 8.69 4.58 15.70
N PHE I 99 9.95 4.79 16.09
CA PHE I 99 11.00 3.85 15.74
C PHE I 99 10.66 2.46 16.25
N GLY I 100 10.81 1.47 15.38
CA GLY I 100 10.41 0.11 15.69
C GLY I 100 9.01 -0.25 15.26
N THR I 101 8.26 0.69 14.68
CA THR I 101 6.92 0.44 14.17
C THR I 101 6.82 0.93 12.73
N PHE I 102 5.79 0.46 12.04
CA PHE I 102 5.59 0.84 10.64
C PHE I 102 4.10 0.85 10.33
N ASN I 103 3.76 1.57 9.26
CA ASN I 103 2.41 1.55 8.69
C ASN I 103 2.56 1.57 7.17
N ASP I 104 2.14 0.48 6.53
CA ASP I 104 2.23 0.33 5.08
C ASP I 104 0.96 0.80 4.38
N GLN I 105 0.12 1.58 5.04
CA GLN I 105 -1.14 2.03 4.48
C GLN I 105 -1.30 3.52 4.72
N LYS I 106 -2.20 4.13 3.94
CA LYS I 106 -2.53 5.54 4.10
C LYS I 106 -3.65 5.77 5.12
N ARG I 107 -4.00 4.74 5.88
CA ARG I 107 -4.95 4.85 6.99
C ARG I 107 -4.46 3.95 8.11
N GLY I 108 -5.21 3.94 9.22
CA GLY I 108 -4.89 3.05 10.31
C GLY I 108 -3.76 3.55 11.18
N ILE I 109 -3.16 2.61 11.91
CA ILE I 109 -2.15 2.92 12.92
C ILE I 109 -0.88 2.16 12.59
N CYS I 110 0.22 2.59 13.21
CA CYS I 110 1.48 1.89 13.11
C CYS I 110 1.44 0.64 13.99
N ARG I 111 2.25 -0.35 13.61
CA ARG I 111 2.36 -1.60 14.36
C ARG I 111 3.81 -2.02 14.41
N PRO I 112 4.21 -2.75 15.46
CA PRO I 112 5.64 -3.05 15.64
C PRO I 112 6.18 -3.97 14.55
N TRP I 113 7.50 -3.85 14.34
CA TRP I 113 8.19 -4.75 13.43
C TRP I 113 8.08 -6.20 13.90
N THR I 114 8.22 -7.12 12.95
CA THR I 114 8.38 -8.52 13.30
C THR I 114 9.71 -8.72 14.02
N ASN I 115 9.69 -9.51 15.09
CA ASN I 115 10.90 -9.87 15.81
C ASN I 115 11.41 -11.19 15.24
N CYS I 116 12.44 -11.11 14.39
CA CYS I 116 12.96 -12.33 13.76
C CYS I 116 13.63 -13.24 14.78
N SER I 117 14.34 -12.66 15.76
CA SER I 117 15.18 -13.44 16.64
C SER I 117 14.41 -14.48 17.44
N LEU I 118 13.16 -14.19 17.81
CA LEU I 118 12.41 -15.13 18.63
C LEU I 118 12.03 -16.40 17.87
N ASP I 119 12.07 -16.38 16.54
CA ASP I 119 11.83 -17.57 15.73
C ASP I 119 13.13 -18.21 15.25
N GLY I 120 14.28 -17.73 15.73
CA GLY I 120 15.55 -18.26 15.30
C GLY I 120 15.94 -17.83 13.90
N LYS I 121 15.61 -16.60 13.52
CA LYS I 121 15.89 -16.08 12.19
C LYS I 121 16.59 -14.73 12.31
N SER I 122 17.41 -14.42 11.30
CA SER I 122 18.15 -13.16 11.26
C SER I 122 17.40 -12.15 10.41
N VAL I 123 18.01 -10.98 10.22
CA VAL I 123 17.37 -9.86 9.54
C VAL I 123 18.10 -9.61 8.22
N LEU I 124 17.39 -9.77 7.11
CA LEU I 124 17.96 -9.45 5.80
C LEU I 124 17.82 -7.97 5.48
N VAL I 125 16.64 -7.40 5.76
CA VAL I 125 16.37 -5.98 5.51
C VAL I 125 15.91 -5.36 6.81
N ASN I 126 16.59 -4.30 7.23
CA ASN I 126 16.18 -3.57 8.42
C ASN I 126 14.79 -2.97 8.20
N GLY I 127 14.05 -2.84 9.29
CA GLY I 127 12.72 -2.24 9.21
C GLY I 127 12.77 -0.75 9.00
N THR I 128 11.67 -0.23 8.43
CA THR I 128 11.51 1.20 8.23
C THR I 128 10.19 1.64 8.85
N LYS I 129 9.87 2.93 8.70
CA LYS I 129 8.58 3.42 9.12
C LYS I 129 7.47 2.99 8.17
N GLU I 130 7.80 2.58 6.95
CA GLU I 130 6.82 2.18 5.96
C GLU I 130 6.72 0.68 5.75
N ARG I 131 7.75 -0.08 6.12
CA ARG I 131 7.78 -1.51 5.84
C ARG I 131 8.31 -2.28 7.03
N ASP I 132 7.81 -3.49 7.20
CA ASP I 132 8.29 -4.39 8.22
C ASP I 132 9.69 -4.90 7.87
N VAL I 133 10.37 -5.45 8.88
CA VAL I 133 11.63 -6.12 8.62
C VAL I 133 11.39 -7.36 7.76
N VAL I 134 12.44 -7.76 7.04
CA VAL I 134 12.45 -9.03 6.33
C VAL I 134 13.41 -9.95 7.04
N CYS I 135 12.94 -11.13 7.43
CA CYS I 135 13.78 -12.08 8.14
C CYS I 135 14.45 -13.02 7.15
N GLY I 136 15.36 -13.85 7.66
CA GLY I 136 16.06 -14.82 6.86
C GLY I 136 16.55 -15.97 7.71
N PRO I 137 16.80 -17.14 7.08
CA PRO I 137 17.18 -18.34 7.83
C PRO I 137 18.64 -18.31 8.31
N GLU J 1 23.40 33.88 36.81
CA GLU J 1 24.09 33.79 35.52
C GLU J 1 24.56 32.36 35.25
N VAL J 2 24.31 31.89 34.04
CA VAL J 2 24.63 30.52 33.65
C VAL J 2 26.03 30.47 33.05
N GLN J 3 26.80 29.45 33.41
CA GLN J 3 28.15 29.28 32.91
C GLN J 3 28.44 27.81 32.67
N LEU J 4 29.15 27.51 31.58
CA LEU J 4 29.73 26.20 31.33
C LEU J 4 31.25 26.38 31.27
N VAL J 5 31.95 25.84 32.25
CA VAL J 5 33.40 25.99 32.36
C VAL J 5 34.05 24.63 32.11
N GLN J 6 34.91 24.58 31.11
CA GLN J 6 35.56 23.34 30.71
C GLN J 6 36.97 23.25 31.30
N SER J 7 37.49 22.02 31.33
CA SER J 7 38.83 21.79 31.84
C SER J 7 39.89 22.36 30.89
N GLY J 8 41.11 22.44 31.39
CA GLY J 8 42.19 23.10 30.66
C GLY J 8 42.69 22.30 29.47
N ALA J 9 43.60 22.93 28.72
CA ALA J 9 44.15 22.32 27.53
C ALA J 9 44.94 21.06 27.87
N GLU J 10 44.92 20.10 26.95
CA GLU J 10 45.56 18.81 27.14
C GLU J 10 46.59 18.58 26.04
N VAL J 11 47.75 18.04 26.45
CA VAL J 11 48.81 17.65 25.52
C VAL J 11 49.10 16.17 25.80
N LYS J 12 48.78 15.31 24.85
CA LYS J 12 48.89 13.87 25.03
C LYS J 12 49.58 13.23 23.85
N LYS J 13 50.05 12.00 24.07
CA LYS J 13 50.61 11.17 23.02
C LYS J 13 49.60 10.12 22.59
N PRO J 14 49.71 9.60 21.36
CA PRO J 14 48.78 8.55 20.94
C PRO J 14 48.85 7.34 21.86
N GLY J 15 47.70 6.69 22.04
CA GLY J 15 47.61 5.54 22.92
C GLY J 15 47.28 5.86 24.36
N GLU J 16 47.29 7.13 24.75
CA GLU J 16 46.88 7.50 26.09
C GLU J 16 45.37 7.67 26.17
N SER J 17 44.82 7.45 27.35
CA SER J 17 43.42 7.75 27.60
C SER J 17 43.28 9.18 28.11
N LEU J 18 42.07 9.72 27.99
CA LEU J 18 41.84 11.11 28.37
C LEU J 18 40.37 11.29 28.70
N ARG J 19 40.11 12.07 29.74
CA ARG J 19 38.75 12.50 30.08
C ARG J 19 38.78 13.99 30.36
N ILE J 20 37.97 14.75 29.60
CA ILE J 20 37.84 16.18 29.83
C ILE J 20 36.47 16.44 30.44
N SER J 21 36.32 17.60 31.06
CA SER J 21 35.15 17.87 31.88
C SER J 21 34.50 19.20 31.51
N CYS J 22 33.23 19.34 31.91
CA CYS J 22 32.45 20.54 31.64
C CYS J 22 31.53 20.75 32.84
N LYS J 23 31.79 21.80 33.62
CA LYS J 23 31.02 22.08 34.82
C LYS J 23 30.00 23.18 34.54
N GLY J 24 28.74 22.89 34.81
CA GLY J 24 27.68 23.87 34.66
C GLY J 24 27.34 24.52 35.99
N SER J 25 26.95 25.78 35.93
CA SER J 25 26.61 26.54 37.13
C SER J 25 25.54 27.57 36.78
N GLY J 26 24.72 27.90 37.77
CA GLY J 26 23.70 28.90 37.62
C GLY J 26 22.35 28.39 37.16
N TYR J 27 22.17 27.08 37.04
CA TYR J 27 20.89 26.53 36.61
C TYR J 27 20.77 25.10 37.13
N SER J 28 19.65 24.46 36.80
CA SER J 28 19.39 23.08 37.21
C SER J 28 20.10 22.15 36.23
N PHE J 29 21.31 21.72 36.60
CA PHE J 29 22.16 20.97 35.69
C PHE J 29 21.54 19.65 35.26
N SER J 30 20.73 19.05 36.12
CA SER J 30 20.17 17.73 35.84
C SER J 30 19.03 17.76 34.83
N THR J 31 18.51 18.94 34.48
CA THR J 31 17.28 19.04 33.68
C THR J 31 17.52 19.58 32.28
N TYR J 32 18.77 19.78 31.88
CA TYR J 32 19.11 20.21 30.52
C TYR J 32 20.11 19.24 29.92
N TRP J 33 19.95 18.96 28.63
CA TRP J 33 20.91 18.11 27.94
C TRP J 33 22.23 18.85 27.78
N ILE J 34 23.32 18.07 27.77
CA ILE J 34 24.65 18.59 27.49
C ILE J 34 25.17 17.89 26.25
N SER J 35 25.53 18.66 25.24
CA SER J 35 26.10 18.14 24.00
C SER J 35 27.60 18.40 23.98
N TRP J 36 28.33 17.52 23.28
CA TRP J 36 29.75 17.71 23.02
C TRP J 36 29.96 17.91 21.52
N VAL J 37 30.85 18.83 21.18
CA VAL J 37 31.07 19.25 19.80
C VAL J 37 32.56 19.27 19.52
N ARG J 38 32.97 18.67 18.41
CA ARG J 38 34.37 18.66 18.00
C ARG J 38 34.60 19.69 16.90
N GLN J 39 35.75 20.36 16.97
CA GLN J 39 36.18 21.26 15.89
C GLN J 39 37.67 21.03 15.68
N MET J 40 38.00 20.25 14.66
CA MET J 40 39.40 20.04 14.30
C MET J 40 39.99 21.33 13.75
N PRO J 41 41.33 21.52 13.88
CA PRO J 41 41.94 22.81 13.53
C PRO J 41 41.58 23.32 12.15
N GLY J 42 41.02 24.52 12.08
CA GLY J 42 40.61 25.11 10.82
C GLY J 42 39.44 24.44 10.14
N LYS J 43 38.70 23.58 10.85
CA LYS J 43 37.58 22.86 10.27
C LYS J 43 36.29 23.27 10.97
N GLY J 44 35.19 22.59 10.63
CA GLY J 44 33.88 22.96 11.11
C GLY J 44 33.48 22.24 12.39
N LEU J 45 32.32 22.61 12.90
CA LEU J 45 31.77 21.99 14.10
C LEU J 45 31.15 20.65 13.77
N GLU J 46 31.38 19.67 14.63
CA GLU J 46 30.78 18.34 14.49
C GLU J 46 30.13 17.96 15.82
N TRP J 47 28.83 17.66 15.77
CA TRP J 47 28.11 17.20 16.95
C TRP J 47 28.50 15.75 17.24
N MET J 48 29.01 15.48 18.43
CA MET J 48 29.48 14.16 18.80
C MET J 48 28.41 13.34 19.51
N GLY J 49 27.66 13.96 20.41
CA GLY J 49 26.66 13.26 21.18
C GLY J 49 26.19 14.14 22.32
N LYS J 50 25.29 13.58 23.13
CA LYS J 50 24.71 14.35 24.23
C LYS J 50 24.32 13.41 25.36
N ILE J 51 24.12 13.99 26.54
CA ILE J 51 23.73 13.24 27.73
C ILE J 51 22.74 14.06 28.52
N TYR J 52 21.74 13.38 29.10
CA TYR J 52 20.85 14.00 30.06
C TYR J 52 21.38 13.69 31.45
N PRO J 53 21.95 14.66 32.18
CA PRO J 53 22.59 14.35 33.46
C PRO J 53 21.64 13.81 34.50
N GLY J 54 20.33 14.07 34.39
CA GLY J 54 19.40 13.58 35.39
C GLY J 54 19.42 12.07 35.54
N ASP J 55 19.47 11.34 34.43
CA ASP J 55 19.53 9.89 34.47
C ASP J 55 20.69 9.33 33.65
N SER J 56 21.59 10.18 33.17
CA SER J 56 22.78 9.78 32.42
C SER J 56 22.46 9.06 31.11
N TYR J 57 21.25 9.23 30.57
CA TYR J 57 20.96 8.67 29.26
C TYR J 57 21.74 9.44 28.20
N THR J 58 22.41 8.70 27.32
CA THR J 58 23.35 9.25 26.35
C THR J 58 23.04 8.71 24.97
N ASN J 59 23.32 9.51 23.95
CA ASN J 59 23.30 9.01 22.58
C ASN J 59 24.37 9.75 21.78
N TYR J 60 24.75 9.16 20.65
CA TYR J 60 25.90 9.60 19.88
C TYR J 60 25.53 9.71 18.40
N SER J 61 26.25 10.57 17.69
CA SER J 61 26.13 10.58 16.24
C SER J 61 26.81 9.33 15.68
N PRO J 62 26.37 8.85 14.52
CA PRO J 62 26.89 7.57 14.01
C PRO J 62 28.40 7.54 13.81
N SER J 63 29.03 8.68 13.53
CA SER J 63 30.47 8.68 13.31
C SER J 63 31.28 8.70 14.60
N PHE J 64 30.65 9.03 15.73
CA PHE J 64 31.34 9.02 17.02
C PHE J 64 30.87 7.88 17.93
N GLN J 65 29.85 7.13 17.53
CA GLN J 65 29.41 5.97 18.31
C GLN J 65 30.52 4.95 18.39
N GLY J 66 30.86 4.55 19.63
CA GLY J 66 31.92 3.59 19.87
C GLY J 66 33.32 4.18 19.96
N GLN J 67 33.51 5.42 19.51
CA GLN J 67 34.82 6.06 19.53
C GLN J 67 35.07 6.87 20.77
N VAL J 68 34.03 7.13 21.58
CA VAL J 68 34.13 8.09 22.67
C VAL J 68 33.01 7.77 23.66
N THR J 69 33.17 8.21 24.90
CA THR J 69 32.17 7.98 25.94
C THR J 69 31.84 9.29 26.62
N ILE J 70 30.56 9.64 26.64
CA ILE J 70 30.05 10.80 27.35
C ILE J 70 29.41 10.31 28.65
N SER J 71 29.73 10.98 29.76
CA SER J 71 29.21 10.60 31.06
C SER J 71 28.93 11.87 31.86
N ALA J 72 28.44 11.70 33.08
CA ALA J 72 28.04 12.84 33.89
C ALA J 72 28.03 12.45 35.37
N ASP J 73 28.40 13.42 36.21
CA ASP J 73 28.25 13.33 37.66
C ASP J 73 27.36 14.51 38.07
N LYS J 74 26.06 14.23 38.26
CA LYS J 74 25.12 15.30 38.52
C LYS J 74 25.29 15.91 39.91
N SER J 75 25.86 15.17 40.85
CA SER J 75 26.06 15.71 42.20
C SER J 75 27.02 16.89 42.19
N ILE J 76 27.96 16.93 41.25
CA ILE J 76 28.88 18.04 41.09
C ILE J 76 28.58 18.85 39.83
N SER J 77 27.45 18.58 39.18
CA SER J 77 27.01 19.34 38.00
C SER J 77 28.07 19.34 36.90
N THR J 78 28.64 18.16 36.64
CA THR J 78 29.74 18.03 35.69
C THR J 78 29.44 16.94 34.67
N ALA J 79 29.72 17.24 33.40
CA ALA J 79 29.68 16.26 32.31
C ALA J 79 31.10 15.97 31.84
N TYR J 80 31.28 14.80 31.25
CA TYR J 80 32.60 14.33 30.85
C TYR J 80 32.57 13.79 29.43
N LEU J 81 33.73 13.87 28.78
CA LEU J 81 33.97 13.24 27.48
C LEU J 81 35.32 12.53 27.57
N GLN J 82 35.36 11.26 27.16
CA GLN J 82 36.58 10.49 27.37
C GLN J 82 36.89 9.58 26.19
N TRP J 83 38.18 9.40 25.95
CA TRP J 83 38.72 8.48 24.96
C TRP J 83 39.50 7.38 25.68
N SER J 84 39.43 6.17 25.13
CA SER J 84 40.24 5.09 25.68
C SER J 84 41.65 5.08 25.11
N SER J 85 41.79 5.50 23.84
CA SER J 85 43.10 5.49 23.17
C SER J 85 43.10 6.62 22.15
N LEU J 86 43.81 7.70 22.48
CA LEU J 86 43.83 8.86 21.61
C LEU J 86 44.63 8.60 20.35
N LYS J 87 44.19 9.21 19.25
CA LYS J 87 44.93 9.26 17.99
C LYS J 87 45.33 10.70 17.70
N ALA J 88 46.34 10.84 16.83
CA ALA J 88 46.75 12.18 16.42
C ALA J 88 45.59 12.94 15.77
N SER J 89 44.74 12.23 15.04
CA SER J 89 43.58 12.85 14.41
C SER J 89 42.54 13.32 15.42
N ASP J 90 42.70 13.02 16.70
CA ASP J 90 41.82 13.54 17.73
C ASP J 90 42.20 14.95 18.16
N THR J 91 43.27 15.51 17.60
CA THR J 91 43.65 16.89 17.90
C THR J 91 42.57 17.84 17.44
N ALA J 92 41.98 18.58 18.39
CA ALA J 92 40.84 19.44 18.08
C ALA J 92 40.49 20.27 19.31
N MET J 93 39.65 21.27 19.09
CA MET J 93 38.95 21.96 20.16
C MET J 93 37.64 21.23 20.44
N TYR J 94 37.35 20.99 21.71
CA TYR J 94 36.12 20.30 22.11
C TYR J 94 35.29 21.25 22.95
N TYR J 95 34.05 21.50 22.51
CA TYR J 95 33.12 22.36 23.20
C TYR J 95 32.03 21.52 23.85
N CYS J 96 31.61 21.93 25.04
CA CYS J 96 30.36 21.46 25.61
C CYS J 96 29.32 22.57 25.48
N ALA J 97 28.09 22.18 25.15
CA ALA J 97 27.01 23.14 24.97
C ALA J 97 25.77 22.61 25.66
N ARG J 98 24.93 23.52 26.13
CA ARG J 98 23.66 23.15 26.74
C ARG J 98 22.60 23.03 25.67
N GLY J 99 21.89 21.91 25.66
CA GLY J 99 20.77 21.69 24.76
C GLY J 99 21.00 20.51 23.83
N TYR J 100 19.97 20.23 23.05
CA TYR J 100 19.96 19.13 22.09
C TYR J 100 19.82 19.59 20.65
N GLY J 101 18.94 20.57 20.38
CA GLY J 101 18.91 21.19 19.07
C GLY J 101 19.33 22.65 19.07
N ILE J 102 18.86 23.40 20.07
CA ILE J 102 19.26 24.78 20.28
C ILE J 102 20.34 24.78 21.35
N PHE J 103 21.53 25.24 21.00
CA PHE J 103 22.65 25.28 21.92
C PHE J 103 22.78 26.72 22.42
N ASP J 104 22.14 26.99 23.56
CA ASP J 104 22.00 28.36 24.04
C ASP J 104 23.14 28.82 24.93
N TYR J 105 23.94 27.91 25.45
CA TYR J 105 25.16 28.25 26.18
C TYR J 105 26.27 27.33 25.70
N TRP J 106 27.48 27.88 25.62
CA TRP J 106 28.66 27.12 25.21
C TRP J 106 29.76 27.28 26.24
N GLY J 107 30.51 26.22 26.47
CA GLY J 107 31.75 26.34 27.21
C GLY J 107 32.79 27.06 26.41
N GLN J 108 33.90 27.40 27.07
CA GLN J 108 34.98 28.10 26.40
C GLN J 108 35.83 27.19 25.53
N GLY J 109 35.65 25.88 25.62
CA GLY J 109 36.38 24.94 24.79
C GLY J 109 37.63 24.41 25.47
N THR J 110 37.94 23.15 25.16
CA THR J 110 39.14 22.49 25.64
C THR J 110 39.96 22.06 24.43
N LEU J 111 41.17 22.60 24.29
CA LEU J 111 42.06 22.23 23.21
C LEU J 111 42.79 20.94 23.58
N VAL J 112 42.64 19.91 22.75
CA VAL J 112 43.33 18.64 22.94
C VAL J 112 44.32 18.49 21.79
N THR J 113 45.61 18.39 22.13
CA THR J 113 46.67 18.23 21.14
C THR J 113 47.31 16.86 21.35
N VAL J 114 47.20 16.00 20.34
CA VAL J 114 47.73 14.64 20.39
C VAL J 114 48.86 14.55 19.38
N SER J 115 50.09 14.45 19.86
CA SER J 115 51.26 14.34 19.01
C SER J 115 52.25 13.36 19.60
N SER J 116 52.85 12.54 18.75
CA SER J 116 53.83 11.54 19.19
C SER J 116 55.23 12.14 19.22
N TYR K 3 22.46 11.83 7.25
CA TYR K 3 21.95 13.17 6.97
C TYR K 3 23.05 14.22 7.04
N GLU K 4 23.25 14.94 5.95
CA GLU K 4 24.32 15.92 5.85
C GLU K 4 23.77 17.24 5.30
N LEU K 5 24.22 18.34 5.90
CA LEU K 5 23.87 19.69 5.46
C LEU K 5 25.05 20.31 4.73
N THR K 6 24.78 20.95 3.60
CA THR K 6 25.82 21.47 2.73
C THR K 6 25.77 22.99 2.69
N GLN K 7 26.91 23.63 2.93
CA GLN K 7 27.05 25.07 2.83
C GLN K 7 28.17 25.43 1.85
N PRO K 8 28.03 26.53 1.13
CA PRO K 8 29.16 27.05 0.36
C PRO K 8 30.30 27.43 1.29
N PRO K 9 31.55 27.09 0.93
CA PRO K 9 32.65 27.32 1.88
C PRO K 9 32.97 28.80 2.11
N SER K 10 32.75 29.68 1.13
CA SER K 10 33.20 31.05 1.25
C SER K 10 32.21 32.01 0.63
N VAL K 11 31.98 33.13 1.32
CA VAL K 11 31.22 34.26 0.80
C VAL K 11 32.00 35.53 1.13
N SER K 12 32.15 36.40 0.14
CA SER K 12 32.84 37.68 0.31
C SER K 12 31.88 38.80 -0.04
N VAL K 13 31.79 39.80 0.84
CA VAL K 13 30.96 40.98 0.60
C VAL K 13 31.73 42.23 1.00
N SER K 14 31.43 43.32 0.32
CA SER K 14 31.88 44.63 0.74
C SER K 14 30.95 45.16 1.83
N PRO K 15 31.45 46.07 2.69
CA PRO K 15 30.58 46.62 3.73
C PRO K 15 29.34 47.26 3.13
N GLY K 16 28.19 46.98 3.75
CA GLY K 16 26.91 47.48 3.29
C GLY K 16 26.17 46.56 2.35
N GLN K 17 26.86 45.63 1.70
CA GLN K 17 26.20 44.68 0.82
C GLN K 17 25.49 43.61 1.62
N THR K 18 24.53 42.96 0.98
CA THR K 18 23.80 41.86 1.61
C THR K 18 24.60 40.57 1.48
N ALA K 19 24.76 39.86 2.59
CA ALA K 19 25.39 38.55 2.60
C ALA K 19 24.31 37.48 2.69
N SER K 20 24.36 36.52 1.77
CA SER K 20 23.41 35.42 1.73
CA SER K 20 23.41 35.42 1.73
C SER K 20 24.17 34.10 1.88
N ILE K 21 23.88 33.37 2.94
CA ILE K 21 24.55 32.11 3.25
C ILE K 21 23.51 31.01 3.24
N THR K 22 23.70 30.01 2.38
CA THR K 22 22.73 28.93 2.23
C THR K 22 23.21 27.68 2.94
N CYS K 23 22.25 26.79 3.19
CA CYS K 23 22.51 25.51 3.82
C CYS K 23 21.47 24.54 3.26
N SER K 24 21.90 23.58 2.45
CA SER K 24 21.00 22.72 1.71
C SER K 24 21.06 21.30 2.24
N GLY K 25 19.89 20.69 2.44
CA GLY K 25 19.79 19.30 2.84
C GLY K 25 18.46 18.76 2.40
N ASP K 26 18.40 17.44 2.25
CA ASP K 26 17.18 16.82 1.76
C ASP K 26 16.01 17.11 2.71
N ASN K 27 15.08 17.94 2.24
CA ASN K 27 13.95 18.41 3.04
C ASN K 27 14.40 18.92 4.41
N ILE K 28 15.34 19.87 4.39
CA ILE K 28 15.70 20.59 5.59
C ILE K 28 14.53 21.45 6.07
N GLY K 29 13.61 21.79 5.16
CA GLY K 29 12.43 22.55 5.52
C GLY K 29 11.48 21.85 6.47
N ASP K 30 11.64 20.53 6.65
CA ASP K 30 10.83 19.78 7.60
C ASP K 30 11.31 19.94 9.03
N GLN K 31 12.50 20.48 9.25
CA GLN K 31 13.06 20.67 10.57
C GLN K 31 13.34 22.15 10.82
N TYR K 32 13.57 22.47 12.08
CA TYR K 32 14.01 23.82 12.45
C TYR K 32 15.49 23.97 12.16
N ALA K 33 15.85 25.07 11.52
CA ALA K 33 17.24 25.40 11.22
C ALA K 33 17.72 26.49 12.17
N HIS K 34 18.89 26.27 12.79
CA HIS K 34 19.50 27.25 13.67
C HIS K 34 20.84 27.67 13.07
N TRP K 35 21.24 28.90 13.35
CA TRP K 35 22.45 29.47 12.75
C TRP K 35 23.37 29.96 13.86
N TYR K 36 24.62 29.52 13.83
CA TYR K 36 25.62 29.90 14.82
C TYR K 36 26.74 30.68 14.16
N GLN K 37 27.17 31.74 14.83
CA GLN K 37 28.28 32.57 14.38
C GLN K 37 29.49 32.31 15.28
N GLN K 38 30.67 32.20 14.67
CA GLN K 38 31.89 31.91 15.41
C GLN K 38 33.02 32.76 14.85
N LYS K 39 33.57 33.62 15.70
CA LYS K 39 34.73 34.44 15.38
C LYS K 39 36.00 33.75 15.84
N PRO K 40 37.16 34.12 15.30
CA PRO K 40 38.41 33.46 15.69
C PRO K 40 38.66 33.56 17.19
N GLY K 41 39.00 32.43 17.80
CA GLY K 41 39.29 32.38 19.22
C GLY K 41 38.11 32.39 20.15
N GLN K 42 36.89 32.26 19.63
CA GLN K 42 35.68 32.34 20.43
C GLN K 42 34.80 31.12 20.20
N SER K 43 33.94 30.86 21.18
CA SER K 43 32.93 29.82 21.06
C SER K 43 31.80 30.29 20.15
N PRO K 44 31.08 29.36 19.53
CA PRO K 44 29.94 29.75 18.69
C PRO K 44 28.89 30.51 19.49
N VAL K 45 28.17 31.39 18.78
CA VAL K 45 27.07 32.16 19.35
C VAL K 45 25.88 32.02 18.41
N LEU K 46 24.73 31.68 18.97
CA LEU K 46 23.52 31.53 18.17
C LEU K 46 23.03 32.89 17.68
N VAL K 47 22.80 33.02 16.38
CA VAL K 47 22.28 34.26 15.81
C VAL K 47 20.87 34.11 15.25
N ILE K 48 20.44 32.90 14.90
CA ILE K 48 19.09 32.64 14.40
C ILE K 48 18.65 31.27 14.94
N TYR K 49 17.41 31.21 15.44
CA TYR K 49 16.83 29.94 15.88
C TYR K 49 15.46 29.75 15.25
N GLN K 50 15.11 28.47 15.01
CA GLN K 50 13.82 28.08 14.44
C GLN K 50 13.54 28.79 13.12
N ASP K 51 14.56 28.76 12.26
CA ASP K 51 14.59 29.20 10.86
C ASP K 51 14.52 30.71 10.67
N LYS K 52 13.90 31.41 11.61
CA LYS K 52 13.64 32.82 11.36
C LYS K 52 13.63 33.70 12.61
N ASN K 53 13.77 33.13 13.80
CA ASN K 53 13.65 33.91 15.02
C ASN K 53 15.03 34.39 15.44
N ARG K 54 15.11 35.65 15.81
CA ARG K 54 16.37 36.27 16.18
C ARG K 54 16.41 36.49 17.69
N PRO K 55 17.45 36.00 18.37
CA PRO K 55 17.56 36.27 19.81
C PRO K 55 17.72 37.76 20.07
N SER K 56 17.17 38.22 21.19
CA SER K 56 17.35 39.60 21.58
C SER K 56 18.81 39.87 21.89
N GLY K 57 19.33 40.98 21.39
CA GLY K 57 20.74 41.29 21.46
C GLY K 57 21.49 41.01 20.18
N ILE K 58 20.94 40.19 19.29
CA ILE K 58 21.53 40.00 17.96
C ILE K 58 21.07 41.14 17.06
N PRO K 59 21.98 41.79 16.32
CA PRO K 59 21.58 42.92 15.48
C PRO K 59 20.44 42.55 14.53
N GLU K 60 19.51 43.48 14.36
CA GLU K 60 18.31 43.24 13.58
C GLU K 60 18.58 43.05 12.10
N ARG K 61 19.80 43.33 11.63
CA ARG K 61 20.14 43.06 10.24
C ARG K 61 20.29 41.57 9.94
N PHE K 62 20.30 40.72 10.97
CA PHE K 62 20.32 39.27 10.78
C PHE K 62 18.89 38.76 10.59
N SER K 63 18.71 37.86 9.63
CA SER K 63 17.42 37.23 9.42
C SER K 63 17.65 35.87 8.78
N GLY K 64 16.61 35.05 8.77
CA GLY K 64 16.71 33.71 8.23
C GLY K 64 15.39 33.23 7.66
N SER K 65 15.49 32.22 6.80
CA SER K 65 14.33 31.55 6.22
C SER K 65 14.69 30.09 5.97
N ASN K 66 13.65 29.28 5.75
CA ASN K 66 13.84 27.85 5.54
C ASN K 66 12.65 27.32 4.76
N SER K 67 12.90 26.77 3.58
CA SER K 67 11.84 26.20 2.76
C SER K 67 12.41 25.11 1.87
N GLY K 68 11.64 24.05 1.67
CA GLY K 68 12.04 22.96 0.79
C GLY K 68 13.34 22.30 1.19
N ASN K 69 14.37 22.48 0.37
CA ASN K 69 15.68 21.89 0.62
C ASN K 69 16.74 22.92 0.96
N THR K 70 16.35 24.13 1.36
CA THR K 70 17.30 25.20 1.56
C THR K 70 16.91 26.08 2.74
N ALA K 71 17.85 26.26 3.67
CA ALA K 71 17.76 27.28 4.70
C ALA K 71 18.74 28.39 4.34
N THR K 72 18.37 29.64 4.62
CA THR K 72 19.18 30.78 4.21
C THR K 72 19.33 31.76 5.36
N LEU K 73 20.56 32.13 5.65
CA LEU K 73 20.87 33.21 6.59
C LEU K 73 21.21 34.46 5.80
N THR K 74 20.51 35.55 6.10
CA THR K 74 20.70 36.81 5.37
C THR K 74 21.15 37.89 6.34
N ILE K 75 22.21 38.61 5.96
CA ILE K 75 22.69 39.77 6.70
C ILE K 75 22.58 40.97 5.77
N SER K 76 21.64 41.86 6.07
CA SER K 76 21.55 43.13 5.35
C SER K 76 22.56 44.12 5.92
N GLY K 77 23.10 44.96 5.03
CA GLY K 77 24.06 45.97 5.43
C GLY K 77 25.23 45.42 6.23
N THR K 78 25.89 44.39 5.68
CA THR K 78 26.94 43.69 6.39
C THR K 78 28.03 44.65 6.88
N GLN K 79 28.46 44.45 8.11
CA GLN K 79 29.50 45.26 8.73
C GLN K 79 30.73 44.40 8.98
N ALA K 80 31.85 45.08 9.23
CA ALA K 80 33.11 44.37 9.49
C ALA K 80 32.98 43.40 10.65
N MET K 81 32.23 43.80 11.68
CA MET K 81 32.05 42.95 12.86
C MET K 81 31.28 41.67 12.55
N ASP K 82 30.72 41.53 11.34
CA ASP K 82 30.01 40.32 10.97
C ASP K 82 30.91 39.27 10.31
N GLU K 83 32.16 39.62 10.02
CA GLU K 83 33.10 38.65 9.45
C GLU K 83 33.32 37.51 10.43
N ALA K 84 32.97 36.30 10.02
CA ALA K 84 32.99 35.14 10.90
C ALA K 84 32.69 33.89 10.08
N ASP K 85 32.79 32.74 10.75
CA ASP K 85 32.30 31.47 10.24
C ASP K 85 30.87 31.26 10.71
N TYR K 86 30.00 30.83 9.81
CA TYR K 86 28.59 30.63 10.10
C TYR K 86 28.22 29.17 9.85
N TYR K 87 27.55 28.56 10.82
CA TYR K 87 27.19 27.14 10.76
C TYR K 87 25.68 27.00 10.90
N CYS K 88 25.07 26.32 9.94
CA CYS K 88 23.68 25.90 10.08
C CYS K 88 23.64 24.60 10.87
N ALA K 89 22.55 24.41 11.62
CA ALA K 89 22.38 23.21 12.42
C ALA K 89 20.91 22.83 12.48
N THR K 90 20.63 21.53 12.49
CA THR K 90 19.27 21.02 12.65
C THR K 90 19.29 19.86 13.63
N TYR K 91 18.15 19.67 14.30
CA TYR K 91 17.92 18.51 15.14
C TYR K 91 16.81 17.68 14.52
N THR K 92 17.02 16.37 14.44
CA THR K 92 16.04 15.44 13.89
C THR K 92 15.58 14.51 15.00
N GLY K 93 14.27 14.49 15.25
CA GLY K 93 13.75 13.65 16.32
C GLY K 93 13.98 12.17 16.07
N PHE K 94 13.81 11.74 14.82
CA PHE K 94 14.08 10.34 14.46
C PHE K 94 15.58 10.11 14.48
N GLY K 95 16.04 9.26 15.40
CA GLY K 95 17.45 9.11 15.67
C GLY K 95 18.00 10.08 16.69
N SER K 96 17.27 11.15 17.01
CA SER K 96 17.65 12.13 18.02
C SER K 96 19.08 12.64 17.77
N LEU K 97 19.28 13.19 16.58
CA LEU K 97 20.59 13.60 16.11
C LEU K 97 20.60 15.08 15.78
N ALA K 98 21.66 15.76 16.20
CA ALA K 98 21.94 17.12 15.78
C ALA K 98 23.07 17.11 14.75
N VAL K 99 22.93 17.94 13.72
CA VAL K 99 23.86 17.96 12.60
C VAL K 99 24.20 19.41 12.27
N PHE K 100 25.50 19.71 12.18
CA PHE K 100 25.97 21.01 11.71
C PHE K 100 26.27 20.94 10.22
N GLY K 101 26.03 22.05 9.53
CA GLY K 101 26.52 22.21 8.19
C GLY K 101 28.04 22.34 8.17
N GLY K 102 28.61 22.30 6.97
CA GLY K 102 30.06 22.36 6.84
C GLY K 102 30.66 23.69 7.22
N GLY K 103 29.86 24.75 7.28
CA GLY K 103 30.36 26.06 7.65
C GLY K 103 30.66 26.95 6.45
N THR K 104 30.40 28.25 6.61
CA THR K 104 30.70 29.23 5.58
C THR K 104 31.55 30.33 6.19
N LYS K 105 32.68 30.63 5.55
CA LYS K 105 33.55 31.71 5.99
C LYS K 105 33.09 32.99 5.31
N LEU K 106 32.54 33.91 6.10
CA LEU K 106 32.10 35.21 5.58
C LEU K 106 33.24 36.20 5.71
N THR K 107 33.77 36.63 4.57
CA THR K 107 34.82 37.65 4.54
C THR K 107 34.17 38.99 4.23
N VAL K 108 34.41 39.97 5.10
CA VAL K 108 33.98 41.35 4.84
C VAL K 108 35.22 42.10 4.35
N LEU K 109 35.22 42.44 3.07
CA LEU K 109 36.39 43.01 2.42
C LEU K 109 36.77 44.36 3.02
N SER L 6 32.79 63.46 29.16
CA SER L 6 33.63 63.20 30.32
C SER L 6 32.78 62.91 31.57
N ASN L 7 31.99 63.91 31.97
CA ASN L 7 31.36 63.95 33.27
C ASN L 7 29.92 63.46 33.28
N CYS L 8 29.43 62.91 32.18
CA CYS L 8 28.02 62.53 32.11
C CYS L 8 27.74 61.37 33.06
N PRO L 9 26.74 61.49 33.94
CA PRO L 9 26.64 60.60 35.11
C PRO L 9 26.02 59.23 34.90
N ALA L 10 26.01 58.68 33.68
CA ALA L 10 25.49 57.33 33.45
C ALA L 10 23.99 57.26 33.76
N GLY L 11 23.22 57.78 32.81
CA GLY L 11 21.80 58.02 32.97
C GLY L 11 21.47 59.24 32.14
N THR L 12 22.52 59.85 31.61
CA THR L 12 22.42 60.97 30.68
C THR L 12 23.22 60.65 29.43
N PHE L 13 23.43 61.64 28.57
CA PHE L 13 24.28 61.46 27.39
C PHE L 13 24.93 62.77 26.99
N CYS L 22 25.12 67.66 30.41
CA CYS L 22 24.62 66.33 30.11
C CYS L 22 23.10 66.26 30.26
N SER L 23 22.42 65.87 29.18
CA SER L 23 20.96 65.73 29.12
C SER L 23 20.55 64.32 29.50
N PRO L 24 19.51 64.16 30.32
CA PRO L 24 19.08 62.81 30.70
C PRO L 24 18.56 62.03 29.49
N CYS L 25 18.65 60.71 29.58
CA CYS L 25 18.24 59.87 28.48
C CYS L 25 16.75 60.04 28.20
N PRO L 26 16.33 60.10 26.93
CA PRO L 26 14.91 60.18 26.61
C PRO L 26 14.17 58.94 27.10
N PRO L 27 12.86 59.03 27.29
CA PRO L 27 12.10 57.84 27.68
C PRO L 27 12.29 56.72 26.68
N ASN L 28 12.20 55.48 27.18
CA ASN L 28 12.38 54.26 26.40
C ASN L 28 13.81 54.13 25.86
N SER L 29 14.76 54.81 26.49
CA SER L 29 16.18 54.64 26.20
C SER L 29 16.95 54.71 27.51
N PHE L 30 18.19 54.22 27.48
CA PHE L 30 18.98 54.14 28.70
C PHE L 30 20.46 54.29 28.35
N SER L 31 21.25 54.56 29.40
CA SER L 31 22.71 54.53 29.31
C SER L 31 23.23 53.91 30.60
N SER L 32 23.81 52.72 30.49
CA SER L 32 24.28 51.97 31.65
C SER L 32 25.70 52.32 32.05
N ALA L 33 26.36 53.23 31.32
CA ALA L 33 27.71 53.67 31.66
C ALA L 33 27.83 55.15 31.34
N GLY L 34 28.66 55.84 32.12
CA GLY L 34 28.89 57.24 31.90
C GLY L 34 29.69 57.49 30.63
N GLY L 35 29.65 58.75 30.18
CA GLY L 35 30.39 59.15 29.00
C GLY L 35 29.78 58.74 27.68
N GLN L 36 28.66 58.02 27.68
CA GLN L 36 27.93 57.75 26.45
C GLN L 36 27.40 59.06 25.88
N ARG L 37 27.48 59.22 24.56
CA ARG L 37 26.91 60.39 23.91
C ARG L 37 25.55 60.10 23.28
N THR L 38 25.15 58.84 23.16
CA THR L 38 23.82 58.50 22.69
C THR L 38 23.29 57.34 23.52
N CYS L 39 22.04 57.45 23.96
CA CYS L 39 21.43 56.42 24.79
C CYS L 39 21.00 55.22 23.97
N ASP L 40 21.06 54.04 24.58
CA ASP L 40 20.66 52.81 23.92
C ASP L 40 19.15 52.63 24.00
N ILE L 41 18.59 52.00 22.96
CA ILE L 41 17.17 51.73 22.92
C ILE L 41 16.83 50.65 23.95
N CYS L 42 15.79 50.90 24.75
CA CYS L 42 15.32 49.90 25.70
C CYS L 42 14.76 48.69 24.95
N ARG L 43 15.12 47.50 25.43
CA ARG L 43 14.52 46.28 24.90
C ARG L 43 13.02 46.28 25.18
N GLN L 44 12.24 45.83 24.20
CA GLN L 44 10.78 45.77 24.31
C GLN L 44 10.33 44.32 24.38
N CYS L 45 9.54 43.99 25.40
CA CYS L 45 9.07 42.62 25.63
C CYS L 45 7.62 42.53 25.20
N LYS L 46 7.40 42.17 23.94
CA LYS L 46 6.05 42.00 23.40
C LYS L 46 5.98 40.67 22.65
N GLY L 47 4.76 40.27 22.33
CA GLY L 47 4.52 39.01 21.65
C GLY L 47 4.83 37.82 22.53
N VAL L 48 5.82 37.02 22.13
CA VAL L 48 6.18 35.84 22.91
C VAL L 48 6.92 36.22 24.19
N PHE L 49 7.50 37.41 24.26
CA PHE L 49 8.19 37.86 25.46
C PHE L 49 7.25 38.67 26.35
N ARG L 50 7.61 38.74 27.63
CA ARG L 50 6.84 39.46 28.63
C ARG L 50 7.79 40.26 29.51
N THR L 51 7.37 41.45 29.92
CA THR L 51 8.22 42.33 30.70
C THR L 51 8.32 41.84 32.14
N ARG L 52 9.54 41.54 32.58
CA ARG L 52 9.81 41.21 33.98
C ARG L 52 10.39 42.39 34.75
N LYS L 53 11.05 43.31 34.07
CA LYS L 53 11.59 44.51 34.69
C LYS L 53 11.54 45.63 33.66
N GLU L 54 10.78 46.68 33.96
CA GLU L 54 10.76 47.84 33.09
C GLU L 54 12.13 48.50 33.06
N CYS L 55 12.47 49.10 31.93
CA CYS L 55 13.77 49.73 31.81
C CYS L 55 13.79 51.07 32.54
N SER L 56 14.98 51.42 33.03
CA SER L 56 15.22 52.71 33.68
C SER L 56 16.22 53.48 32.85
N SER L 57 16.47 54.72 33.28
CA SER L 57 17.47 55.54 32.59
C SER L 57 18.87 54.93 32.66
N THR L 58 19.08 53.98 33.57
CA THR L 58 20.39 53.38 33.78
C THR L 58 20.49 51.91 33.44
N SER L 59 19.36 51.20 33.30
CA SER L 59 19.40 49.77 33.06
C SER L 59 18.35 49.38 32.03
N ASN L 60 18.72 48.45 31.16
CA ASN L 60 17.83 47.96 30.12
C ASN L 60 16.65 47.23 30.75
N ALA L 61 15.57 47.12 29.97
CA ALA L 61 14.46 46.28 30.39
C ALA L 61 14.88 44.82 30.33
N GLU L 62 14.22 44.00 31.15
CA GLU L 62 14.48 42.57 31.19
C GLU L 62 13.19 41.83 30.91
N CYS L 63 13.26 40.83 30.04
CA CYS L 63 12.09 40.06 29.65
C CYS L 63 12.20 38.63 30.15
N ASP L 64 11.03 38.01 30.30
CA ASP L 64 10.91 36.56 30.40
C ASP L 64 9.93 36.13 29.31
N CYS L 65 9.51 34.87 29.32
CA CYS L 65 8.59 34.39 28.29
C CYS L 65 7.15 34.41 28.82
N THR L 66 6.22 34.75 27.95
CA THR L 66 4.81 34.69 28.28
C THR L 66 4.42 33.25 28.63
N PRO L 67 3.40 33.05 29.46
CA PRO L 67 2.97 31.69 29.79
C PRO L 67 2.71 30.86 28.55
N GLY L 68 3.17 29.61 28.58
CA GLY L 68 3.15 28.75 27.41
C GLY L 68 4.47 28.65 26.69
N PHE L 69 5.45 29.47 27.05
CA PHE L 69 6.79 29.45 26.48
C PHE L 69 7.81 29.46 27.62
N HIS L 70 9.04 29.01 27.31
CA HIS L 70 10.10 28.97 28.30
C HIS L 70 11.36 29.64 27.76
N CYS L 71 12.19 30.13 28.67
CA CYS L 71 13.34 30.95 28.31
C CYS L 71 14.53 30.10 27.92
N LEU L 72 15.28 30.57 26.92
CA LEU L 72 16.60 30.04 26.59
C LEU L 72 17.54 31.21 26.32
N GLY L 73 18.81 31.01 26.62
CA GLY L 73 19.83 32.01 26.35
C GLY L 73 19.96 33.04 27.46
N ALA L 74 21.11 33.70 27.49
CA ALA L 74 21.40 34.68 28.51
C ALA L 74 20.39 35.83 28.45
N GLY L 75 19.92 36.25 29.62
CA GLY L 75 18.92 37.30 29.70
C GLY L 75 17.58 36.94 29.09
N CYS L 76 17.29 35.64 28.95
CA CYS L 76 16.09 35.15 28.26
C CYS L 76 15.96 35.81 26.89
N SER L 77 16.97 35.56 26.06
CA SER L 77 17.01 36.12 24.71
C SER L 77 16.15 35.35 23.71
N MET L 78 15.73 34.14 24.05
CA MET L 78 14.93 33.29 23.17
C MET L 78 13.79 32.67 23.96
N CYS L 79 12.67 32.43 23.26
CA CYS L 79 11.53 31.76 23.85
C CYS L 79 11.15 30.57 22.98
N GLU L 80 11.03 29.40 23.60
CA GLU L 80 10.62 28.18 22.93
C GLU L 80 9.28 27.73 23.51
N GLN L 81 8.41 27.22 22.64
CA GLN L 81 7.05 26.87 23.08
C GLN L 81 7.09 25.68 24.02
N ASP L 82 6.29 25.75 25.09
CA ASP L 82 6.13 24.59 25.95
C ASP L 82 5.33 23.52 25.24
N CYS L 83 5.49 22.29 25.71
CA CYS L 83 4.56 21.20 25.45
C CYS L 83 4.11 20.64 26.79
N LYS L 84 3.07 19.82 26.76
CA LYS L 84 2.65 19.17 27.98
C LYS L 84 3.62 18.04 28.32
N GLN L 85 3.59 17.62 29.59
CA GLN L 85 4.31 16.42 29.97
C GLN L 85 3.86 15.26 29.10
N GLY L 86 4.78 14.35 28.81
CA GLY L 86 4.49 13.28 27.88
C GLY L 86 4.52 13.67 26.42
N GLN L 87 5.06 14.84 26.10
CA GLN L 87 5.16 15.31 24.72
C GLN L 87 6.54 15.92 24.49
N GLU L 88 6.84 16.19 23.23
CA GLU L 88 8.02 16.96 22.87
C GLU L 88 7.69 17.84 21.67
N LEU L 89 8.42 18.94 21.55
CA LEU L 89 8.17 19.92 20.51
C LEU L 89 8.79 19.50 19.18
N THR L 90 8.01 19.59 18.12
CA THR L 90 8.50 19.42 16.76
C THR L 90 8.10 20.64 15.93
N LYS L 91 8.64 20.72 14.72
CA LYS L 91 8.26 21.82 13.82
C LYS L 91 6.77 21.76 13.49
N LYS L 92 6.17 20.58 13.55
CA LYS L 92 4.74 20.41 13.31
C LYS L 92 3.90 20.59 14.57
N GLY L 93 4.51 20.97 15.68
CA GLY L 93 3.81 21.13 16.95
C GLY L 93 4.22 20.08 17.95
N CYS L 94 3.49 20.07 19.07
CA CYS L 94 3.75 19.12 20.14
C CYS L 94 3.28 17.73 19.73
N LYS L 95 4.08 16.72 20.08
CA LYS L 95 3.83 15.34 19.67
C LYS L 95 4.08 14.43 20.86
N ASP L 96 3.17 13.48 21.08
CA ASP L 96 3.25 12.59 22.24
C ASP L 96 4.52 11.74 22.19
N CYS L 97 5.01 11.39 23.38
CA CYS L 97 6.12 10.45 23.47
C CYS L 97 5.70 9.08 22.96
N CYS L 98 6.65 8.34 22.41
CA CYS L 98 6.41 6.98 22.00
C CYS L 98 6.37 6.06 23.22
N PHE L 99 5.71 4.92 23.05
CA PHE L 99 5.64 3.95 24.14
C PHE L 99 7.05 3.54 24.56
N GLY L 100 7.25 3.43 25.88
CA GLY L 100 8.56 3.15 26.43
C GLY L 100 9.40 4.38 26.70
N THR L 101 8.98 5.55 26.25
CA THR L 101 9.67 6.80 26.51
C THR L 101 8.75 7.76 27.26
N PHE L 102 9.34 8.77 27.88
CA PHE L 102 8.59 9.70 28.69
C PHE L 102 9.25 11.07 28.67
N ASN L 103 8.50 12.08 29.10
CA ASN L 103 9.06 13.41 29.34
C ASN L 103 8.31 14.01 30.52
N ASP L 104 9.00 14.19 31.64
CA ASP L 104 8.40 14.73 32.85
C ASP L 104 8.46 16.25 32.91
N GLN L 105 8.87 16.89 31.82
CA GLN L 105 8.98 18.35 31.78
C GLN L 105 8.14 18.90 30.65
N LYS L 106 7.88 20.19 30.72
CA LYS L 106 7.15 20.91 29.70
C LYS L 106 8.07 21.44 28.60
N ARG L 107 9.32 21.01 28.60
CA ARG L 107 10.30 21.33 27.57
C ARG L 107 11.13 20.09 27.31
N GLY L 108 11.98 20.16 26.29
CA GLY L 108 12.89 19.07 26.00
C GLY L 108 12.25 17.96 25.17
N ILE L 109 12.92 16.81 25.18
CA ILE L 109 12.55 15.67 24.35
C ILE L 109 12.24 14.47 25.25
N CYS L 110 11.68 13.44 24.64
CA CYS L 110 11.34 12.22 25.36
C CYS L 110 12.59 11.38 25.60
N ARG L 111 12.58 10.65 26.70
CA ARG L 111 13.69 9.78 27.09
C ARG L 111 13.17 8.40 27.45
N PRO L 112 13.95 7.35 27.20
CA PRO L 112 13.48 6.00 27.52
C PRO L 112 13.27 5.80 29.00
N TRP L 113 12.32 4.93 29.34
CA TRP L 113 12.08 4.56 30.72
C TRP L 113 13.34 3.97 31.35
N THR L 114 13.49 4.17 32.65
CA THR L 114 14.53 3.47 33.39
C THR L 114 14.25 1.98 33.37
N ASN L 115 15.25 1.19 32.97
CA ASN L 115 15.16 -0.26 32.98
C ASN L 115 15.55 -0.75 34.37
N CYS L 116 14.56 -1.17 35.16
CA CYS L 116 14.86 -1.64 36.50
C CYS L 116 15.69 -2.92 36.50
N SER L 117 15.63 -3.71 35.43
CA SER L 117 16.50 -4.88 35.31
C SER L 117 17.96 -4.51 35.11
N LEU L 118 18.26 -3.22 34.93
CA LEU L 118 19.60 -2.71 34.67
C LEU L 118 20.35 -3.54 33.64
N LYS L 121 15.52 -3.32 41.61
CA LYS L 121 15.59 -4.02 40.32
C LYS L 121 14.21 -4.43 39.83
N SER L 122 13.25 -4.43 40.74
CA SER L 122 11.86 -4.68 40.39
C SER L 122 11.16 -3.36 40.07
N VAL L 123 9.93 -3.47 39.58
CA VAL L 123 9.13 -2.30 39.19
C VAL L 123 8.03 -2.11 40.21
N LEU L 124 8.01 -0.94 40.85
CA LEU L 124 6.96 -0.59 41.81
C LEU L 124 5.82 0.19 41.19
N VAL L 125 6.14 1.18 40.35
CA VAL L 125 5.14 1.93 39.60
C VAL L 125 5.48 1.82 38.12
N ASN L 126 4.51 1.41 37.31
CA ASN L 126 4.71 1.35 35.88
C ASN L 126 4.86 2.75 35.30
N GLY L 127 5.68 2.86 34.27
CA GLY L 127 5.89 4.16 33.64
C GLY L 127 4.69 4.60 32.82
N THR L 128 4.63 5.91 32.61
CA THR L 128 3.66 6.53 31.71
C THR L 128 4.44 7.40 30.73
N LYS L 129 3.71 8.10 29.85
CA LYS L 129 4.40 9.05 28.99
C LYS L 129 4.85 10.28 29.76
N GLU L 130 4.25 10.55 30.92
CA GLU L 130 4.60 11.71 31.73
C GLU L 130 5.58 11.40 32.85
N ARG L 131 5.75 10.14 33.23
CA ARG L 131 6.51 9.80 34.43
C ARG L 131 7.33 8.55 34.19
N ASP L 132 8.56 8.55 34.71
CA ASP L 132 9.45 7.41 34.61
C ASP L 132 8.95 6.25 35.47
N VAL L 133 9.47 5.06 35.17
CA VAL L 133 9.22 3.91 36.03
C VAL L 133 9.85 4.15 37.39
N VAL L 134 9.18 3.68 38.44
CA VAL L 134 9.71 3.74 39.81
C VAL L 134 10.17 2.33 40.17
N CYS L 135 11.48 2.15 40.29
CA CYS L 135 12.03 0.87 40.69
C CYS L 135 11.96 0.70 42.20
#